data_1UNA
# 
_entry.id   1UNA 
# 
_audit_conform.dict_name       mmcif_pdbx.dic 
_audit_conform.dict_version    5.392 
_audit_conform.dict_location   http://mmcif.pdb.org/dictionaries/ascii/mmcif_pdbx.dic 
# 
loop_
_database_2.database_id 
_database_2.database_code 
_database_2.pdbx_database_accession 
_database_2.pdbx_DOI 
PDB   1UNA         pdb_00001una 10.2210/pdb1una/pdb 
WWPDB D_1000176957 ?            ?                   
# 
loop_
_pdbx_audit_revision_history.ordinal 
_pdbx_audit_revision_history.data_content_type 
_pdbx_audit_revision_history.major_revision 
_pdbx_audit_revision_history.minor_revision 
_pdbx_audit_revision_history.revision_date 
1 'Structure model' 1 0 1996-11-08 
2 'Structure model' 1 1 2008-03-24 
3 'Structure model' 1 2 2011-07-13 
4 'Structure model' 1 3 2023-08-09 
5 'Structure model' 1 4 2024-05-22 
# 
_pdbx_audit_revision_details.ordinal             1 
_pdbx_audit_revision_details.revision_ordinal    1 
_pdbx_audit_revision_details.data_content_type   'Structure model' 
_pdbx_audit_revision_details.provider            repository 
_pdbx_audit_revision_details.type                'Initial release' 
_pdbx_audit_revision_details.description         ? 
_pdbx_audit_revision_details.details             ? 
# 
loop_
_pdbx_audit_revision_group.ordinal 
_pdbx_audit_revision_group.revision_ordinal 
_pdbx_audit_revision_group.data_content_type 
_pdbx_audit_revision_group.group 
1 2 'Structure model' 'Version format compliance' 
2 3 'Structure model' 'Version format compliance' 
3 4 'Structure model' 'Database references'       
4 4 'Structure model' Other                       
5 4 'Structure model' 'Refinement description'    
6 5 'Structure model' 'Data collection'           
# 
loop_
_pdbx_audit_revision_category.ordinal 
_pdbx_audit_revision_category.revision_ordinal 
_pdbx_audit_revision_category.data_content_type 
_pdbx_audit_revision_category.category 
1 4 'Structure model' database_2                    
2 4 'Structure model' pdbx_database_status          
3 4 'Structure model' pdbx_initial_refinement_model 
4 4 'Structure model' struct_ref_seq_dif            
5 5 'Structure model' chem_comp_atom                
6 5 'Structure model' chem_comp_bond                
# 
loop_
_pdbx_audit_revision_item.ordinal 
_pdbx_audit_revision_item.revision_ordinal 
_pdbx_audit_revision_item.data_content_type 
_pdbx_audit_revision_item.item 
1 4 'Structure model' '_database_2.pdbx_DOI'                
2 4 'Structure model' '_database_2.pdbx_database_accession' 
3 4 'Structure model' '_pdbx_database_status.process_site'  
4 4 'Structure model' '_struct_ref_seq_dif.details'         
# 
_pdbx_database_status.status_code                     REL 
_pdbx_database_status.entry_id                        1UNA 
_pdbx_database_status.recvd_initial_deposition_date   1996-04-25 
_pdbx_database_status.deposit_site                    ? 
_pdbx_database_status.process_site                    BNL 
_pdbx_database_status.SG_entry                        . 
_pdbx_database_status.pdb_format_compatible           Y 
_pdbx_database_status.status_code_mr                  ? 
_pdbx_database_status.status_code_sf                  ? 
_pdbx_database_status.status_code_cs                  ? 
_pdbx_database_status.status_code_nmr_data            ? 
_pdbx_database_status.methods_development_category    ? 
# 
loop_
_audit_author.name 
_audit_author.pdbx_ordinal 
'Ni, C.-Z.' 1 
'Ely, K.R.' 2 
# 
_citation.id                        primary 
_citation.title                     
'Crystal structure of the coat protein from the GA bacteriophage: model of the unassembled dimer.' 
_citation.journal_abbrev            'Protein Sci.' 
_citation.journal_volume            5 
_citation.page_first                2485 
_citation.page_last                 2493 
_citation.year                      1996 
_citation.journal_id_ASTM           PRCIEI 
_citation.country                   US 
_citation.journal_id_ISSN           0961-8368 
_citation.journal_id_CSD            0795 
_citation.book_publisher            ? 
_citation.pdbx_database_id_PubMed   8976557 
_citation.pdbx_database_id_DOI      ? 
# 
loop_
_citation_author.citation_id 
_citation_author.name 
_citation_author.ordinal 
_citation_author.identifier_ORCID 
primary 'Ni, C.Z.'        1 ? 
primary 'White, C.A.'     2 ? 
primary 'Mitchell, R.S.'  3 ? 
primary 'Wickersham, J.'  4 ? 
primary 'Kodandapani, R.' 5 ? 
primary 'Peabody, D.S.'   6 ? 
primary 'Ely, K.R.'       7 ? 
# 
_entity.id                         1 
_entity.type                       polymer 
_entity.src_method                 man 
_entity.pdbx_description           'GA UNASSEMBLED COAT PROTEIN DIMER' 
_entity.formula_weight             13646.364 
_entity.pdbx_number_of_molecules   2 
_entity.pdbx_ec                    ? 
_entity.pdbx_mutation              ? 
_entity.pdbx_fragment              ? 
_entity.details                    
'THIS BACTERIOPHAGE COAT PROTEIN WAS CRYSTALLIZED AS AN UNASSEMBLED DIMER. IT DID NOT FORM VIRAL CAPSIDS.' 
# 
_entity_name_com.entity_id   1 
_entity_name_com.name        'TRANSLATIONAL REPRESSOR' 
# 
_entity_poly.entity_id                      1 
_entity_poly.type                           'polypeptide(L)' 
_entity_poly.nstd_linkage                   no 
_entity_poly.nstd_monomer                   no 
_entity_poly.pdbx_seq_one_letter_code       
;ATLHSFVLVDNGGTGNVTVVPVSNANGVAEWLSNNSRSQAYRVTASYRASGADKRKYTIKLEVPKIVTQVVNGVELPVSA
WKAYASIDLTIPIFAATDDVTVISKSLTGLFKVGNPIAEAISSQSGFYA
;
_entity_poly.pdbx_seq_one_letter_code_can   
;ATLHSFVLVDNGGTGNVTVVPVSNANGVAEWLSNNSRSQAYRVTASYRASGADKRKYTIKLEVPKIVTQVVNGVELPVSA
WKAYASIDLTIPIFAATDDVTVISKSLTGLFKVGNPIAEAISSQSGFYA
;
_entity_poly.pdbx_strand_id                 A,B 
_entity_poly.pdbx_target_identifier         ? 
# 
loop_
_entity_poly_seq.entity_id 
_entity_poly_seq.num 
_entity_poly_seq.mon_id 
_entity_poly_seq.hetero 
1 1   ALA n 
1 2   THR n 
1 3   LEU n 
1 4   HIS n 
1 5   SER n 
1 6   PHE n 
1 7   VAL n 
1 8   LEU n 
1 9   VAL n 
1 10  ASP n 
1 11  ASN n 
1 12  GLY n 
1 13  GLY n 
1 14  THR n 
1 15  GLY n 
1 16  ASN n 
1 17  VAL n 
1 18  THR n 
1 19  VAL n 
1 20  VAL n 
1 21  PRO n 
1 22  VAL n 
1 23  SER n 
1 24  ASN n 
1 25  ALA n 
1 26  ASN n 
1 27  GLY n 
1 28  VAL n 
1 29  ALA n 
1 30  GLU n 
1 31  TRP n 
1 32  LEU n 
1 33  SER n 
1 34  ASN n 
1 35  ASN n 
1 36  SER n 
1 37  ARG n 
1 38  SER n 
1 39  GLN n 
1 40  ALA n 
1 41  TYR n 
1 42  ARG n 
1 43  VAL n 
1 44  THR n 
1 45  ALA n 
1 46  SER n 
1 47  TYR n 
1 48  ARG n 
1 49  ALA n 
1 50  SER n 
1 51  GLY n 
1 52  ALA n 
1 53  ASP n 
1 54  LYS n 
1 55  ARG n 
1 56  LYS n 
1 57  TYR n 
1 58  THR n 
1 59  ILE n 
1 60  LYS n 
1 61  LEU n 
1 62  GLU n 
1 63  VAL n 
1 64  PRO n 
1 65  LYS n 
1 66  ILE n 
1 67  VAL n 
1 68  THR n 
1 69  GLN n 
1 70  VAL n 
1 71  VAL n 
1 72  ASN n 
1 73  GLY n 
1 74  VAL n 
1 75  GLU n 
1 76  LEU n 
1 77  PRO n 
1 78  VAL n 
1 79  SER n 
1 80  ALA n 
1 81  TRP n 
1 82  LYS n 
1 83  ALA n 
1 84  TYR n 
1 85  ALA n 
1 86  SER n 
1 87  ILE n 
1 88  ASP n 
1 89  LEU n 
1 90  THR n 
1 91  ILE n 
1 92  PRO n 
1 93  ILE n 
1 94  PHE n 
1 95  ALA n 
1 96  ALA n 
1 97  THR n 
1 98  ASP n 
1 99  ASP n 
1 100 VAL n 
1 101 THR n 
1 102 VAL n 
1 103 ILE n 
1 104 SER n 
1 105 LYS n 
1 106 SER n 
1 107 LEU n 
1 108 THR n 
1 109 GLY n 
1 110 LEU n 
1 111 PHE n 
1 112 LYS n 
1 113 VAL n 
1 114 GLY n 
1 115 ASN n 
1 116 PRO n 
1 117 ILE n 
1 118 ALA n 
1 119 GLU n 
1 120 ALA n 
1 121 ILE n 
1 122 SER n 
1 123 SER n 
1 124 GLN n 
1 125 SER n 
1 126 GLY n 
1 127 PHE n 
1 128 TYR n 
1 129 ALA n 
# 
_entity_src_gen.entity_id                          1 
_entity_src_gen.pdbx_src_id                        1 
_entity_src_gen.pdbx_alt_source_flag               sample 
_entity_src_gen.pdbx_seq_type                      ? 
_entity_src_gen.pdbx_beg_seq_num                   ? 
_entity_src_gen.pdbx_end_seq_num                   ? 
_entity_src_gen.gene_src_common_name               ? 
_entity_src_gen.gene_src_genus                     Levivirus 
_entity_src_gen.pdbx_gene_src_gene                 'GA COAT GENE' 
_entity_src_gen.gene_src_species                   'Enterobacteria phage BZ13' 
_entity_src_gen.gene_src_strain                    ? 
_entity_src_gen.gene_src_tissue                    ? 
_entity_src_gen.gene_src_tissue_fraction           ? 
_entity_src_gen.gene_src_details                   ? 
_entity_src_gen.pdbx_gene_src_fragment             ? 
_entity_src_gen.pdbx_gene_src_scientific_name      'Enterobacteria phage GA' 
_entity_src_gen.pdbx_gene_src_ncbi_taxonomy_id     12018 
_entity_src_gen.pdbx_gene_src_variant              ? 
_entity_src_gen.pdbx_gene_src_cell_line            ? 
_entity_src_gen.pdbx_gene_src_atcc                 ? 
_entity_src_gen.pdbx_gene_src_organ                ? 
_entity_src_gen.pdbx_gene_src_organelle            ? 
_entity_src_gen.pdbx_gene_src_cell                 ? 
_entity_src_gen.pdbx_gene_src_cellular_location    ? 
_entity_src_gen.host_org_common_name               ? 
_entity_src_gen.pdbx_host_org_scientific_name      'Escherichia coli' 
_entity_src_gen.pdbx_host_org_ncbi_taxonomy_id     562 
_entity_src_gen.host_org_genus                     Escherichia 
_entity_src_gen.pdbx_host_org_gene                 'GA COAT GENE' 
_entity_src_gen.pdbx_host_org_organ                ? 
_entity_src_gen.host_org_species                   ? 
_entity_src_gen.pdbx_host_org_tissue               ? 
_entity_src_gen.pdbx_host_org_tissue_fraction      ? 
_entity_src_gen.pdbx_host_org_strain               CSH41F- 
_entity_src_gen.pdbx_host_org_variant              ? 
_entity_src_gen.pdbx_host_org_cell_line            ? 
_entity_src_gen.pdbx_host_org_atcc                 ? 
_entity_src_gen.pdbx_host_org_culture_collection   ? 
_entity_src_gen.pdbx_host_org_cell                 ? 
_entity_src_gen.pdbx_host_org_organelle            ? 
_entity_src_gen.pdbx_host_org_cellular_location    ? 
_entity_src_gen.pdbx_host_org_vector_type          ? 
_entity_src_gen.pdbx_host_org_vector               ? 
_entity_src_gen.host_org_details                   ? 
_entity_src_gen.expression_system_id               ? 
_entity_src_gen.plasmid_name                       PUC118 
_entity_src_gen.plasmid_details                    ? 
_entity_src_gen.pdbx_description                   
;GA COAT SEQUENCE WAS CLONED FROM RNA ISOLATED FROM GA BACTERIOPHAGE PROVIDED BY DR. A. HIRASHIMA, KEIO UNIVERSITY. THE COAT GENE IN THIS DIFFERS AT FOUR SITES FROM THE WIDETYPE PUBLISHED SEQUENCE (INOKUCHI ET AL.,(1986) J. BIOCHEM. 99\: 1169)
;
# 
loop_
_chem_comp.id 
_chem_comp.type 
_chem_comp.mon_nstd_flag 
_chem_comp.name 
_chem_comp.pdbx_synonyms 
_chem_comp.formula 
_chem_comp.formula_weight 
ALA 'L-peptide linking' y ALANINE         ? 'C3 H7 N O2'     89.093  
ARG 'L-peptide linking' y ARGININE        ? 'C6 H15 N4 O2 1' 175.209 
ASN 'L-peptide linking' y ASPARAGINE      ? 'C4 H8 N2 O3'    132.118 
ASP 'L-peptide linking' y 'ASPARTIC ACID' ? 'C4 H7 N O4'     133.103 
GLN 'L-peptide linking' y GLUTAMINE       ? 'C5 H10 N2 O3'   146.144 
GLU 'L-peptide linking' y 'GLUTAMIC ACID' ? 'C5 H9 N O4'     147.129 
GLY 'peptide linking'   y GLYCINE         ? 'C2 H5 N O2'     75.067  
HIS 'L-peptide linking' y HISTIDINE       ? 'C6 H10 N3 O2 1' 156.162 
ILE 'L-peptide linking' y ISOLEUCINE      ? 'C6 H13 N O2'    131.173 
LEU 'L-peptide linking' y LEUCINE         ? 'C6 H13 N O2'    131.173 
LYS 'L-peptide linking' y LYSINE          ? 'C6 H15 N2 O2 1' 147.195 
PHE 'L-peptide linking' y PHENYLALANINE   ? 'C9 H11 N O2'    165.189 
PRO 'L-peptide linking' y PROLINE         ? 'C5 H9 N O2'     115.130 
SER 'L-peptide linking' y SERINE          ? 'C3 H7 N O3'     105.093 
THR 'L-peptide linking' y THREONINE       ? 'C4 H9 N O3'     119.119 
TRP 'L-peptide linking' y TRYPTOPHAN      ? 'C11 H12 N2 O2'  204.225 
TYR 'L-peptide linking' y TYROSINE        ? 'C9 H11 N O3'    181.189 
VAL 'L-peptide linking' y VALINE          ? 'C5 H11 N O2'    117.146 
# 
loop_
_pdbx_poly_seq_scheme.asym_id 
_pdbx_poly_seq_scheme.entity_id 
_pdbx_poly_seq_scheme.seq_id 
_pdbx_poly_seq_scheme.mon_id 
_pdbx_poly_seq_scheme.ndb_seq_num 
_pdbx_poly_seq_scheme.pdb_seq_num 
_pdbx_poly_seq_scheme.auth_seq_num 
_pdbx_poly_seq_scheme.pdb_mon_id 
_pdbx_poly_seq_scheme.auth_mon_id 
_pdbx_poly_seq_scheme.pdb_strand_id 
_pdbx_poly_seq_scheme.pdb_ins_code 
_pdbx_poly_seq_scheme.hetero 
A 1 1   ALA 1   2   2   ALA ALA A . n 
A 1 2   THR 2   3   3   THR THR A . n 
A 1 3   LEU 3   4   4   LEU LEU A . n 
A 1 4   HIS 4   5   5   HIS HIS A . n 
A 1 5   SER 5   6   6   SER SER A . n 
A 1 6   PHE 6   7   7   PHE PHE A . n 
A 1 7   VAL 7   8   8   VAL VAL A . n 
A 1 8   LEU 8   9   9   LEU LEU A . n 
A 1 9   VAL 9   10  10  VAL VAL A . n 
A 1 10  ASP 10  11  11  ASP ASP A . n 
A 1 11  ASN 11  12  12  ASN ASN A . n 
A 1 12  GLY 12  13  13  GLY GLY A . n 
A 1 13  GLY 13  14  14  GLY GLY A . n 
A 1 14  THR 14  15  15  THR THR A . n 
A 1 15  GLY 15  16  16  GLY GLY A . n 
A 1 16  ASN 16  17  17  ASN ASN A . n 
A 1 17  VAL 17  18  18  VAL VAL A . n 
A 1 18  THR 18  19  19  THR THR A . n 
A 1 19  VAL 19  20  20  VAL VAL A . n 
A 1 20  VAL 20  21  21  VAL VAL A . n 
A 1 21  PRO 21  22  22  PRO PRO A . n 
A 1 22  VAL 22  23  23  VAL VAL A . n 
A 1 23  SER 23  24  24  SER SER A . n 
A 1 24  ASN 24  25  25  ASN ASN A . n 
A 1 25  ALA 25  26  26  ALA ALA A . n 
A 1 26  ASN 26  27  27  ASN ASN A . n 
A 1 27  GLY 27  28  28  GLY GLY A . n 
A 1 28  VAL 28  29  29  VAL VAL A . n 
A 1 29  ALA 29  30  30  ALA ALA A . n 
A 1 30  GLU 30  31  31  GLU GLU A . n 
A 1 31  TRP 31  32  32  TRP TRP A . n 
A 1 32  LEU 32  33  33  LEU LEU A . n 
A 1 33  SER 33  34  34  SER SER A . n 
A 1 34  ASN 34  35  35  ASN ASN A . n 
A 1 35  ASN 35  36  36  ASN ASN A . n 
A 1 36  SER 36  37  37  SER SER A . n 
A 1 37  ARG 37  38  38  ARG ARG A . n 
A 1 38  SER 38  39  39  SER SER A . n 
A 1 39  GLN 39  40  40  GLN GLN A . n 
A 1 40  ALA 40  41  41  ALA ALA A . n 
A 1 41  TYR 41  42  42  TYR TYR A . n 
A 1 42  ARG 42  43  43  ARG ARG A . n 
A 1 43  VAL 43  44  44  VAL VAL A . n 
A 1 44  THR 44  45  45  THR THR A . n 
A 1 45  ALA 45  46  46  ALA ALA A . n 
A 1 46  SER 46  47  47  SER SER A . n 
A 1 47  TYR 47  48  48  TYR TYR A . n 
A 1 48  ARG 48  49  49  ARG ARG A . n 
A 1 49  ALA 49  50  50  ALA ALA A . n 
A 1 50  SER 50  51  51  SER SER A . n 
A 1 51  GLY 51  52  52  GLY GLY A . n 
A 1 52  ALA 52  53  53  ALA ALA A . n 
A 1 53  ASP 53  54  54  ASP ASP A . n 
A 1 54  LYS 54  55  55  LYS LYS A . n 
A 1 55  ARG 55  56  56  ARG ARG A . n 
A 1 56  LYS 56  57  57  LYS LYS A . n 
A 1 57  TYR 57  58  58  TYR TYR A . n 
A 1 58  THR 58  59  59  THR THR A . n 
A 1 59  ILE 59  60  60  ILE ILE A . n 
A 1 60  LYS 60  61  61  LYS LYS A . n 
A 1 61  LEU 61  62  62  LEU LEU A . n 
A 1 62  GLU 62  63  63  GLU GLU A . n 
A 1 63  VAL 63  64  64  VAL VAL A . n 
A 1 64  PRO 64  65  65  PRO PRO A . n 
A 1 65  LYS 65  66  66  LYS LYS A . n 
A 1 66  ILE 66  67  67  ILE ILE A . n 
A 1 67  VAL 67  68  68  VAL VAL A . n 
A 1 68  THR 68  69  ?   ?   ?   A . n 
A 1 69  GLN 69  70  ?   ?   ?   A . n 
A 1 70  VAL 70  71  ?   ?   ?   A . n 
A 1 71  VAL 71  72  ?   ?   ?   A . n 
A 1 72  ASN 72  73  ?   ?   ?   A . n 
A 1 73  GLY 73  74  ?   ?   ?   A . n 
A 1 74  VAL 74  75  ?   ?   ?   A . n 
A 1 75  GLU 75  76  76  GLU GLU A . n 
A 1 76  LEU 76  77  77  LEU LEU A . n 
A 1 77  PRO 77  78  78  PRO PRO A . n 
A 1 78  VAL 78  79  79  VAL VAL A . n 
A 1 79  SER 79  80  80  SER SER A . n 
A 1 80  ALA 80  81  81  ALA ALA A . n 
A 1 81  TRP 81  82  82  TRP TRP A . n 
A 1 82  LYS 82  83  83  LYS LYS A . n 
A 1 83  ALA 83  84  84  ALA ALA A . n 
A 1 84  TYR 84  85  85  TYR TYR A . n 
A 1 85  ALA 85  86  86  ALA ALA A . n 
A 1 86  SER 86  87  87  SER SER A . n 
A 1 87  ILE 87  88  88  ILE ILE A . n 
A 1 88  ASP 88  89  89  ASP ASP A . n 
A 1 89  LEU 89  90  90  LEU LEU A . n 
A 1 90  THR 90  91  91  THR THR A . n 
A 1 91  ILE 91  92  92  ILE ILE A . n 
A 1 92  PRO 92  93  93  PRO PRO A . n 
A 1 93  ILE 93  94  94  ILE ILE A . n 
A 1 94  PHE 94  95  95  PHE PHE A . n 
A 1 95  ALA 95  96  96  ALA ALA A . n 
A 1 96  ALA 96  97  97  ALA ALA A . n 
A 1 97  THR 97  98  98  THR THR A . n 
A 1 98  ASP 98  99  99  ASP ASP A . n 
A 1 99  ASP 99  100 100 ASP ASP A . n 
A 1 100 VAL 100 101 101 VAL VAL A . n 
A 1 101 THR 101 102 102 THR THR A . n 
A 1 102 VAL 102 103 103 VAL VAL A . n 
A 1 103 ILE 103 104 104 ILE ILE A . n 
A 1 104 SER 104 105 105 SER SER A . n 
A 1 105 LYS 105 106 106 LYS LYS A . n 
A 1 106 SER 106 107 107 SER SER A . n 
A 1 107 LEU 107 108 108 LEU LEU A . n 
A 1 108 THR 108 109 109 THR THR A . n 
A 1 109 GLY 109 110 110 GLY GLY A . n 
A 1 110 LEU 110 111 111 LEU LEU A . n 
A 1 111 PHE 111 112 112 PHE PHE A . n 
A 1 112 LYS 112 113 113 LYS LYS A . n 
A 1 113 VAL 113 114 114 VAL VAL A . n 
A 1 114 GLY 114 115 115 GLY GLY A . n 
A 1 115 ASN 115 116 116 ASN ASN A . n 
A 1 116 PRO 116 117 117 PRO PRO A . n 
A 1 117 ILE 117 118 118 ILE ILE A . n 
A 1 118 ALA 118 119 119 ALA ALA A . n 
A 1 119 GLU 119 120 120 GLU GLU A . n 
A 1 120 ALA 120 121 121 ALA ALA A . n 
A 1 121 ILE 121 122 122 ILE ILE A . n 
A 1 122 SER 122 123 123 SER SER A . n 
A 1 123 SER 123 124 124 SER SER A . n 
A 1 124 GLN 124 125 125 GLN GLN A . n 
A 1 125 SER 125 126 126 SER SER A . n 
A 1 126 GLY 126 127 127 GLY GLY A . n 
A 1 127 PHE 127 128 128 PHE PHE A . n 
A 1 128 TYR 128 129 129 TYR TYR A . n 
A 1 129 ALA 129 130 130 ALA ALA A . n 
B 1 1   ALA 1   2   2   ALA ALA B . n 
B 1 2   THR 2   3   3   THR THR B . n 
B 1 3   LEU 3   4   4   LEU LEU B . n 
B 1 4   HIS 4   5   5   HIS HIS B . n 
B 1 5   SER 5   6   6   SER SER B . n 
B 1 6   PHE 6   7   7   PHE PHE B . n 
B 1 7   VAL 7   8   8   VAL VAL B . n 
B 1 8   LEU 8   9   9   LEU LEU B . n 
B 1 9   VAL 9   10  10  VAL VAL B . n 
B 1 10  ASP 10  11  11  ASP ASP B . n 
B 1 11  ASN 11  12  12  ASN ASN B . n 
B 1 12  GLY 12  13  13  GLY GLY B . n 
B 1 13  GLY 13  14  14  GLY GLY B . n 
B 1 14  THR 14  15  15  THR THR B . n 
B 1 15  GLY 15  16  16  GLY GLY B . n 
B 1 16  ASN 16  17  17  ASN ASN B . n 
B 1 17  VAL 17  18  18  VAL VAL B . n 
B 1 18  THR 18  19  19  THR THR B . n 
B 1 19  VAL 19  20  20  VAL VAL B . n 
B 1 20  VAL 20  21  21  VAL VAL B . n 
B 1 21  PRO 21  22  22  PRO PRO B . n 
B 1 22  VAL 22  23  23  VAL VAL B . n 
B 1 23  SER 23  24  24  SER SER B . n 
B 1 24  ASN 24  25  25  ASN ASN B . n 
B 1 25  ALA 25  26  26  ALA ALA B . n 
B 1 26  ASN 26  27  27  ASN ASN B . n 
B 1 27  GLY 27  28  28  GLY GLY B . n 
B 1 28  VAL 28  29  29  VAL VAL B . n 
B 1 29  ALA 29  30  30  ALA ALA B . n 
B 1 30  GLU 30  31  31  GLU GLU B . n 
B 1 31  TRP 31  32  32  TRP TRP B . n 
B 1 32  LEU 32  33  33  LEU LEU B . n 
B 1 33  SER 33  34  34  SER SER B . n 
B 1 34  ASN 34  35  35  ASN ASN B . n 
B 1 35  ASN 35  36  36  ASN ASN B . n 
B 1 36  SER 36  37  37  SER SER B . n 
B 1 37  ARG 37  38  38  ARG ARG B . n 
B 1 38  SER 38  39  39  SER SER B . n 
B 1 39  GLN 39  40  40  GLN GLN B . n 
B 1 40  ALA 40  41  41  ALA ALA B . n 
B 1 41  TYR 41  42  42  TYR TYR B . n 
B 1 42  ARG 42  43  43  ARG ARG B . n 
B 1 43  VAL 43  44  44  VAL VAL B . n 
B 1 44  THR 44  45  45  THR THR B . n 
B 1 45  ALA 45  46  46  ALA ALA B . n 
B 1 46  SER 46  47  47  SER SER B . n 
B 1 47  TYR 47  48  48  TYR TYR B . n 
B 1 48  ARG 48  49  49  ARG ARG B . n 
B 1 49  ALA 49  50  50  ALA ALA B . n 
B 1 50  SER 50  51  51  SER SER B . n 
B 1 51  GLY 51  52  52  GLY GLY B . n 
B 1 52  ALA 52  53  53  ALA ALA B . n 
B 1 53  ASP 53  54  54  ASP ASP B . n 
B 1 54  LYS 54  55  55  LYS LYS B . n 
B 1 55  ARG 55  56  56  ARG ARG B . n 
B 1 56  LYS 56  57  57  LYS LYS B . n 
B 1 57  TYR 57  58  58  TYR TYR B . n 
B 1 58  THR 58  59  59  THR THR B . n 
B 1 59  ILE 59  60  60  ILE ILE B . n 
B 1 60  LYS 60  61  61  LYS LYS B . n 
B 1 61  LEU 61  62  62  LEU LEU B . n 
B 1 62  GLU 62  63  63  GLU GLU B . n 
B 1 63  VAL 63  64  64  VAL VAL B . n 
B 1 64  PRO 64  65  65  PRO PRO B . n 
B 1 65  LYS 65  66  66  LYS LYS B . n 
B 1 66  ILE 66  67  67  ILE ILE B . n 
B 1 67  VAL 67  68  68  VAL VAL B . n 
B 1 68  THR 68  69  ?   ?   ?   B . n 
B 1 69  GLN 69  70  ?   ?   ?   B . n 
B 1 70  VAL 70  71  ?   ?   ?   B . n 
B 1 71  VAL 71  72  ?   ?   ?   B . n 
B 1 72  ASN 72  73  ?   ?   ?   B . n 
B 1 73  GLY 73  74  ?   ?   ?   B . n 
B 1 74  VAL 74  75  ?   ?   ?   B . n 
B 1 75  GLU 75  76  76  GLU GLU B . n 
B 1 76  LEU 76  77  77  LEU LEU B . n 
B 1 77  PRO 77  78  78  PRO PRO B . n 
B 1 78  VAL 78  79  79  VAL VAL B . n 
B 1 79  SER 79  80  80  SER SER B . n 
B 1 80  ALA 80  81  81  ALA ALA B . n 
B 1 81  TRP 81  82  82  TRP TRP B . n 
B 1 82  LYS 82  83  83  LYS LYS B . n 
B 1 83  ALA 83  84  84  ALA ALA B . n 
B 1 84  TYR 84  85  85  TYR TYR B . n 
B 1 85  ALA 85  86  86  ALA ALA B . n 
B 1 86  SER 86  87  87  SER SER B . n 
B 1 87  ILE 87  88  88  ILE ILE B . n 
B 1 88  ASP 88  89  89  ASP ASP B . n 
B 1 89  LEU 89  90  90  LEU LEU B . n 
B 1 90  THR 90  91  91  THR THR B . n 
B 1 91  ILE 91  92  92  ILE ILE B . n 
B 1 92  PRO 92  93  93  PRO PRO B . n 
B 1 93  ILE 93  94  94  ILE ILE B . n 
B 1 94  PHE 94  95  95  PHE PHE B . n 
B 1 95  ALA 95  96  96  ALA ALA B . n 
B 1 96  ALA 96  97  97  ALA ALA B . n 
B 1 97  THR 97  98  98  THR THR B . n 
B 1 98  ASP 98  99  99  ASP ASP B . n 
B 1 99  ASP 99  100 100 ASP ASP B . n 
B 1 100 VAL 100 101 101 VAL VAL B . n 
B 1 101 THR 101 102 102 THR THR B . n 
B 1 102 VAL 102 103 103 VAL VAL B . n 
B 1 103 ILE 103 104 104 ILE ILE B . n 
B 1 104 SER 104 105 105 SER SER B . n 
B 1 105 LYS 105 106 106 LYS LYS B . n 
B 1 106 SER 106 107 107 SER SER B . n 
B 1 107 LEU 107 108 108 LEU LEU B . n 
B 1 108 THR 108 109 109 THR THR B . n 
B 1 109 GLY 109 110 110 GLY GLY B . n 
B 1 110 LEU 110 111 111 LEU LEU B . n 
B 1 111 PHE 111 112 112 PHE PHE B . n 
B 1 112 LYS 112 113 113 LYS LYS B . n 
B 1 113 VAL 113 114 114 VAL VAL B . n 
B 1 114 GLY 114 115 115 GLY GLY B . n 
B 1 115 ASN 115 116 116 ASN ASN B . n 
B 1 116 PRO 116 117 117 PRO PRO B . n 
B 1 117 ILE 117 118 118 ILE ILE B . n 
B 1 118 ALA 118 119 119 ALA ALA B . n 
B 1 119 GLU 119 120 120 GLU GLU B . n 
B 1 120 ALA 120 121 121 ALA ALA B . n 
B 1 121 ILE 121 122 122 ILE ILE B . n 
B 1 122 SER 122 123 123 SER SER B . n 
B 1 123 SER 123 124 124 SER SER B . n 
B 1 124 GLN 124 125 125 GLN GLN B . n 
B 1 125 SER 125 126 126 SER SER B . n 
B 1 126 GLY 126 127 127 GLY GLY B . n 
B 1 127 PHE 127 128 128 PHE PHE B . n 
B 1 128 TYR 128 129 129 TYR TYR B . n 
B 1 129 ALA 129 130 130 ALA ALA B . n 
# 
loop_
_software.name 
_software.classification 
_software.version 
_software.citation_id 
_software.pdbx_ordinal 
X-PLOR   'model building' .         ? 1 
PROLSQ   refinement       .         ? 2 
X-PLOR   refinement       .         ? 3 
XENGEN   'data reduction' '(HOWARD' ? 4 
NIELSEN  'data reduction' .         ? 5 
'XUONG)' 'data reduction' .         ? 6 
X-PLOR   phasing          .         ? 7 
# 
_cell.entry_id           1UNA 
_cell.length_a           59.300 
_cell.length_b           60.500 
_cell.length_c           67.100 
_cell.angle_alpha        90.00 
_cell.angle_beta         90.00 
_cell.angle_gamma        90.00 
_cell.Z_PDB              8 
_cell.pdbx_unique_axis   ? 
# 
_symmetry.entry_id                         1UNA 
_symmetry.space_group_name_H-M             'P 21 21 21' 
_symmetry.pdbx_full_space_group_name_H-M   ? 
_symmetry.cell_setting                     ? 
_symmetry.Int_Tables_number                19 
# 
_exptl.entry_id          1UNA 
_exptl.method            'X-RAY DIFFRACTION' 
_exptl.crystals_number   1 
# 
_exptl_crystal.id                    1 
_exptl_crystal.density_meas          ? 
_exptl_crystal.density_Matthews      2.20 
_exptl_crystal.density_percent_sol   46. 
_exptl_crystal.description           ? 
# 
_diffrn.id                     1 
_diffrn.ambient_temp           293 
_diffrn.ambient_temp_details   ? 
_diffrn.crystal_id             1 
# 
_diffrn_detector.diffrn_id              1 
_diffrn_detector.detector               'AREA DETECTOR' 
_diffrn_detector.type                   'XUONG-HAMLIN MULTIWIRE' 
_diffrn_detector.pdbx_collection_date   1993-12-03 
_diffrn_detector.details                ? 
# 
_diffrn_radiation.diffrn_id                        1 
_diffrn_radiation.wavelength_id                    1 
_diffrn_radiation.pdbx_monochromatic_or_laue_m_l   M 
_diffrn_radiation.monochromator                    'GRAPHITE(002)' 
_diffrn_radiation.pdbx_diffrn_protocol             ? 
_diffrn_radiation.pdbx_scattering_type             x-ray 
# 
_diffrn_radiation_wavelength.id           1 
_diffrn_radiation_wavelength.wavelength   1.5418 
_diffrn_radiation_wavelength.wt           1.0 
# 
_diffrn_source.diffrn_id                   1 
_diffrn_source.source                      'ROTATING ANODE' 
_diffrn_source.type                        'RIGAKU RUH2R' 
_diffrn_source.pdbx_synchrotron_site       ? 
_diffrn_source.pdbx_synchrotron_beamline   ? 
_diffrn_source.pdbx_wavelength             1.5418 
_diffrn_source.pdbx_wavelength_list        ? 
# 
_reflns.entry_id                     1UNA 
_reflns.observed_criterion_sigma_I   ? 
_reflns.observed_criterion_sigma_F   ? 
_reflns.d_resolution_low             55. 
_reflns.d_resolution_high            2.8 
_reflns.number_obs                   10793 
_reflns.number_all                   ? 
_reflns.percent_possible_obs         94. 
_reflns.pdbx_Rmerge_I_obs            0.0660000 
_reflns.pdbx_Rsym_value              ? 
_reflns.pdbx_netI_over_sigmaI        12.9 
_reflns.B_iso_Wilson_estimate        ? 
_reflns.pdbx_redundancy              3.0 
_reflns.pdbx_diffrn_id               1 
_reflns.pdbx_ordinal                 1 
# 
_reflns_shell.d_res_high             2.8 
_reflns_shell.d_res_low              3.0 
_reflns_shell.percent_possible_all   81. 
_reflns_shell.Rmerge_I_obs           0.1100000 
_reflns_shell.pdbx_Rsym_value        ? 
_reflns_shell.meanI_over_sigI_obs    5. 
_reflns_shell.pdbx_redundancy        2. 
_reflns_shell.pdbx_diffrn_id         ? 
_reflns_shell.pdbx_ordinal           1 
# 
_refine.entry_id                                 1UNA 
_refine.ls_number_reflns_obs                     5372 
_refine.ls_number_reflns_all                     ? 
_refine.pdbx_ls_sigma_I                          ? 
_refine.pdbx_ls_sigma_F                          2.0 
_refine.pdbx_data_cutoff_high_absF               ? 
_refine.pdbx_data_cutoff_low_absF                ? 
_refine.pdbx_data_cutoff_high_rms_absF           ? 
_refine.ls_d_res_low                             6.0 
_refine.ls_d_res_high                            2.8 
_refine.ls_percent_reflns_obs                    50. 
_refine.ls_R_factor_obs                          ? 
_refine.ls_R_factor_all                          ? 
_refine.ls_R_factor_R_work                       0.2040000 
_refine.ls_R_factor_R_free                       0.2840000 
_refine.ls_R_factor_R_free_error                 ? 
_refine.ls_R_factor_R_free_error_details         ? 
_refine.ls_percent_reflns_R_free                 10. 
_refine.ls_number_reflns_R_free                  ? 
_refine.ls_number_parameters                     ? 
_refine.ls_number_restraints                     ? 
_refine.occupancy_min                            ? 
_refine.occupancy_max                            ? 
_refine.B_iso_mean                               17.13 
_refine.aniso_B[1][1]                            ? 
_refine.aniso_B[2][2]                            ? 
_refine.aniso_B[3][3]                            ? 
_refine.aniso_B[1][2]                            ? 
_refine.aniso_B[1][3]                            ? 
_refine.aniso_B[2][3]                            ? 
_refine.solvent_model_details                    ? 
_refine.solvent_model_param_ksol                 ? 
_refine.solvent_model_param_bsol                 ? 
_refine.pdbx_ls_cross_valid_method               ? 
_refine.details                                  ? 
_refine.pdbx_starting_model                      'MS2 COAT PROTEIN DIMER (1MS2)' 
_refine.pdbx_method_to_determine_struct          'MOL. REPLACEMENT' 
_refine.pdbx_isotropic_thermal_model             ? 
_refine.pdbx_stereochemistry_target_values       ? 
_refine.pdbx_stereochem_target_val_spec_case     ? 
_refine.pdbx_R_Free_selection_details            ? 
_refine.pdbx_overall_ESU_R                       ? 
_refine.pdbx_overall_ESU_R_Free                  ? 
_refine.overall_SU_ML                            ? 
_refine.overall_SU_B                             ? 
_refine.pdbx_refine_id                           'X-RAY DIFFRACTION' 
_refine.pdbx_diffrn_id                           1 
_refine.pdbx_TLS_residual_ADP_flag               ? 
_refine.correlation_coeff_Fo_to_Fc               ? 
_refine.correlation_coeff_Fo_to_Fc_free          ? 
_refine.pdbx_solvent_vdw_probe_radii             ? 
_refine.pdbx_solvent_ion_probe_radii             ? 
_refine.pdbx_solvent_shrinkage_radii             ? 
_refine.pdbx_overall_phase_error                 ? 
_refine.overall_SU_R_Cruickshank_DPI             ? 
_refine.pdbx_overall_SU_R_free_Cruickshank_DPI   ? 
_refine.pdbx_overall_SU_R_Blow_DPI               ? 
_refine.pdbx_overall_SU_R_free_Blow_DPI          ? 
# 
_refine_hist.pdbx_refine_id                   'X-RAY DIFFRACTION' 
_refine_hist.cycle_id                         LAST 
_refine_hist.pdbx_number_atoms_protein        1928 
_refine_hist.pdbx_number_atoms_nucleic_acid   0 
_refine_hist.pdbx_number_atoms_ligand         0 
_refine_hist.number_atoms_solvent             0 
_refine_hist.number_atoms_total               1928 
_refine_hist.d_res_high                       2.8 
_refine_hist.d_res_low                        6.0 
# 
loop_
_refine_ls_restr.type 
_refine_ls_restr.dev_ideal 
_refine_ls_restr.dev_ideal_target 
_refine_ls_restr.weight 
_refine_ls_restr.number 
_refine_ls_restr.pdbx_refine_id 
_refine_ls_restr.pdbx_restraint_function 
p_bond_d            0.006  0.020 ? ? 'X-RAY DIFFRACTION' ? 
p_angle_d           0.031  0.045 ? ? 'X-RAY DIFFRACTION' ? 
p_angle_deg         ?      ?     ? ? 'X-RAY DIFFRACTION' ? 
p_planar_d          0.013  0.035 ? ? 'X-RAY DIFFRACTION' ? 
p_hb_or_metal_coord ?      ?     ? ? 'X-RAY DIFFRACTION' ? 
p_mcbond_it         6.958  1.750 ? ? 'X-RAY DIFFRACTION' ? 
p_mcangle_it        9.649  2.500 ? ? 'X-RAY DIFFRACTION' ? 
p_scbond_it         7.777  1.750 ? ? 'X-RAY DIFFRACTION' ? 
p_scangle_it        10.131 2.500 ? ? 'X-RAY DIFFRACTION' ? 
p_plane_restr       0.006  0.020 ? ? 'X-RAY DIFFRACTION' ? 
p_chiral_restr      ?      ?     ? ? 'X-RAY DIFFRACTION' ? 
p_singtor_nbd       0.192  0.300 ? ? 'X-RAY DIFFRACTION' ? 
p_multtor_nbd       0.211  0.300 ? ? 'X-RAY DIFFRACTION' ? 
p_xhyhbond_nbd      ?      ?     ? ? 'X-RAY DIFFRACTION' ? 
p_xyhbond_nbd       0.166  0.300 ? ? 'X-RAY DIFFRACTION' ? 
p_planar_tor        1.5    5.0   ? ? 'X-RAY DIFFRACTION' ? 
p_staggered_tor     22.5   20.0  ? ? 'X-RAY DIFFRACTION' ? 
p_orthonormal_tor   ?      ?     ? ? 'X-RAY DIFFRACTION' ? 
p_transverse_tor    19.1   20.0  ? ? 'X-RAY DIFFRACTION' ? 
p_special_tor       ?      ?     ? ? 'X-RAY DIFFRACTION' ? 
# 
_struct.entry_id                  1UNA 
_struct.title                     'UNASSEMBLED VIRUS COAT PROTEIN DIMER, BACTERIOPHAGE RNA-BINDING DIMER' 
_struct.pdbx_model_details        ? 
_struct.pdbx_CASP_flag            ? 
_struct.pdbx_model_type_details   ? 
# 
_struct_keywords.entry_id        1UNA 
_struct_keywords.pdbx_keywords   'VIRAL PROTEIN' 
_struct_keywords.text            
'UNASSEMBLED VIRUS COAT PROTEIN DIMER, BACTERIOPHAGE, RNA-BINDING DIMER, TRANSLATIONAL REPRESSOR, Viral protein' 
# 
loop_
_struct_asym.id 
_struct_asym.pdbx_blank_PDB_chainid_flag 
_struct_asym.pdbx_modified 
_struct_asym.entity_id 
_struct_asym.details 
A N N 1 ? 
B N N 1 ? 
# 
_struct_ref.id                         1 
_struct_ref.db_name                    UNP 
_struct_ref.db_code                    COAT_BPGA 
_struct_ref.entity_id                  1 
_struct_ref.pdbx_db_accession          P07234 
_struct_ref.pdbx_align_begin           1 
_struct_ref.pdbx_seq_one_letter_code   
;ATLRSFVLVDNGGTGNVTVVPVSNANGVAEWLSNNSRSQAYRVTASYRASGADKRKYAIKLEVPKIVTQVVNGVELPGSA
WKAYASIDLTIPIFAATDDVTVISKSLAGLFKVGNPIAEAISSQSGFYA
;
_struct_ref.pdbx_db_isoform            ? 
# 
loop_
_struct_ref_seq.align_id 
_struct_ref_seq.ref_id 
_struct_ref_seq.pdbx_PDB_id_code 
_struct_ref_seq.pdbx_strand_id 
_struct_ref_seq.seq_align_beg 
_struct_ref_seq.pdbx_seq_align_beg_ins_code 
_struct_ref_seq.seq_align_end 
_struct_ref_seq.pdbx_seq_align_end_ins_code 
_struct_ref_seq.pdbx_db_accession 
_struct_ref_seq.db_align_beg 
_struct_ref_seq.pdbx_db_align_beg_ins_code 
_struct_ref_seq.db_align_end 
_struct_ref_seq.pdbx_db_align_end_ins_code 
_struct_ref_seq.pdbx_auth_seq_align_beg 
_struct_ref_seq.pdbx_auth_seq_align_end 
1 1 1UNA A 1 ? 129 ? P07234 1 ? 129 ? 2 130 
2 1 1UNA B 1 ? 129 ? P07234 1 ? 129 ? 2 130 
# 
loop_
_struct_ref_seq_dif.align_id 
_struct_ref_seq_dif.pdbx_pdb_id_code 
_struct_ref_seq_dif.mon_id 
_struct_ref_seq_dif.pdbx_pdb_strand_id 
_struct_ref_seq_dif.seq_num 
_struct_ref_seq_dif.pdbx_pdb_ins_code 
_struct_ref_seq_dif.pdbx_seq_db_name 
_struct_ref_seq_dif.pdbx_seq_db_accession_code 
_struct_ref_seq_dif.db_mon_id 
_struct_ref_seq_dif.pdbx_seq_db_seq_num 
_struct_ref_seq_dif.details 
_struct_ref_seq_dif.pdbx_auth_seq_num 
_struct_ref_seq_dif.pdbx_ordinal 
1 1UNA HIS A 4   ? UNP P07234 ARG 4   conflict 5   1 
1 1UNA THR A 58  ? UNP P07234 ALA 58  conflict 59  2 
1 1UNA VAL A 78  ? UNP P07234 GLY 78  conflict 79  3 
1 1UNA THR A 108 ? UNP P07234 ALA 108 conflict 109 4 
2 1UNA HIS B 4   ? UNP P07234 ARG 4   conflict 5   5 
2 1UNA THR B 58  ? UNP P07234 ALA 58  conflict 59  6 
2 1UNA VAL B 78  ? UNP P07234 GLY 78  conflict 79  7 
2 1UNA THR B 108 ? UNP P07234 ALA 108 conflict 109 8 
# 
_pdbx_struct_assembly.id                   1 
_pdbx_struct_assembly.details              author_and_software_defined_assembly 
_pdbx_struct_assembly.method_details       PISA 
_pdbx_struct_assembly.oligomeric_details   dimeric 
_pdbx_struct_assembly.oligomeric_count     2 
# 
loop_
_pdbx_struct_assembly_prop.biol_id 
_pdbx_struct_assembly_prop.type 
_pdbx_struct_assembly_prop.value 
_pdbx_struct_assembly_prop.details 
1 'ABSA (A^2)' 6580  ? 
1 MORE         -50   ? 
1 'SSA (A^2)'  12130 ? 
# 
_pdbx_struct_assembly_gen.assembly_id       1 
_pdbx_struct_assembly_gen.oper_expression   1 
_pdbx_struct_assembly_gen.asym_id_list      A,B 
# 
_pdbx_struct_oper_list.id                   1 
_pdbx_struct_oper_list.type                 'identity operation' 
_pdbx_struct_oper_list.name                 1_555 
_pdbx_struct_oper_list.symmetry_operation   x,y,z 
_pdbx_struct_oper_list.matrix[1][1]         1.0000000000 
_pdbx_struct_oper_list.matrix[1][2]         0.0000000000 
_pdbx_struct_oper_list.matrix[1][3]         0.0000000000 
_pdbx_struct_oper_list.vector[1]            0.0000000000 
_pdbx_struct_oper_list.matrix[2][1]         0.0000000000 
_pdbx_struct_oper_list.matrix[2][2]         1.0000000000 
_pdbx_struct_oper_list.matrix[2][3]         0.0000000000 
_pdbx_struct_oper_list.vector[2]            0.0000000000 
_pdbx_struct_oper_list.matrix[3][1]         0.0000000000 
_pdbx_struct_oper_list.matrix[3][2]         0.0000000000 
_pdbx_struct_oper_list.matrix[3][3]         1.0000000000 
_pdbx_struct_oper_list.vector[3]            0.0000000000 
# 
_struct_biol.id   1 
# 
loop_
_struct_conf.conf_type_id 
_struct_conf.id 
_struct_conf.pdbx_PDB_helix_id 
_struct_conf.beg_label_comp_id 
_struct_conf.beg_label_asym_id 
_struct_conf.beg_label_seq_id 
_struct_conf.pdbx_beg_PDB_ins_code 
_struct_conf.end_label_comp_id 
_struct_conf.end_label_asym_id 
_struct_conf.end_label_seq_id 
_struct_conf.pdbx_end_PDB_ins_code 
_struct_conf.beg_auth_comp_id 
_struct_conf.beg_auth_asym_id 
_struct_conf.beg_auth_seq_id 
_struct_conf.end_auth_comp_id 
_struct_conf.end_auth_asym_id 
_struct_conf.end_auth_seq_id 
_struct_conf.pdbx_PDB_helix_class 
_struct_conf.details 
_struct_conf.pdbx_PDB_helix_length 
HELX_P HELX_P1 1 THR A 101 ? LYS A 112 ? THR A 102 LYS A 113 1 ? 12 
HELX_P HELX_P2 2 ASN A 115 ? GLN A 124 ? ASN A 116 GLN A 125 1 ? 10 
HELX_P HELX_P3 3 THR B 101 ? LYS B 112 ? THR B 102 LYS B 113 1 ? 12 
HELX_P HELX_P4 4 ASN B 115 ? GLN B 124 ? ASN B 116 GLN B 125 1 ? 10 
# 
_struct_conf_type.id          HELX_P 
_struct_conf_type.criteria    ? 
_struct_conf_type.reference   ? 
# 
_struct_sheet.id               A 
_struct_sheet.type             ? 
_struct_sheet.number_strands   14 
_struct_sheet.details          ? 
# 
loop_
_struct_sheet_order.sheet_id 
_struct_sheet_order.range_id_1 
_struct_sheet_order.range_id_2 
_struct_sheet_order.offset 
_struct_sheet_order.sense 
A 1  2  ? anti-parallel 
A 2  3  ? anti-parallel 
A 3  4  ? anti-parallel 
A 4  5  ? anti-parallel 
A 5  6  ? anti-parallel 
A 6  7  ? anti-parallel 
A 7  8  ? anti-parallel 
A 8  9  ? anti-parallel 
A 9  10 ? anti-parallel 
A 10 11 ? anti-parallel 
A 11 12 ? anti-parallel 
A 12 13 ? anti-parallel 
A 13 14 ? anti-parallel 
# 
loop_
_struct_sheet_range.sheet_id 
_struct_sheet_range.id 
_struct_sheet_range.beg_label_comp_id 
_struct_sheet_range.beg_label_asym_id 
_struct_sheet_range.beg_label_seq_id 
_struct_sheet_range.pdbx_beg_PDB_ins_code 
_struct_sheet_range.end_label_comp_id 
_struct_sheet_range.end_label_asym_id 
_struct_sheet_range.end_label_seq_id 
_struct_sheet_range.pdbx_end_PDB_ins_code 
_struct_sheet_range.beg_auth_comp_id 
_struct_sheet_range.beg_auth_asym_id 
_struct_sheet_range.beg_auth_seq_id 
_struct_sheet_range.end_auth_comp_id 
_struct_sheet_range.end_auth_asym_id 
_struct_sheet_range.end_auth_seq_id 
A 1  SER A 5  ? VAL A 9  ? SER A 6  VAL A 10 
A 2  VAL A 17 ? VAL A 20 ? VAL A 18 VAL A 21 
A 3  VAL A 22 ? ASN A 24 ? VAL A 23 ASN A 25 
A 4  ALA A 29 ? SER A 33 ? ALA A 30 SER A 34 
A 5  TYR A 41 ? ARG A 48 ? TYR A 42 ARG A 49 
A 6  ARG A 55 ? VAL A 63 ? ARG A 56 VAL A 64 
A 7  ALA A 83 ? ILE A 91 ? ALA A 84 ILE A 92 
A 8  SER B 5  ? VAL B 9  ? SER B 6  VAL B 10 
A 9  VAL B 17 ? VAL B 20 ? VAL B 18 VAL B 21 
A 10 VAL B 22 ? ASN B 24 ? VAL B 23 ASN B 25 
A 11 ALA B 29 ? SER B 33 ? ALA B 30 SER B 34 
A 12 TYR B 41 ? ARG B 48 ? TYR B 42 ARG B 49 
A 13 ARG B 55 ? VAL B 63 ? ARG B 56 VAL B 64 
A 14 ALA B 83 ? ILE B 91 ? ALA B 84 ILE B 92 
# 
_pdbx_validate_symm_contact.id                1 
_pdbx_validate_symm_contact.PDB_model_num     1 
_pdbx_validate_symm_contact.auth_atom_id_1    NH2 
_pdbx_validate_symm_contact.auth_asym_id_1    B 
_pdbx_validate_symm_contact.auth_comp_id_1    ARG 
_pdbx_validate_symm_contact.auth_seq_id_1     38 
_pdbx_validate_symm_contact.PDB_ins_code_1    ? 
_pdbx_validate_symm_contact.label_alt_id_1    ? 
_pdbx_validate_symm_contact.site_symmetry_1   1_555 
_pdbx_validate_symm_contact.auth_atom_id_2    OE1 
_pdbx_validate_symm_contact.auth_asym_id_2    B 
_pdbx_validate_symm_contact.auth_comp_id_2    GLN 
_pdbx_validate_symm_contact.auth_seq_id_2     125 
_pdbx_validate_symm_contact.PDB_ins_code_2    ? 
_pdbx_validate_symm_contact.label_alt_id_2    ? 
_pdbx_validate_symm_contact.site_symmetry_2   4_4511 
_pdbx_validate_symm_contact.dist              2.00 
# 
loop_
_pdbx_validate_rmsd_angle.id 
_pdbx_validate_rmsd_angle.PDB_model_num 
_pdbx_validate_rmsd_angle.auth_atom_id_1 
_pdbx_validate_rmsd_angle.auth_asym_id_1 
_pdbx_validate_rmsd_angle.auth_comp_id_1 
_pdbx_validate_rmsd_angle.auth_seq_id_1 
_pdbx_validate_rmsd_angle.PDB_ins_code_1 
_pdbx_validate_rmsd_angle.label_alt_id_1 
_pdbx_validate_rmsd_angle.auth_atom_id_2 
_pdbx_validate_rmsd_angle.auth_asym_id_2 
_pdbx_validate_rmsd_angle.auth_comp_id_2 
_pdbx_validate_rmsd_angle.auth_seq_id_2 
_pdbx_validate_rmsd_angle.PDB_ins_code_2 
_pdbx_validate_rmsd_angle.label_alt_id_2 
_pdbx_validate_rmsd_angle.auth_atom_id_3 
_pdbx_validate_rmsd_angle.auth_asym_id_3 
_pdbx_validate_rmsd_angle.auth_comp_id_3 
_pdbx_validate_rmsd_angle.auth_seq_id_3 
_pdbx_validate_rmsd_angle.PDB_ins_code_3 
_pdbx_validate_rmsd_angle.label_alt_id_3 
_pdbx_validate_rmsd_angle.angle_value 
_pdbx_validate_rmsd_angle.angle_target_value 
_pdbx_validate_rmsd_angle.angle_deviation 
_pdbx_validate_rmsd_angle.angle_standard_deviation 
_pdbx_validate_rmsd_angle.linker_flag 
1 1 CA B HIS 5  ? ? CB B HIS 5  ? ? CG B HIS 5  ? ? 124.88 113.60 11.28 1.70 N 
2 1 CA B LEU 77 ? ? CB B LEU 77 ? ? CG B LEU 77 ? ? 136.36 115.30 21.06 2.30 N 
3 1 CA B TRP 82 ? ? CB B TRP 82 ? ? CG B TRP 82 ? ? 126.67 113.70 12.97 1.90 N 
# 
loop_
_pdbx_validate_torsion.id 
_pdbx_validate_torsion.PDB_model_num 
_pdbx_validate_torsion.auth_comp_id 
_pdbx_validate_torsion.auth_asym_id 
_pdbx_validate_torsion.auth_seq_id 
_pdbx_validate_torsion.PDB_ins_code 
_pdbx_validate_torsion.label_alt_id 
_pdbx_validate_torsion.phi 
_pdbx_validate_torsion.psi 
1  1 ASN A 25 ? ? -151.90 18.28  
2  1 ASN A 27 ? ? 29.48   49.61  
3  1 ARG A 38 ? ? -18.67  -70.97 
4  1 ILE A 67 ? ? -40.78  -87.72 
5  1 TRP A 82 ? ? -104.12 65.93  
6  1 ASN B 25 ? ? -155.35 32.23  
7  1 ALA B 26 ? ? -34.38  80.40  
8  1 ASN B 27 ? ? 41.41   23.09  
9  1 ARG B 38 ? ? -17.28  -66.10 
10 1 ILE B 67 ? ? -38.56  -11.84 
# 
loop_
_pdbx_unobs_or_zero_occ_residues.id 
_pdbx_unobs_or_zero_occ_residues.PDB_model_num 
_pdbx_unobs_or_zero_occ_residues.polymer_flag 
_pdbx_unobs_or_zero_occ_residues.occupancy_flag 
_pdbx_unobs_or_zero_occ_residues.auth_asym_id 
_pdbx_unobs_or_zero_occ_residues.auth_comp_id 
_pdbx_unobs_or_zero_occ_residues.auth_seq_id 
_pdbx_unobs_or_zero_occ_residues.PDB_ins_code 
_pdbx_unobs_or_zero_occ_residues.label_asym_id 
_pdbx_unobs_or_zero_occ_residues.label_comp_id 
_pdbx_unobs_or_zero_occ_residues.label_seq_id 
1  1 Y 1 A THR 69 ? A THR 68 
2  1 Y 1 A GLN 70 ? A GLN 69 
3  1 Y 1 A VAL 71 ? A VAL 70 
4  1 Y 1 A VAL 72 ? A VAL 71 
5  1 Y 1 A ASN 73 ? A ASN 72 
6  1 Y 1 A GLY 74 ? A GLY 73 
7  1 Y 1 A VAL 75 ? A VAL 74 
8  1 Y 1 B THR 69 ? B THR 68 
9  1 Y 1 B GLN 70 ? B GLN 69 
10 1 Y 1 B VAL 71 ? B VAL 70 
11 1 Y 1 B VAL 72 ? B VAL 71 
12 1 Y 1 B ASN 73 ? B ASN 72 
13 1 Y 1 B GLY 74 ? B GLY 73 
14 1 Y 1 B VAL 75 ? B VAL 74 
# 
loop_
_chem_comp_atom.comp_id 
_chem_comp_atom.atom_id 
_chem_comp_atom.type_symbol 
_chem_comp_atom.pdbx_aromatic_flag 
_chem_comp_atom.pdbx_stereo_config 
_chem_comp_atom.pdbx_ordinal 
ALA N    N N N 1   
ALA CA   C N S 2   
ALA C    C N N 3   
ALA O    O N N 4   
ALA CB   C N N 5   
ALA OXT  O N N 6   
ALA H    H N N 7   
ALA H2   H N N 8   
ALA HA   H N N 9   
ALA HB1  H N N 10  
ALA HB2  H N N 11  
ALA HB3  H N N 12  
ALA HXT  H N N 13  
ARG N    N N N 14  
ARG CA   C N S 15  
ARG C    C N N 16  
ARG O    O N N 17  
ARG CB   C N N 18  
ARG CG   C N N 19  
ARG CD   C N N 20  
ARG NE   N N N 21  
ARG CZ   C N N 22  
ARG NH1  N N N 23  
ARG NH2  N N N 24  
ARG OXT  O N N 25  
ARG H    H N N 26  
ARG H2   H N N 27  
ARG HA   H N N 28  
ARG HB2  H N N 29  
ARG HB3  H N N 30  
ARG HG2  H N N 31  
ARG HG3  H N N 32  
ARG HD2  H N N 33  
ARG HD3  H N N 34  
ARG HE   H N N 35  
ARG HH11 H N N 36  
ARG HH12 H N N 37  
ARG HH21 H N N 38  
ARG HH22 H N N 39  
ARG HXT  H N N 40  
ASN N    N N N 41  
ASN CA   C N S 42  
ASN C    C N N 43  
ASN O    O N N 44  
ASN CB   C N N 45  
ASN CG   C N N 46  
ASN OD1  O N N 47  
ASN ND2  N N N 48  
ASN OXT  O N N 49  
ASN H    H N N 50  
ASN H2   H N N 51  
ASN HA   H N N 52  
ASN HB2  H N N 53  
ASN HB3  H N N 54  
ASN HD21 H N N 55  
ASN HD22 H N N 56  
ASN HXT  H N N 57  
ASP N    N N N 58  
ASP CA   C N S 59  
ASP C    C N N 60  
ASP O    O N N 61  
ASP CB   C N N 62  
ASP CG   C N N 63  
ASP OD1  O N N 64  
ASP OD2  O N N 65  
ASP OXT  O N N 66  
ASP H    H N N 67  
ASP H2   H N N 68  
ASP HA   H N N 69  
ASP HB2  H N N 70  
ASP HB3  H N N 71  
ASP HD2  H N N 72  
ASP HXT  H N N 73  
GLN N    N N N 74  
GLN CA   C N S 75  
GLN C    C N N 76  
GLN O    O N N 77  
GLN CB   C N N 78  
GLN CG   C N N 79  
GLN CD   C N N 80  
GLN OE1  O N N 81  
GLN NE2  N N N 82  
GLN OXT  O N N 83  
GLN H    H N N 84  
GLN H2   H N N 85  
GLN HA   H N N 86  
GLN HB2  H N N 87  
GLN HB3  H N N 88  
GLN HG2  H N N 89  
GLN HG3  H N N 90  
GLN HE21 H N N 91  
GLN HE22 H N N 92  
GLN HXT  H N N 93  
GLU N    N N N 94  
GLU CA   C N S 95  
GLU C    C N N 96  
GLU O    O N N 97  
GLU CB   C N N 98  
GLU CG   C N N 99  
GLU CD   C N N 100 
GLU OE1  O N N 101 
GLU OE2  O N N 102 
GLU OXT  O N N 103 
GLU H    H N N 104 
GLU H2   H N N 105 
GLU HA   H N N 106 
GLU HB2  H N N 107 
GLU HB3  H N N 108 
GLU HG2  H N N 109 
GLU HG3  H N N 110 
GLU HE2  H N N 111 
GLU HXT  H N N 112 
GLY N    N N N 113 
GLY CA   C N N 114 
GLY C    C N N 115 
GLY O    O N N 116 
GLY OXT  O N N 117 
GLY H    H N N 118 
GLY H2   H N N 119 
GLY HA2  H N N 120 
GLY HA3  H N N 121 
GLY HXT  H N N 122 
HIS N    N N N 123 
HIS CA   C N S 124 
HIS C    C N N 125 
HIS O    O N N 126 
HIS CB   C N N 127 
HIS CG   C Y N 128 
HIS ND1  N Y N 129 
HIS CD2  C Y N 130 
HIS CE1  C Y N 131 
HIS NE2  N Y N 132 
HIS OXT  O N N 133 
HIS H    H N N 134 
HIS H2   H N N 135 
HIS HA   H N N 136 
HIS HB2  H N N 137 
HIS HB3  H N N 138 
HIS HD1  H N N 139 
HIS HD2  H N N 140 
HIS HE1  H N N 141 
HIS HE2  H N N 142 
HIS HXT  H N N 143 
ILE N    N N N 144 
ILE CA   C N S 145 
ILE C    C N N 146 
ILE O    O N N 147 
ILE CB   C N S 148 
ILE CG1  C N N 149 
ILE CG2  C N N 150 
ILE CD1  C N N 151 
ILE OXT  O N N 152 
ILE H    H N N 153 
ILE H2   H N N 154 
ILE HA   H N N 155 
ILE HB   H N N 156 
ILE HG12 H N N 157 
ILE HG13 H N N 158 
ILE HG21 H N N 159 
ILE HG22 H N N 160 
ILE HG23 H N N 161 
ILE HD11 H N N 162 
ILE HD12 H N N 163 
ILE HD13 H N N 164 
ILE HXT  H N N 165 
LEU N    N N N 166 
LEU CA   C N S 167 
LEU C    C N N 168 
LEU O    O N N 169 
LEU CB   C N N 170 
LEU CG   C N N 171 
LEU CD1  C N N 172 
LEU CD2  C N N 173 
LEU OXT  O N N 174 
LEU H    H N N 175 
LEU H2   H N N 176 
LEU HA   H N N 177 
LEU HB2  H N N 178 
LEU HB3  H N N 179 
LEU HG   H N N 180 
LEU HD11 H N N 181 
LEU HD12 H N N 182 
LEU HD13 H N N 183 
LEU HD21 H N N 184 
LEU HD22 H N N 185 
LEU HD23 H N N 186 
LEU HXT  H N N 187 
LYS N    N N N 188 
LYS CA   C N S 189 
LYS C    C N N 190 
LYS O    O N N 191 
LYS CB   C N N 192 
LYS CG   C N N 193 
LYS CD   C N N 194 
LYS CE   C N N 195 
LYS NZ   N N N 196 
LYS OXT  O N N 197 
LYS H    H N N 198 
LYS H2   H N N 199 
LYS HA   H N N 200 
LYS HB2  H N N 201 
LYS HB3  H N N 202 
LYS HG2  H N N 203 
LYS HG3  H N N 204 
LYS HD2  H N N 205 
LYS HD3  H N N 206 
LYS HE2  H N N 207 
LYS HE3  H N N 208 
LYS HZ1  H N N 209 
LYS HZ2  H N N 210 
LYS HZ3  H N N 211 
LYS HXT  H N N 212 
PHE N    N N N 213 
PHE CA   C N S 214 
PHE C    C N N 215 
PHE O    O N N 216 
PHE CB   C N N 217 
PHE CG   C Y N 218 
PHE CD1  C Y N 219 
PHE CD2  C Y N 220 
PHE CE1  C Y N 221 
PHE CE2  C Y N 222 
PHE CZ   C Y N 223 
PHE OXT  O N N 224 
PHE H    H N N 225 
PHE H2   H N N 226 
PHE HA   H N N 227 
PHE HB2  H N N 228 
PHE HB3  H N N 229 
PHE HD1  H N N 230 
PHE HD2  H N N 231 
PHE HE1  H N N 232 
PHE HE2  H N N 233 
PHE HZ   H N N 234 
PHE HXT  H N N 235 
PRO N    N N N 236 
PRO CA   C N S 237 
PRO C    C N N 238 
PRO O    O N N 239 
PRO CB   C N N 240 
PRO CG   C N N 241 
PRO CD   C N N 242 
PRO OXT  O N N 243 
PRO H    H N N 244 
PRO HA   H N N 245 
PRO HB2  H N N 246 
PRO HB3  H N N 247 
PRO HG2  H N N 248 
PRO HG3  H N N 249 
PRO HD2  H N N 250 
PRO HD3  H N N 251 
PRO HXT  H N N 252 
SER N    N N N 253 
SER CA   C N S 254 
SER C    C N N 255 
SER O    O N N 256 
SER CB   C N N 257 
SER OG   O N N 258 
SER OXT  O N N 259 
SER H    H N N 260 
SER H2   H N N 261 
SER HA   H N N 262 
SER HB2  H N N 263 
SER HB3  H N N 264 
SER HG   H N N 265 
SER HXT  H N N 266 
THR N    N N N 267 
THR CA   C N S 268 
THR C    C N N 269 
THR O    O N N 270 
THR CB   C N R 271 
THR OG1  O N N 272 
THR CG2  C N N 273 
THR OXT  O N N 274 
THR H    H N N 275 
THR H2   H N N 276 
THR HA   H N N 277 
THR HB   H N N 278 
THR HG1  H N N 279 
THR HG21 H N N 280 
THR HG22 H N N 281 
THR HG23 H N N 282 
THR HXT  H N N 283 
TRP N    N N N 284 
TRP CA   C N S 285 
TRP C    C N N 286 
TRP O    O N N 287 
TRP CB   C N N 288 
TRP CG   C Y N 289 
TRP CD1  C Y N 290 
TRP CD2  C Y N 291 
TRP NE1  N Y N 292 
TRP CE2  C Y N 293 
TRP CE3  C Y N 294 
TRP CZ2  C Y N 295 
TRP CZ3  C Y N 296 
TRP CH2  C Y N 297 
TRP OXT  O N N 298 
TRP H    H N N 299 
TRP H2   H N N 300 
TRP HA   H N N 301 
TRP HB2  H N N 302 
TRP HB3  H N N 303 
TRP HD1  H N N 304 
TRP HE1  H N N 305 
TRP HE3  H N N 306 
TRP HZ2  H N N 307 
TRP HZ3  H N N 308 
TRP HH2  H N N 309 
TRP HXT  H N N 310 
TYR N    N N N 311 
TYR CA   C N S 312 
TYR C    C N N 313 
TYR O    O N N 314 
TYR CB   C N N 315 
TYR CG   C Y N 316 
TYR CD1  C Y N 317 
TYR CD2  C Y N 318 
TYR CE1  C Y N 319 
TYR CE2  C Y N 320 
TYR CZ   C Y N 321 
TYR OH   O N N 322 
TYR OXT  O N N 323 
TYR H    H N N 324 
TYR H2   H N N 325 
TYR HA   H N N 326 
TYR HB2  H N N 327 
TYR HB3  H N N 328 
TYR HD1  H N N 329 
TYR HD2  H N N 330 
TYR HE1  H N N 331 
TYR HE2  H N N 332 
TYR HH   H N N 333 
TYR HXT  H N N 334 
VAL N    N N N 335 
VAL CA   C N S 336 
VAL C    C N N 337 
VAL O    O N N 338 
VAL CB   C N N 339 
VAL CG1  C N N 340 
VAL CG2  C N N 341 
VAL OXT  O N N 342 
VAL H    H N N 343 
VAL H2   H N N 344 
VAL HA   H N N 345 
VAL HB   H N N 346 
VAL HG11 H N N 347 
VAL HG12 H N N 348 
VAL HG13 H N N 349 
VAL HG21 H N N 350 
VAL HG22 H N N 351 
VAL HG23 H N N 352 
VAL HXT  H N N 353 
# 
loop_
_chem_comp_bond.comp_id 
_chem_comp_bond.atom_id_1 
_chem_comp_bond.atom_id_2 
_chem_comp_bond.value_order 
_chem_comp_bond.pdbx_aromatic_flag 
_chem_comp_bond.pdbx_stereo_config 
_chem_comp_bond.pdbx_ordinal 
ALA N   CA   sing N N 1   
ALA N   H    sing N N 2   
ALA N   H2   sing N N 3   
ALA CA  C    sing N N 4   
ALA CA  CB   sing N N 5   
ALA CA  HA   sing N N 6   
ALA C   O    doub N N 7   
ALA C   OXT  sing N N 8   
ALA CB  HB1  sing N N 9   
ALA CB  HB2  sing N N 10  
ALA CB  HB3  sing N N 11  
ALA OXT HXT  sing N N 12  
ARG N   CA   sing N N 13  
ARG N   H    sing N N 14  
ARG N   H2   sing N N 15  
ARG CA  C    sing N N 16  
ARG CA  CB   sing N N 17  
ARG CA  HA   sing N N 18  
ARG C   O    doub N N 19  
ARG C   OXT  sing N N 20  
ARG CB  CG   sing N N 21  
ARG CB  HB2  sing N N 22  
ARG CB  HB3  sing N N 23  
ARG CG  CD   sing N N 24  
ARG CG  HG2  sing N N 25  
ARG CG  HG3  sing N N 26  
ARG CD  NE   sing N N 27  
ARG CD  HD2  sing N N 28  
ARG CD  HD3  sing N N 29  
ARG NE  CZ   sing N N 30  
ARG NE  HE   sing N N 31  
ARG CZ  NH1  sing N N 32  
ARG CZ  NH2  doub N N 33  
ARG NH1 HH11 sing N N 34  
ARG NH1 HH12 sing N N 35  
ARG NH2 HH21 sing N N 36  
ARG NH2 HH22 sing N N 37  
ARG OXT HXT  sing N N 38  
ASN N   CA   sing N N 39  
ASN N   H    sing N N 40  
ASN N   H2   sing N N 41  
ASN CA  C    sing N N 42  
ASN CA  CB   sing N N 43  
ASN CA  HA   sing N N 44  
ASN C   O    doub N N 45  
ASN C   OXT  sing N N 46  
ASN CB  CG   sing N N 47  
ASN CB  HB2  sing N N 48  
ASN CB  HB3  sing N N 49  
ASN CG  OD1  doub N N 50  
ASN CG  ND2  sing N N 51  
ASN ND2 HD21 sing N N 52  
ASN ND2 HD22 sing N N 53  
ASN OXT HXT  sing N N 54  
ASP N   CA   sing N N 55  
ASP N   H    sing N N 56  
ASP N   H2   sing N N 57  
ASP CA  C    sing N N 58  
ASP CA  CB   sing N N 59  
ASP CA  HA   sing N N 60  
ASP C   O    doub N N 61  
ASP C   OXT  sing N N 62  
ASP CB  CG   sing N N 63  
ASP CB  HB2  sing N N 64  
ASP CB  HB3  sing N N 65  
ASP CG  OD1  doub N N 66  
ASP CG  OD2  sing N N 67  
ASP OD2 HD2  sing N N 68  
ASP OXT HXT  sing N N 69  
GLN N   CA   sing N N 70  
GLN N   H    sing N N 71  
GLN N   H2   sing N N 72  
GLN CA  C    sing N N 73  
GLN CA  CB   sing N N 74  
GLN CA  HA   sing N N 75  
GLN C   O    doub N N 76  
GLN C   OXT  sing N N 77  
GLN CB  CG   sing N N 78  
GLN CB  HB2  sing N N 79  
GLN CB  HB3  sing N N 80  
GLN CG  CD   sing N N 81  
GLN CG  HG2  sing N N 82  
GLN CG  HG3  sing N N 83  
GLN CD  OE1  doub N N 84  
GLN CD  NE2  sing N N 85  
GLN NE2 HE21 sing N N 86  
GLN NE2 HE22 sing N N 87  
GLN OXT HXT  sing N N 88  
GLU N   CA   sing N N 89  
GLU N   H    sing N N 90  
GLU N   H2   sing N N 91  
GLU CA  C    sing N N 92  
GLU CA  CB   sing N N 93  
GLU CA  HA   sing N N 94  
GLU C   O    doub N N 95  
GLU C   OXT  sing N N 96  
GLU CB  CG   sing N N 97  
GLU CB  HB2  sing N N 98  
GLU CB  HB3  sing N N 99  
GLU CG  CD   sing N N 100 
GLU CG  HG2  sing N N 101 
GLU CG  HG3  sing N N 102 
GLU CD  OE1  doub N N 103 
GLU CD  OE2  sing N N 104 
GLU OE2 HE2  sing N N 105 
GLU OXT HXT  sing N N 106 
GLY N   CA   sing N N 107 
GLY N   H    sing N N 108 
GLY N   H2   sing N N 109 
GLY CA  C    sing N N 110 
GLY CA  HA2  sing N N 111 
GLY CA  HA3  sing N N 112 
GLY C   O    doub N N 113 
GLY C   OXT  sing N N 114 
GLY OXT HXT  sing N N 115 
HIS N   CA   sing N N 116 
HIS N   H    sing N N 117 
HIS N   H2   sing N N 118 
HIS CA  C    sing N N 119 
HIS CA  CB   sing N N 120 
HIS CA  HA   sing N N 121 
HIS C   O    doub N N 122 
HIS C   OXT  sing N N 123 
HIS CB  CG   sing N N 124 
HIS CB  HB2  sing N N 125 
HIS CB  HB3  sing N N 126 
HIS CG  ND1  sing Y N 127 
HIS CG  CD2  doub Y N 128 
HIS ND1 CE1  doub Y N 129 
HIS ND1 HD1  sing N N 130 
HIS CD2 NE2  sing Y N 131 
HIS CD2 HD2  sing N N 132 
HIS CE1 NE2  sing Y N 133 
HIS CE1 HE1  sing N N 134 
HIS NE2 HE2  sing N N 135 
HIS OXT HXT  sing N N 136 
ILE N   CA   sing N N 137 
ILE N   H    sing N N 138 
ILE N   H2   sing N N 139 
ILE CA  C    sing N N 140 
ILE CA  CB   sing N N 141 
ILE CA  HA   sing N N 142 
ILE C   O    doub N N 143 
ILE C   OXT  sing N N 144 
ILE CB  CG1  sing N N 145 
ILE CB  CG2  sing N N 146 
ILE CB  HB   sing N N 147 
ILE CG1 CD1  sing N N 148 
ILE CG1 HG12 sing N N 149 
ILE CG1 HG13 sing N N 150 
ILE CG2 HG21 sing N N 151 
ILE CG2 HG22 sing N N 152 
ILE CG2 HG23 sing N N 153 
ILE CD1 HD11 sing N N 154 
ILE CD1 HD12 sing N N 155 
ILE CD1 HD13 sing N N 156 
ILE OXT HXT  sing N N 157 
LEU N   CA   sing N N 158 
LEU N   H    sing N N 159 
LEU N   H2   sing N N 160 
LEU CA  C    sing N N 161 
LEU CA  CB   sing N N 162 
LEU CA  HA   sing N N 163 
LEU C   O    doub N N 164 
LEU C   OXT  sing N N 165 
LEU CB  CG   sing N N 166 
LEU CB  HB2  sing N N 167 
LEU CB  HB3  sing N N 168 
LEU CG  CD1  sing N N 169 
LEU CG  CD2  sing N N 170 
LEU CG  HG   sing N N 171 
LEU CD1 HD11 sing N N 172 
LEU CD1 HD12 sing N N 173 
LEU CD1 HD13 sing N N 174 
LEU CD2 HD21 sing N N 175 
LEU CD2 HD22 sing N N 176 
LEU CD2 HD23 sing N N 177 
LEU OXT HXT  sing N N 178 
LYS N   CA   sing N N 179 
LYS N   H    sing N N 180 
LYS N   H2   sing N N 181 
LYS CA  C    sing N N 182 
LYS CA  CB   sing N N 183 
LYS CA  HA   sing N N 184 
LYS C   O    doub N N 185 
LYS C   OXT  sing N N 186 
LYS CB  CG   sing N N 187 
LYS CB  HB2  sing N N 188 
LYS CB  HB3  sing N N 189 
LYS CG  CD   sing N N 190 
LYS CG  HG2  sing N N 191 
LYS CG  HG3  sing N N 192 
LYS CD  CE   sing N N 193 
LYS CD  HD2  sing N N 194 
LYS CD  HD3  sing N N 195 
LYS CE  NZ   sing N N 196 
LYS CE  HE2  sing N N 197 
LYS CE  HE3  sing N N 198 
LYS NZ  HZ1  sing N N 199 
LYS NZ  HZ2  sing N N 200 
LYS NZ  HZ3  sing N N 201 
LYS OXT HXT  sing N N 202 
PHE N   CA   sing N N 203 
PHE N   H    sing N N 204 
PHE N   H2   sing N N 205 
PHE CA  C    sing N N 206 
PHE CA  CB   sing N N 207 
PHE CA  HA   sing N N 208 
PHE C   O    doub N N 209 
PHE C   OXT  sing N N 210 
PHE CB  CG   sing N N 211 
PHE CB  HB2  sing N N 212 
PHE CB  HB3  sing N N 213 
PHE CG  CD1  doub Y N 214 
PHE CG  CD2  sing Y N 215 
PHE CD1 CE1  sing Y N 216 
PHE CD1 HD1  sing N N 217 
PHE CD2 CE2  doub Y N 218 
PHE CD2 HD2  sing N N 219 
PHE CE1 CZ   doub Y N 220 
PHE CE1 HE1  sing N N 221 
PHE CE2 CZ   sing Y N 222 
PHE CE2 HE2  sing N N 223 
PHE CZ  HZ   sing N N 224 
PHE OXT HXT  sing N N 225 
PRO N   CA   sing N N 226 
PRO N   CD   sing N N 227 
PRO N   H    sing N N 228 
PRO CA  C    sing N N 229 
PRO CA  CB   sing N N 230 
PRO CA  HA   sing N N 231 
PRO C   O    doub N N 232 
PRO C   OXT  sing N N 233 
PRO CB  CG   sing N N 234 
PRO CB  HB2  sing N N 235 
PRO CB  HB3  sing N N 236 
PRO CG  CD   sing N N 237 
PRO CG  HG2  sing N N 238 
PRO CG  HG3  sing N N 239 
PRO CD  HD2  sing N N 240 
PRO CD  HD3  sing N N 241 
PRO OXT HXT  sing N N 242 
SER N   CA   sing N N 243 
SER N   H    sing N N 244 
SER N   H2   sing N N 245 
SER CA  C    sing N N 246 
SER CA  CB   sing N N 247 
SER CA  HA   sing N N 248 
SER C   O    doub N N 249 
SER C   OXT  sing N N 250 
SER CB  OG   sing N N 251 
SER CB  HB2  sing N N 252 
SER CB  HB3  sing N N 253 
SER OG  HG   sing N N 254 
SER OXT HXT  sing N N 255 
THR N   CA   sing N N 256 
THR N   H    sing N N 257 
THR N   H2   sing N N 258 
THR CA  C    sing N N 259 
THR CA  CB   sing N N 260 
THR CA  HA   sing N N 261 
THR C   O    doub N N 262 
THR C   OXT  sing N N 263 
THR CB  OG1  sing N N 264 
THR CB  CG2  sing N N 265 
THR CB  HB   sing N N 266 
THR OG1 HG1  sing N N 267 
THR CG2 HG21 sing N N 268 
THR CG2 HG22 sing N N 269 
THR CG2 HG23 sing N N 270 
THR OXT HXT  sing N N 271 
TRP N   CA   sing N N 272 
TRP N   H    sing N N 273 
TRP N   H2   sing N N 274 
TRP CA  C    sing N N 275 
TRP CA  CB   sing N N 276 
TRP CA  HA   sing N N 277 
TRP C   O    doub N N 278 
TRP C   OXT  sing N N 279 
TRP CB  CG   sing N N 280 
TRP CB  HB2  sing N N 281 
TRP CB  HB3  sing N N 282 
TRP CG  CD1  doub Y N 283 
TRP CG  CD2  sing Y N 284 
TRP CD1 NE1  sing Y N 285 
TRP CD1 HD1  sing N N 286 
TRP CD2 CE2  doub Y N 287 
TRP CD2 CE3  sing Y N 288 
TRP NE1 CE2  sing Y N 289 
TRP NE1 HE1  sing N N 290 
TRP CE2 CZ2  sing Y N 291 
TRP CE3 CZ3  doub Y N 292 
TRP CE3 HE3  sing N N 293 
TRP CZ2 CH2  doub Y N 294 
TRP CZ2 HZ2  sing N N 295 
TRP CZ3 CH2  sing Y N 296 
TRP CZ3 HZ3  sing N N 297 
TRP CH2 HH2  sing N N 298 
TRP OXT HXT  sing N N 299 
TYR N   CA   sing N N 300 
TYR N   H    sing N N 301 
TYR N   H2   sing N N 302 
TYR CA  C    sing N N 303 
TYR CA  CB   sing N N 304 
TYR CA  HA   sing N N 305 
TYR C   O    doub N N 306 
TYR C   OXT  sing N N 307 
TYR CB  CG   sing N N 308 
TYR CB  HB2  sing N N 309 
TYR CB  HB3  sing N N 310 
TYR CG  CD1  doub Y N 311 
TYR CG  CD2  sing Y N 312 
TYR CD1 CE1  sing Y N 313 
TYR CD1 HD1  sing N N 314 
TYR CD2 CE2  doub Y N 315 
TYR CD2 HD2  sing N N 316 
TYR CE1 CZ   doub Y N 317 
TYR CE1 HE1  sing N N 318 
TYR CE2 CZ   sing Y N 319 
TYR CE2 HE2  sing N N 320 
TYR CZ  OH   sing N N 321 
TYR OH  HH   sing N N 322 
TYR OXT HXT  sing N N 323 
VAL N   CA   sing N N 324 
VAL N   H    sing N N 325 
VAL N   H2   sing N N 326 
VAL CA  C    sing N N 327 
VAL CA  CB   sing N N 328 
VAL CA  HA   sing N N 329 
VAL C   O    doub N N 330 
VAL C   OXT  sing N N 331 
VAL CB  CG1  sing N N 332 
VAL CB  CG2  sing N N 333 
VAL CB  HB   sing N N 334 
VAL CG1 HG11 sing N N 335 
VAL CG1 HG12 sing N N 336 
VAL CG1 HG13 sing N N 337 
VAL CG2 HG21 sing N N 338 
VAL CG2 HG22 sing N N 339 
VAL CG2 HG23 sing N N 340 
VAL OXT HXT  sing N N 341 
# 
_pdbx_initial_refinement_model.id               1 
_pdbx_initial_refinement_model.entity_id_list   ? 
_pdbx_initial_refinement_model.type             'experimental model' 
_pdbx_initial_refinement_model.source_name      PDB 
_pdbx_initial_refinement_model.accession_code   1MS2 
_pdbx_initial_refinement_model.details          'MS2 COAT PROTEIN DIMER (1MS2)' 
# 
_atom_sites.entry_id                    1UNA 
_atom_sites.fract_transf_matrix[1][1]   0.01338489 
_atom_sites.fract_transf_matrix[1][2]   -0.00626319 
_atom_sites.fract_transf_matrix[1][3]   -0.00812268 
_atom_sites.fract_transf_matrix[2][1]   0.00941236 
_atom_sites.fract_transf_matrix[2][2]   0.00289948 
_atom_sites.fract_transf_matrix[2][3]   0.01327435 
_atom_sites.fract_transf_matrix[3][1]   -0.00318605 
_atom_sites.fract_transf_matrix[3][2]   -0.01358773 
_atom_sites.fract_transf_matrix[3][3]   0.00522704 
_atom_sites.fract_transf_vector[1]      1.041743 
_atom_sites.fract_transf_vector[2]      0.204612 
_atom_sites.fract_transf_vector[3]      2.748011 
# 
loop_
_atom_type.symbol 
C 
N 
O 
# 
loop_
_atom_site.group_PDB 
_atom_site.id 
_atom_site.type_symbol 
_atom_site.label_atom_id 
_atom_site.label_alt_id 
_atom_site.label_comp_id 
_atom_site.label_asym_id 
_atom_site.label_entity_id 
_atom_site.label_seq_id 
_atom_site.pdbx_PDB_ins_code 
_atom_site.Cartn_x 
_atom_site.Cartn_y 
_atom_site.Cartn_z 
_atom_site.occupancy 
_atom_site.B_iso_or_equiv 
_atom_site.pdbx_formal_charge 
_atom_site.auth_seq_id 
_atom_site.auth_comp_id 
_atom_site.auth_asym_id 
_atom_site.auth_atom_id 
_atom_site.pdbx_PDB_model_num 
ATOM 1    N N   . ALA A 1 1   ? 11.783  -11.894 -14.182 1.00 17.69 ? 2   ALA A N   1 
ATOM 2    C CA  . ALA A 1 1   ? 12.626  -10.961 -13.418 1.00 22.78 ? 2   ALA A CA  1 
ATOM 3    C C   . ALA A 1 1   ? 11.728  -10.083 -12.548 1.00 26.39 ? 2   ALA A C   1 
ATOM 4    O O   . ALA A 1 1   ? 10.810  -9.423  -13.050 1.00 26.93 ? 2   ALA A O   1 
ATOM 5    C CB  . ALA A 1 1   ? 13.497  -10.119 -14.340 1.00 25.95 ? 2   ALA A CB  1 
ATOM 6    N N   . THR A 1 2   ? 12.019  -10.105 -11.265 1.00 32.71 ? 3   THR A N   1 
ATOM 7    C CA  . THR A 1 2   ? 11.268  -9.332  -10.263 1.00 29.33 ? 3   THR A CA  1 
ATOM 8    C C   . THR A 1 2   ? 11.636  -7.856  -10.368 1.00 17.24 ? 3   THR A C   1 
ATOM 9    O O   . THR A 1 2   ? 10.863  -6.956  -10.012 1.00 21.11 ? 3   THR A O   1 
ATOM 10   C CB  . THR A 1 2   ? 11.486  -9.935  -8.823  1.00 19.81 ? 3   THR A CB  1 
ATOM 11   O OG1 . THR A 1 2   ? 11.559  -11.384 -9.028  1.00 49.72 ? 3   THR A OG1 1 
ATOM 12   C CG2 . THR A 1 2   ? 10.372  -9.604  -7.836  1.00 18.33 ? 3   THR A CG2 1 
ATOM 13   N N   . LEU A 1 3   ? 12.841  -7.646  -10.859 1.00 16.66 ? 4   LEU A N   1 
ATOM 14   C CA  . LEU A 1 3   ? 13.420  -6.310  -11.069 1.00 7.22  ? 4   LEU A CA  1 
ATOM 15   C C   . LEU A 1 3   ? 13.260  -6.024  -12.566 1.00 16.55 ? 4   LEU A C   1 
ATOM 16   O O   . LEU A 1 3   ? 14.034  -6.533  -13.393 1.00 22.41 ? 4   LEU A O   1 
ATOM 17   C CB  . LEU A 1 3   ? 14.848  -6.322  -10.542 1.00 10.50 ? 4   LEU A CB  1 
ATOM 18   C CG  . LEU A 1 3   ? 15.640  -5.033  -10.460 1.00 11.99 ? 4   LEU A CG  1 
ATOM 19   C CD1 . LEU A 1 3   ? 15.420  -4.321  -9.132  1.00 5.57  ? 4   LEU A CD1 1 
ATOM 20   C CD2 . LEU A 1 3   ? 17.120  -5.377  -10.629 1.00 16.88 ? 4   LEU A CD2 1 
ATOM 21   N N   . HIS A 1 4   ? 12.242  -5.237  -12.857 1.00 6.29  ? 5   HIS A N   1 
ATOM 22   C CA  . HIS A 1 4   ? 11.915  -4.859  -14.238 1.00 2.00  ? 5   HIS A CA  1 
ATOM 23   C C   . HIS A 1 4   ? 11.072  -3.589  -14.225 1.00 10.90 ? 5   HIS A C   1 
ATOM 24   O O   . HIS A 1 4   ? 10.393  -3.305  -13.229 1.00 13.86 ? 5   HIS A O   1 
ATOM 25   C CB  . HIS A 1 4   ? 11.191  -5.979  -15.005 1.00 26.94 ? 5   HIS A CB  1 
ATOM 26   C CG  . HIS A 1 4   ? 9.751   -6.261  -14.752 1.00 33.76 ? 5   HIS A CG  1 
ATOM 27   N ND1 . HIS A 1 4   ? 8.712   -5.503  -15.232 1.00 50.56 ? 5   HIS A ND1 1 
ATOM 28   C CD2 . HIS A 1 4   ? 9.156   -7.270  -14.071 1.00 33.70 ? 5   HIS A CD2 1 
ATOM 29   C CE1 . HIS A 1 4   ? 7.557   -6.025  -14.848 1.00 45.36 ? 5   HIS A CE1 1 
ATOM 30   N NE2 . HIS A 1 4   ? 7.799   -7.105  -14.140 1.00 33.84 ? 5   HIS A NE2 1 
ATOM 31   N N   . SER A 1 5   ? 11.140  -2.880  -15.335 1.00 14.61 ? 6   SER A N   1 
ATOM 32   C CA  . SER A 1 5   ? 10.395  -1.624  -15.523 1.00 10.59 ? 6   SER A CA  1 
ATOM 33   C C   . SER A 1 5   ? 8.899   -1.901  -15.413 1.00 7.86  ? 6   SER A C   1 
ATOM 34   O O   . SER A 1 5   ? 8.479   -2.981  -15.863 1.00 19.47 ? 6   SER A O   1 
ATOM 35   C CB  . SER A 1 5   ? 10.738  -1.018  -16.876 1.00 7.15  ? 6   SER A CB  1 
ATOM 36   O OG  . SER A 1 5   ? 12.138  -1.141  -17.089 1.00 35.05 ? 6   SER A OG  1 
ATOM 37   N N   . PHE A 1 6   ? 8.181   -0.951  -14.842 1.00 2.00  ? 7   PHE A N   1 
ATOM 38   C CA  . PHE A 1 6   ? 6.720   -1.122  -14.688 1.00 2.00  ? 7   PHE A CA  1 
ATOM 39   C C   . PHE A 1 6   ? 6.011   0.233   -14.622 1.00 5.74  ? 7   PHE A C   1 
ATOM 40   O O   . PHE A 1 6   ? 6.573   1.276   -14.261 1.00 8.39  ? 7   PHE A O   1 
ATOM 41   C CB  . PHE A 1 6   ? 6.397   -2.025  -13.504 1.00 4.56  ? 7   PHE A CB  1 
ATOM 42   C CG  . PHE A 1 6   ? 6.531   -1.478  -12.116 1.00 2.00  ? 7   PHE A CG  1 
ATOM 43   C CD1 . PHE A 1 6   ? 7.745   -1.531  -11.437 1.00 2.00  ? 7   PHE A CD1 1 
ATOM 44   C CD2 . PHE A 1 6   ? 5.423   -0.911  -11.481 1.00 9.17  ? 7   PHE A CD2 1 
ATOM 45   C CE1 . PHE A 1 6   ? 7.862   -1.021  -10.140 1.00 10.09 ? 7   PHE A CE1 1 
ATOM 46   C CE2 . PHE A 1 6   ? 5.514   -0.395  -10.199 1.00 5.89  ? 7   PHE A CE2 1 
ATOM 47   C CZ  . PHE A 1 6   ? 6.734   -0.449  -9.527  1.00 4.50  ? 7   PHE A CZ  1 
ATOM 48   N N   . VAL A 1 7   ? 4.746   0.167   -14.989 1.00 2.00  ? 8   VAL A N   1 
ATOM 49   C CA  . VAL A 1 7   ? 3.834   1.321   -14.991 1.00 2.00  ? 8   VAL A CA  1 
ATOM 50   C C   . VAL A 1 7   ? 3.420   1.441   -13.518 1.00 2.00  ? 8   VAL A C   1 
ATOM 51   O O   . VAL A 1 7   ? 2.834   0.478   -13.002 1.00 2.00  ? 8   VAL A O   1 
ATOM 52   C CB  . VAL A 1 7   ? 2.648   1.128   -15.947 1.00 2.00  ? 8   VAL A CB  1 
ATOM 53   C CG1 . VAL A 1 7   ? 1.549   2.170   -15.769 1.00 2.00  ? 8   VAL A CG1 1 
ATOM 54   C CG2 . VAL A 1 7   ? 3.063   1.078   -17.410 1.00 2.00  ? 8   VAL A CG2 1 
ATOM 55   N N   . LEU A 1 8   ? 3.760   2.568   -12.929 1.00 6.33  ? 9   LEU A N   1 
ATOM 56   C CA  . LEU A 1 8   ? 3.420   2.818   -11.520 1.00 2.00  ? 9   LEU A CA  1 
ATOM 57   C C   . LEU A 1 8   ? 2.062   3.525   -11.503 1.00 11.07 ? 9   LEU A C   1 
ATOM 58   O O   . LEU A 1 8   ? 1.229   3.226   -10.632 1.00 3.78  ? 9   LEU A O   1 
ATOM 59   C CB  . LEU A 1 8   ? 4.562   3.548   -10.821 1.00 2.00  ? 9   LEU A CB  1 
ATOM 60   C CG  . LEU A 1 8   ? 4.235   4.070   -9.428  1.00 9.86  ? 9   LEU A CG  1 
ATOM 61   C CD1 . LEU A 1 8   ? 4.140   2.924   -8.424  1.00 20.22 ? 9   LEU A CD1 1 
ATOM 62   C CD2 . LEU A 1 8   ? 5.302   5.080   -9.021  1.00 9.49  ? 9   LEU A CD2 1 
ATOM 63   N N   . VAL A 1 9   ? 1.902   4.422   -12.465 1.00 6.01  ? 10  VAL A N   1 
ATOM 64   C CA  . VAL A 1 9   ? 0.662   5.188   -12.631 1.00 2.00  ? 10  VAL A CA  1 
ATOM 65   C C   . VAL A 1 9   ? 0.123   4.906   -14.042 1.00 2.00  ? 10  VAL A C   1 
ATOM 66   O O   . VAL A 1 9   ? 0.798   5.183   -15.043 1.00 10.49 ? 10  VAL A O   1 
ATOM 67   C CB  . VAL A 1 9   ? 0.816   6.698   -12.383 1.00 2.00  ? 10  VAL A CB  1 
ATOM 68   C CG1 . VAL A 1 9   ? -0.511  7.452   -12.516 1.00 2.00  ? 10  VAL A CG1 1 
ATOM 69   C CG2 . VAL A 1 9   ? 1.461   7.029   -11.052 1.00 2.00  ? 10  VAL A CG2 1 
ATOM 70   N N   . ASP A 1 10  ? -1.079  4.374   -14.070 1.00 3.29  ? 11  ASP A N   1 
ATOM 71   C CA  . ASP A 1 10  ? -1.785  4.034   -15.309 1.00 2.00  ? 11  ASP A CA  1 
ATOM 72   C C   . ASP A 1 10  ? -2.986  4.977   -15.423 1.00 2.00  ? 11  ASP A C   1 
ATOM 73   O O   . ASP A 1 10  ? -3.944  4.839   -14.656 1.00 2.00  ? 11  ASP A O   1 
ATOM 74   C CB  . ASP A 1 10  ? -2.240  2.579   -15.405 1.00 19.02 ? 11  ASP A CB  1 
ATOM 75   C CG  . ASP A 1 10  ? -2.790  2.243   -16.783 1.00 26.38 ? 11  ASP A CG  1 
ATOM 76   O OD1 . ASP A 1 10  ? -2.011  1.852   -17.669 1.00 39.26 ? 11  ASP A OD1 1 
ATOM 77   O OD2 . ASP A 1 10  ? -4.018  2.384   -16.978 1.00 12.06 ? 11  ASP A OD2 1 
ATOM 78   N N   . ASN A 1 11  ? -2.854  5.865   -16.381 1.00 11.72 ? 12  ASN A N   1 
ATOM 79   C CA  . ASN A 1 11  ? -3.903  6.863   -16.669 1.00 18.67 ? 12  ASN A CA  1 
ATOM 80   C C   . ASN A 1 11  ? -4.733  6.362   -17.851 1.00 26.07 ? 12  ASN A C   1 
ATOM 81   O O   . ASN A 1 11  ? -5.595  7.075   -18.380 1.00 44.51 ? 12  ASN A O   1 
ATOM 82   C CB  . ASN A 1 11  ? -3.268  8.242   -16.831 1.00 23.63 ? 12  ASN A CB  1 
ATOM 83   C CG  . ASN A 1 11  ? -2.652  8.694   -15.515 1.00 28.71 ? 12  ASN A CG  1 
ATOM 84   O OD1 . ASN A 1 11  ? -3.356  8.815   -14.502 1.00 32.86 ? 12  ASN A OD1 1 
ATOM 85   N ND2 . ASN A 1 11  ? -1.343  8.927   -15.510 1.00 35.61 ? 12  ASN A ND2 1 
ATOM 86   N N   . GLY A 1 12  ? -4.451  5.133   -18.244 1.00 41.68 ? 13  GLY A N   1 
ATOM 87   C CA  . GLY A 1 12  ? -5.125  4.436   -19.328 1.00 43.27 ? 13  GLY A CA  1 
ATOM 88   C C   . GLY A 1 12  ? -4.472  4.460   -20.694 1.00 43.72 ? 13  GLY A C   1 
ATOM 89   O O   . GLY A 1 12  ? -5.167  4.104   -21.667 1.00 56.70 ? 13  GLY A O   1 
ATOM 90   N N   . GLY A 1 13  ? -3.213  4.850   -20.759 1.00 40.95 ? 14  GLY A N   1 
ATOM 91   C CA  . GLY A 1 13  ? -2.486  4.902   -22.034 1.00 37.01 ? 14  GLY A CA  1 
ATOM 92   C C   . GLY A 1 13  ? -1.763  6.221   -22.265 1.00 31.59 ? 14  GLY A C   1 
ATOM 93   O O   . GLY A 1 13  ? -0.586  6.212   -22.663 1.00 30.44 ? 14  GLY A O   1 
ATOM 94   N N   . THR A 1 14  ? -2.468  7.311   -22.023 1.00 41.43 ? 15  THR A N   1 
ATOM 95   C CA  . THR A 1 14  ? -1.925  8.664   -22.208 1.00 35.27 ? 15  THR A CA  1 
ATOM 96   C C   . THR A 1 14  ? -1.689  9.379   -20.882 1.00 28.67 ? 15  THR A C   1 
ATOM 97   O O   . THR A 1 14  ? -2.612  9.911   -20.252 1.00 23.72 ? 15  THR A O   1 
ATOM 98   C CB  . THR A 1 14  ? -2.817  9.486   -23.221 1.00 27.53 ? 15  THR A CB  1 
ATOM 99   O OG1 . THR A 1 14  ? -2.451  8.989   -24.553 1.00 32.73 ? 15  THR A OG1 1 
ATOM 100  C CG2 . THR A 1 14  ? -2.675  11.006  -23.162 1.00 29.55 ? 15  THR A CG2 1 
ATOM 101  N N   . GLY A 1 15  ? -0.420  9.382   -20.504 1.00 24.58 ? 16  GLY A N   1 
ATOM 102  C CA  . GLY A 1 15  ? 0.046   10.021  -19.265 1.00 28.32 ? 16  GLY A CA  1 
ATOM 103  C C   . GLY A 1 15  ? 0.474   8.973   -18.241 1.00 21.10 ? 16  GLY A C   1 
ATOM 104  O O   . GLY A 1 15  ? 0.481   9.233   -17.030 1.00 34.20 ? 16  GLY A O   1 
ATOM 105  N N   . ASN A 1 16  ? 0.825   7.815   -18.761 1.00 22.36 ? 17  ASN A N   1 
ATOM 106  C CA  . ASN A 1 16  ? 1.276   6.679   -17.942 1.00 10.80 ? 17  ASN A CA  1 
ATOM 107  C C   . ASN A 1 16  ? 2.685   7.025   -17.440 1.00 13.99 ? 17  ASN A C   1 
ATOM 108  O O   . ASN A 1 16  ? 3.460   7.653   -18.183 1.00 2.00  ? 17  ASN A O   1 
ATOM 109  C CB  . ASN A 1 16  ? 1.227   5.369   -18.713 1.00 2.00  ? 17  ASN A CB  1 
ATOM 110  C CG  . ASN A 1 16  ? -0.141  4.738   -18.822 1.00 2.34  ? 17  ASN A CG  1 
ATOM 111  O OD1 . ASN A 1 16  ? -1.178  5.410   -18.693 1.00 7.14  ? 17  ASN A OD1 1 
ATOM 112  N ND2 . ASN A 1 16  ? -0.147  3.424   -19.063 1.00 13.59 ? 17  ASN A ND2 1 
ATOM 113  N N   . VAL A 1 17  ? 2.932   6.595   -16.217 1.00 9.21  ? 18  VAL A N   1 
ATOM 114  C CA  . VAL A 1 17  ? 4.244   6.820   -15.582 1.00 11.05 ? 18  VAL A CA  1 
ATOM 115  C C   . VAL A 1 17  ? 4.908   5.447   -15.430 1.00 10.12 ? 18  VAL A C   1 
ATOM 116  O O   . VAL A 1 17  ? 4.334   4.512   -14.856 1.00 11.00 ? 18  VAL A O   1 
ATOM 117  C CB  . VAL A 1 17  ? 4.137   7.639   -14.292 1.00 11.99 ? 18  VAL A CB  1 
ATOM 118  C CG1 . VAL A 1 17  ? 5.503   7.968   -13.695 1.00 14.10 ? 18  VAL A CG1 1 
ATOM 119  C CG2 . VAL A 1 17  ? 3.332   8.917   -14.492 1.00 7.96  ? 18  VAL A CG2 1 
ATOM 120  N N   . THR A 1 18  ? 6.108   5.375   -15.976 1.00 5.79  ? 19  THR A N   1 
ATOM 121  C CA  . THR A 1 18  ? 6.938   4.178   -15.972 1.00 2.00  ? 19  THR A CA  1 
ATOM 122  C C   . THR A 1 18  ? 8.199   4.397   -15.144 1.00 2.00  ? 19  THR A C   1 
ATOM 123  O O   . THR A 1 18  ? 8.937   5.362   -15.365 1.00 16.60 ? 19  THR A O   1 
ATOM 124  C CB  . THR A 1 18  ? 7.367   3.723   -17.423 1.00 2.00  ? 19  THR A CB  1 
ATOM 125  O OG1 . THR A 1 18  ? 6.137   3.615   -18.208 1.00 25.10 ? 19  THR A OG1 1 
ATOM 126  C CG2 . THR A 1 18  ? 8.175   2.421   -17.455 1.00 2.00  ? 19  THR A CG2 1 
ATOM 127  N N   . VAL A 1 19  ? 8.398   3.481   -14.224 1.00 3.57  ? 20  VAL A N   1 
ATOM 128  C CA  . VAL A 1 19  ? 9.560   3.464   -13.321 1.00 2.00  ? 20  VAL A CA  1 
ATOM 129  C C   . VAL A 1 19  ? 10.435  2.313   -13.840 1.00 7.47  ? 20  VAL A C   1 
ATOM 130  O O   . VAL A 1 19  ? 9.977   1.176   -14.042 1.00 8.51  ? 20  VAL A O   1 
ATOM 131  C CB  . VAL A 1 19  ? 9.120   3.364   -11.860 1.00 2.00  ? 20  VAL A CB  1 
ATOM 132  C CG1 . VAL A 1 19  ? 8.324   4.584   -11.416 1.00 2.00  ? 20  VAL A CG1 1 
ATOM 133  C CG2 . VAL A 1 19  ? 8.344   2.084   -11.594 1.00 2.00  ? 20  VAL A CG2 1 
ATOM 134  N N   . VAL A 1 20  ? 11.680  2.661   -14.064 1.00 11.68 ? 21  VAL A N   1 
ATOM 135  C CA  . VAL A 1 20  ? 12.715  1.759   -14.586 1.00 2.00  ? 21  VAL A CA  1 
ATOM 136  C C   . VAL A 1 20  ? 13.745  1.474   -13.496 1.00 8.71  ? 21  VAL A C   1 
ATOM 137  O O   . VAL A 1 20  ? 14.083  2.373   -12.706 1.00 10.19 ? 21  VAL A O   1 
ATOM 138  C CB  . VAL A 1 20  ? 13.291  2.409   -15.863 1.00 12.07 ? 21  VAL A CB  1 
ATOM 139  C CG1 . VAL A 1 20  ? 12.204  2.915   -16.811 1.00 2.00  ? 21  VAL A CG1 1 
ATOM 140  C CG2 . VAL A 1 20  ? 14.277  3.528   -15.559 1.00 2.00  ? 21  VAL A CG2 1 
ATOM 141  N N   . PRO A 1 21  ? 14.215  0.238   -13.489 1.00 9.55  ? 22  PRO A N   1 
ATOM 142  C CA  . PRO A 1 21  ? 15.211  -0.229  -12.518 1.00 5.59  ? 22  PRO A CA  1 
ATOM 143  C C   . PRO A 1 21  ? 16.552  0.458   -12.748 1.00 16.64 ? 22  PRO A C   1 
ATOM 144  O O   . PRO A 1 21  ? 17.082  0.413   -13.875 1.00 13.37 ? 22  PRO A O   1 
ATOM 145  C CB  . PRO A 1 21  ? 15.269  -1.740  -12.717 1.00 7.36  ? 22  PRO A CB  1 
ATOM 146  C CG  . PRO A 1 21  ? 14.087  -2.087  -13.572 1.00 2.00  ? 22  PRO A CG  1 
ATOM 147  C CD  . PRO A 1 21  ? 13.839  -0.844  -14.418 1.00 2.00  ? 22  PRO A CD  1 
ATOM 148  N N   . VAL A 1 22  ? 17.059  1.066   -11.689 1.00 13.34 ? 23  VAL A N   1 
ATOM 149  C CA  . VAL A 1 22  ? 18.334  1.791   -11.738 1.00 14.01 ? 23  VAL A CA  1 
ATOM 150  C C   . VAL A 1 22  ? 19.353  1.293   -10.719 1.00 23.72 ? 23  VAL A C   1 
ATOM 151  O O   . VAL A 1 22  ? 20.492  1.796   -10.766 1.00 36.42 ? 23  VAL A O   1 
ATOM 152  C CB  . VAL A 1 22  ? 18.100  3.307   -11.554 1.00 5.79  ? 23  VAL A CB  1 
ATOM 153  C CG1 . VAL A 1 22  ? 17.432  3.968   -12.748 1.00 9.34  ? 23  VAL A CG1 1 
ATOM 154  C CG2 . VAL A 1 22  ? 17.325  3.606   -10.280 1.00 3.89  ? 23  VAL A CG2 1 
ATOM 155  N N   . SER A 1 23  ? 18.933  0.383   -9.861  1.00 30.83 ? 24  SER A N   1 
ATOM 156  C CA  . SER A 1 23  ? 19.835  -0.163  -8.833  1.00 12.59 ? 24  SER A CA  1 
ATOM 157  C C   . SER A 1 23  ? 19.231  -1.400  -8.170  1.00 20.46 ? 24  SER A C   1 
ATOM 158  O O   . SER A 1 23  ? 18.015  -1.632  -8.135  1.00 14.16 ? 24  SER A O   1 
ATOM 159  C CB  . SER A 1 23  ? 20.206  0.886   -7.797  1.00 11.09 ? 24  SER A CB  1 
ATOM 160  O OG  . SER A 1 23  ? 21.568  0.763   -7.428  1.00 9.00  ? 24  SER A OG  1 
ATOM 161  N N   . ASN A 1 24  ? 20.147  -2.193  -7.644  1.00 21.95 ? 25  ASN A N   1 
ATOM 162  C CA  . ASN A 1 24  ? 19.869  -3.450  -6.937  1.00 12.45 ? 25  ASN A CA  1 
ATOM 163  C C   . ASN A 1 24  ? 21.000  -3.673  -5.928  1.00 13.30 ? 25  ASN A C   1 
ATOM 164  O O   . ASN A 1 24  ? 21.249  -4.767  -5.407  1.00 24.32 ? 25  ASN A O   1 
ATOM 165  C CB  . ASN A 1 24  ? 19.690  -4.590  -7.927  1.00 25.50 ? 25  ASN A CB  1 
ATOM 166  C CG  . ASN A 1 24  ? 19.182  -5.886  -7.330  1.00 20.70 ? 25  ASN A CG  1 
ATOM 167  O OD1 . ASN A 1 24  ? 19.209  -6.936  -7.993  1.00 35.41 ? 25  ASN A OD1 1 
ATOM 168  N ND2 . ASN A 1 24  ? 18.716  -5.835  -6.086  1.00 21.53 ? 25  ASN A ND2 1 
ATOM 169  N N   . ALA A 1 25  ? 21.687  -2.583  -5.661  1.00 18.51 ? 26  ALA A N   1 
ATOM 170  C CA  . ALA A 1 25  ? 22.830  -2.476  -4.764  1.00 14.08 ? 26  ALA A CA  1 
ATOM 171  C C   . ALA A 1 25  ? 22.602  -2.957  -3.340  1.00 26.32 ? 26  ALA A C   1 
ATOM 172  O O   . ALA A 1 25  ? 21.731  -2.520  -2.582  1.00 30.92 ? 26  ALA A O   1 
ATOM 173  C CB  . ALA A 1 25  ? 23.306  -1.020  -4.749  1.00 16.60 ? 26  ALA A CB  1 
ATOM 174  N N   . ASN A 1 26  ? 23.459  -3.883  -2.968  1.00 50.26 ? 27  ASN A N   1 
ATOM 175  C CA  . ASN A 1 26  ? 23.551  -4.557  -1.674  1.00 65.20 ? 27  ASN A CA  1 
ATOM 176  C C   . ASN A 1 26  ? 22.230  -4.699  -0.921  1.00 65.77 ? 27  ASN A C   1 
ATOM 177  O O   . ASN A 1 26  ? 22.158  -4.379  0.281   1.00 73.01 ? 27  ASN A O   1 
ATOM 178  C CB  . ASN A 1 26  ? 24.673  -3.917  -0.846  1.00 70.21 ? 27  ASN A CB  1 
ATOM 179  C CG  . ASN A 1 26  ? 24.463  -2.446  -0.551  1.00 74.37 ? 27  ASN A CG  1 
ATOM 180  O OD1 . ASN A 1 26  ? 24.635  -1.582  -1.424  1.00 80.96 ? 27  ASN A OD1 1 
ATOM 181  N ND2 . ASN A 1 26  ? 24.086  -2.147  0.692   1.00 83.76 ? 27  ASN A ND2 1 
ATOM 182  N N   . GLY A 1 27  ? 21.219  -5.191  -1.619  1.00 60.31 ? 28  GLY A N   1 
ATOM 183  C CA  . GLY A 1 27  ? 19.894  -5.418  -1.051  1.00 38.30 ? 28  GLY A CA  1 
ATOM 184  C C   . GLY A 1 27  ? 18.744  -4.596  -1.593  1.00 28.50 ? 28  GLY A C   1 
ATOM 185  O O   . GLY A 1 27  ? 17.680  -5.154  -1.920  1.00 43.67 ? 28  GLY A O   1 
ATOM 186  N N   . VAL A 1 28  ? 18.938  -3.299  -1.681  1.00 12.57 ? 29  VAL A N   1 
ATOM 187  C CA  . VAL A 1 28  ? 17.949  -2.334  -2.148  1.00 2.00  ? 29  VAL A CA  1 
ATOM 188  C C   . VAL A 1 28  ? 17.706  -2.275  -3.655  1.00 17.57 ? 29  VAL A C   1 
ATOM 189  O O   . VAL A 1 28  ? 18.587  -2.008  -4.485  1.00 17.10 ? 29  VAL A O   1 
ATOM 190  C CB  . VAL A 1 28  ? 18.332  -0.948  -1.581  1.00 2.00  ? 29  VAL A CB  1 
ATOM 191  C CG1 . VAL A 1 28  ? 17.519  0.213   -2.135  1.00 2.00  ? 29  VAL A CG1 1 
ATOM 192  C CG2 . VAL A 1 28  ? 18.261  -0.968  -0.060  1.00 8.61  ? 29  VAL A CG2 1 
ATOM 193  N N   . ALA A 1 29  ? 16.437  -2.494  -3.969  1.00 11.61 ? 30  ALA A N   1 
ATOM 194  C CA  . ALA A 1 29  ? 15.918  -2.453  -5.344  1.00 6.06  ? 30  ALA A CA  1 
ATOM 195  C C   . ALA A 1 29  ? 15.421  -1.018  -5.542  1.00 15.26 ? 30  ALA A C   1 
ATOM 196  O O   . ALA A 1 29  ? 14.680  -0.543  -4.662  1.00 23.55 ? 30  ALA A O   1 
ATOM 197  C CB  . ALA A 1 29  ? 14.809  -3.470  -5.531  1.00 11.21 ? 30  ALA A CB  1 
ATOM 198  N N   . GLU A 1 30  ? 15.839  -0.387  -6.623  1.00 16.37 ? 31  GLU A N   1 
ATOM 199  C CA  . GLU A 1 30  ? 15.435  0.987   -6.915  1.00 2.00  ? 31  GLU A CA  1 
ATOM 200  C C   . GLU A 1 30  ? 14.933  1.188   -8.344  1.00 6.44  ? 31  GLU A C   1 
ATOM 201  O O   . GLU A 1 30  ? 15.568  0.845   -9.352  1.00 16.24 ? 31  GLU A O   1 
ATOM 202  C CB  . GLU A 1 30  ? 16.523  2.032   -6.678  1.00 6.92  ? 31  GLU A CB  1 
ATOM 203  C CG  . GLU A 1 30  ? 16.480  2.786   -5.360  1.00 21.02 ? 31  GLU A CG  1 
ATOM 204  C CD  . GLU A 1 30  ? 17.084  4.155   -5.291  1.00 22.49 ? 31  GLU A CD  1 
ATOM 205  O OE1 . GLU A 1 30  ? 16.647  4.936   -6.164  1.00 9.45  ? 31  GLU A OE1 1 
ATOM 206  O OE2 . GLU A 1 30  ? 17.916  4.481   -4.459  1.00 23.20 ? 31  GLU A OE2 1 
ATOM 207  N N   . TRP A 1 31  ? 13.756  1.777   -8.392  1.00 2.00  ? 32  TRP A N   1 
ATOM 208  C CA  . TRP A 1 31  ? 13.038  2.128   -9.621  1.00 2.00  ? 32  TRP A CA  1 
ATOM 209  C C   . TRP A 1 31  ? 13.043  3.657   -9.671  1.00 4.50  ? 32  TRP A C   1 
ATOM 210  O O   . TRP A 1 31  ? 13.179  4.264   -8.593  1.00 14.84 ? 32  TRP A O   1 
ATOM 211  C CB  . TRP A 1 31  ? 11.640  1.542   -9.630  1.00 8.82  ? 32  TRP A CB  1 
ATOM 212  C CG  . TRP A 1 31  ? 11.601  0.063   -9.816  1.00 6.15  ? 32  TRP A CG  1 
ATOM 213  C CD1 . TRP A 1 31  ? 11.497  -0.625  -10.991 1.00 2.00  ? 32  TRP A CD1 1 
ATOM 214  C CD2 . TRP A 1 31  ? 11.669  -0.922  -8.771  1.00 2.00  ? 32  TRP A CD2 1 
ATOM 215  N NE1 . TRP A 1 31  ? 11.495  -1.972  -10.743 1.00 2.00  ? 32  TRP A NE1 1 
ATOM 216  C CE2 . TRP A 1 31  ? 11.599  -2.186  -9.396  1.00 2.00  ? 32  TRP A CE2 1 
ATOM 217  C CE3 . TRP A 1 31  ? 11.786  -0.849  -7.388  1.00 2.00  ? 32  TRP A CE3 1 
ATOM 218  C CZ2 . TRP A 1 31  ? 11.637  -3.371  -8.672  1.00 2.00  ? 32  TRP A CZ2 1 
ATOM 219  C CZ3 . TRP A 1 31  ? 11.825  -2.020  -6.664  1.00 2.00  ? 32  TRP A CZ3 1 
ATOM 220  C CH2 . TRP A 1 31  ? 11.752  -3.259  -7.294  1.00 2.00  ? 32  TRP A CH2 1 
ATOM 221  N N   . LEU A 1 32  ? 12.906  4.199   -10.869 1.00 14.85 ? 33  LEU A N   1 
ATOM 222  C CA  . LEU A 1 32  ? 12.922  5.668   -11.016 1.00 20.56 ? 33  LEU A CA  1 
ATOM 223  C C   . LEU A 1 32  ? 12.324  6.150   -12.332 1.00 17.15 ? 33  LEU A C   1 
ATOM 224  O O   . LEU A 1 32  ? 12.700  5.613   -13.390 1.00 8.77  ? 33  LEU A O   1 
ATOM 225  C CB  . LEU A 1 32  ? 14.410  6.018   -10.867 1.00 18.08 ? 33  LEU A CB  1 
ATOM 226  C CG  . LEU A 1 32  ? 14.929  7.292   -10.253 1.00 6.64  ? 33  LEU A CG  1 
ATOM 227  C CD1 . LEU A 1 32  ? 14.268  7.625   -8.927  1.00 2.00  ? 33  LEU A CD1 1 
ATOM 228  C CD2 . LEU A 1 32  ? 16.438  7.117   -10.017 1.00 2.30  ? 33  LEU A CD2 1 
ATOM 229  N N   . SER A 1 33  ? 11.441  7.134   -12.222 1.00 2.00  ? 34  SER A N   1 
ATOM 230  C CA  . SER A 1 33  ? 10.827  7.721   -13.434 1.00 4.21  ? 34  SER A CA  1 
ATOM 231  C C   . SER A 1 33  ? 11.938  8.561   -14.086 1.00 6.23  ? 34  SER A C   1 
ATOM 232  O O   . SER A 1 33  ? 12.842  9.051   -13.388 1.00 5.94  ? 34  SER A O   1 
ATOM 233  C CB  . SER A 1 33  ? 9.592   8.537   -13.132 1.00 2.00  ? 34  SER A CB  1 
ATOM 234  O OG  . SER A 1 33  ? 9.899   9.786   -12.538 1.00 2.00  ? 34  SER A OG  1 
ATOM 235  N N   . ASN A 1 34  ? 11.858  8.701   -15.395 1.00 21.42 ? 35  ASN A N   1 
ATOM 236  C CA  . ASN A 1 34  ? 12.834  9.469   -16.177 1.00 8.71  ? 35  ASN A CA  1 
ATOM 237  C C   . ASN A 1 34  ? 12.533  10.966  -16.023 1.00 4.83  ? 35  ASN A C   1 
ATOM 238  O O   . ASN A 1 34  ? 11.953  11.598  -16.914 1.00 15.04 ? 35  ASN A O   1 
ATOM 239  C CB  . ASN A 1 34  ? 12.912  9.061   -17.643 1.00 13.54 ? 35  ASN A CB  1 
ATOM 240  C CG  . ASN A 1 34  ? 14.113  9.650   -18.363 1.00 19.63 ? 35  ASN A CG  1 
ATOM 241  O OD1 . ASN A 1 34  ? 14.706  10.655  -17.935 1.00 23.01 ? 35  ASN A OD1 1 
ATOM 242  N ND2 . ASN A 1 34  ? 14.490  9.017   -19.475 1.00 20.66 ? 35  ASN A ND2 1 
ATOM 243  N N   . ASN A 1 35  ? 12.965  11.470  -14.888 1.00 6.46  ? 36  ASN A N   1 
ATOM 244  C CA  . ASN A 1 35  ? 12.803  12.885  -14.524 1.00 2.00  ? 36  ASN A CA  1 
ATOM 245  C C   . ASN A 1 35  ? 14.056  13.294  -13.737 1.00 2.00  ? 36  ASN A C   1 
ATOM 246  O O   . ASN A 1 35  ? 15.047  12.553  -13.665 1.00 2.00  ? 36  ASN A O   1 
ATOM 247  C CB  . ASN A 1 35  ? 11.514  13.152  -13.765 1.00 2.00  ? 36  ASN A CB  1 
ATOM 248  C CG  . ASN A 1 35  ? 10.261  13.168  -14.614 1.00 2.06  ? 36  ASN A CG  1 
ATOM 249  O OD1 . ASN A 1 35  ? 9.966   14.175  -15.276 1.00 2.00  ? 36  ASN A OD1 1 
ATOM 250  N ND2 . ASN A 1 35  ? 9.516   12.059  -14.588 1.00 2.00  ? 36  ASN A ND2 1 
ATOM 251  N N   . SER A 1 36  ? 13.942  14.480  -13.179 1.00 2.00  ? 37  SER A N   1 
ATOM 252  C CA  . SER A 1 36  ? 15.013  15.075  -12.357 1.00 4.49  ? 37  SER A CA  1 
ATOM 253  C C   . SER A 1 36  ? 14.560  14.826  -10.917 1.00 9.85  ? 37  SER A C   1 
ATOM 254  O O   . SER A 1 36  ? 13.344  14.915  -10.667 1.00 2.00  ? 37  SER A O   1 
ATOM 255  C CB  . SER A 1 36  ? 15.205  16.530  -12.716 1.00 7.07  ? 37  SER A CB  1 
ATOM 256  O OG  . SER A 1 36  ? 13.972  17.226  -12.763 1.00 5.96  ? 37  SER A OG  1 
ATOM 257  N N   . ARG A 1 37  ? 15.504  14.509  -10.057 1.00 11.70 ? 38  ARG A N   1 
ATOM 258  C CA  . ARG A 1 37  ? 15.248  14.219  -8.645  1.00 8.64  ? 38  ARG A CA  1 
ATOM 259  C C   . ARG A 1 37  ? 13.892  14.758  -8.189  1.00 6.06  ? 38  ARG A C   1 
ATOM 260  O O   . ARG A 1 37  ? 12.915  14.043  -7.942  1.00 18.37 ? 38  ARG A O   1 
ATOM 261  C CB  . ARG A 1 37  ? 16.325  14.762  -7.709  1.00 14.62 ? 38  ARG A CB  1 
ATOM 262  C CG  . ARG A 1 37  ? 17.676  14.095  -7.615  1.00 17.21 ? 38  ARG A CG  1 
ATOM 263  C CD  . ARG A 1 37  ? 17.661  12.698  -7.106  1.00 2.00  ? 38  ARG A CD  1 
ATOM 264  N NE  . ARG A 1 37  ? 17.901  11.735  -8.169  1.00 23.11 ? 38  ARG A NE  1 
ATOM 265  C CZ  . ARG A 1 37  ? 19.090  11.328  -8.618  1.00 23.52 ? 38  ARG A CZ  1 
ATOM 266  N NH1 . ARG A 1 37  ? 20.213  11.731  -8.019  1.00 7.85  ? 38  ARG A NH1 1 
ATOM 267  N NH2 . ARG A 1 37  ? 19.175  10.497  -9.658  1.00 15.31 ? 38  ARG A NH2 1 
ATOM 268  N N   . SER A 1 38  ? 13.855  16.068  -8.105  1.00 2.17  ? 39  SER A N   1 
ATOM 269  C CA  . SER A 1 38  ? 12.725  16.886  -7.692  1.00 2.00  ? 39  SER A CA  1 
ATOM 270  C C   . SER A 1 38  ? 11.367  16.480  -8.238  1.00 2.00  ? 39  SER A C   1 
ATOM 271  O O   . SER A 1 38  ? 10.361  16.566  -7.512  1.00 7.29  ? 39  SER A O   1 
ATOM 272  C CB  . SER A 1 38  ? 13.029  18.326  -8.104  1.00 4.17  ? 39  SER A CB  1 
ATOM 273  O OG  . SER A 1 38  ? 11.865  19.116  -8.238  1.00 27.43 ? 39  SER A OG  1 
ATOM 274  N N   . GLN A 1 39  ? 11.354  16.063  -9.481  1.00 3.35  ? 40  GLN A N   1 
ATOM 275  C CA  . GLN A 1 39  ? 10.132  15.680  -10.208 1.00 2.00  ? 40  GLN A CA  1 
ATOM 276  C C   . GLN A 1 39  ? 9.927   14.198  -10.459 1.00 2.00  ? 40  GLN A C   1 
ATOM 277  O O   . GLN A 1 39  ? 8.932   13.793  -11.096 1.00 2.00  ? 40  GLN A O   1 
ATOM 278  C CB  . GLN A 1 39  ? 10.198  16.501  -11.505 1.00 2.00  ? 40  GLN A CB  1 
ATOM 279  C CG  . GLN A 1 39  ? 9.061   16.438  -12.481 1.00 2.21  ? 40  GLN A CG  1 
ATOM 280  C CD  . GLN A 1 39  ? 8.884   17.662  -13.349 1.00 19.75 ? 40  GLN A CD  1 
ATOM 281  O OE1 . GLN A 1 39  ? 8.611   17.568  -14.547 1.00 13.16 ? 40  GLN A OE1 1 
ATOM 282  N NE2 . GLN A 1 39  ? 9.022   18.835  -12.732 1.00 14.11 ? 40  GLN A NE2 1 
ATOM 283  N N   . ALA A 1 40  ? 10.836  13.384  -9.961  1.00 2.00  ? 41  ALA A N   1 
ATOM 284  C CA  . ALA A 1 40  ? 10.797  11.931  -10.147 1.00 7.43  ? 41  ALA A CA  1 
ATOM 285  C C   . ALA A 1 40  ? 9.999   11.116  -9.141  1.00 4.90  ? 41  ALA A C   1 
ATOM 286  O O   . ALA A 1 40  ? 9.932   11.390  -7.938  1.00 15.12 ? 41  ALA A O   1 
ATOM 287  C CB  . ALA A 1 40  ? 12.241  11.420  -10.202 1.00 2.00  ? 41  ALA A CB  1 
ATOM 288  N N   . TYR A 1 41  ? 9.394   10.071  -9.686  1.00 7.08  ? 42  TYR A N   1 
ATOM 289  C CA  . TYR A 1 41  ? 8.607   9.083   -8.931  1.00 2.00  ? 42  TYR A CA  1 
ATOM 290  C C   . TYR A 1 41  ? 9.698   8.080   -8.501  1.00 2.00  ? 42  TYR A C   1 
ATOM 291  O O   . TYR A 1 41  ? 10.558  7.730   -9.329  1.00 16.19 ? 42  TYR A O   1 
ATOM 292  C CB  . TYR A 1 41  ? 7.506   8.371   -9.700  1.00 2.00  ? 42  TYR A CB  1 
ATOM 293  C CG  . TYR A 1 41  ? 6.252   9.135   -10.037 1.00 9.38  ? 42  TYR A CG  1 
ATOM 294  C CD1 . TYR A 1 41  ? 6.271   10.182  -10.964 1.00 5.53  ? 42  TYR A CD1 1 
ATOM 295  C CD2 . TYR A 1 41  ? 5.027   8.803   -9.451  1.00 2.00  ? 42  TYR A CD2 1 
ATOM 296  C CE1 . TYR A 1 41  ? 5.116   10.888  -11.289 1.00 4.32  ? 42  TYR A CE1 1 
ATOM 297  C CE2 . TYR A 1 41  ? 3.865   9.491   -9.762  1.00 2.00  ? 42  TYR A CE2 1 
ATOM 298  C CZ  . TYR A 1 41  ? 3.912   10.533  -10.682 1.00 19.35 ? 42  TYR A CZ  1 
ATOM 299  O OH  . TYR A 1 41  ? 2.750   11.198  -10.977 1.00 24.81 ? 42  TYR A OH  1 
ATOM 300  N N   . ARG A 1 42  ? 9.626   7.680   -7.258  1.00 2.00  ? 43  ARG A N   1 
ATOM 301  C CA  . ARG A 1 42  ? 10.588  6.754   -6.667  1.00 2.00  ? 43  ARG A CA  1 
ATOM 302  C C   . ARG A 1 42  ? 9.936   5.534   -6.037  1.00 2.00  ? 43  ARG A C   1 
ATOM 303  O O   . ARG A 1 42  ? 8.810   5.572   -5.522  1.00 8.31  ? 43  ARG A O   1 
ATOM 304  C CB  . ARG A 1 42  ? 11.380  7.515   -5.599  1.00 2.00  ? 43  ARG A CB  1 
ATOM 305  C CG  . ARG A 1 42  ? 12.877  7.679   -5.822  1.00 2.00  ? 43  ARG A CG  1 
ATOM 306  C CD  . ARG A 1 42  ? 13.606  6.676   -5.006  1.00 2.00  ? 43  ARG A CD  1 
ATOM 307  N NE  . ARG A 1 42  ? 14.957  7.049   -4.637  1.00 7.05  ? 43  ARG A NE  1 
ATOM 308  C CZ  . ARG A 1 42  ? 15.480  6.858   -3.422  1.00 4.51  ? 43  ARG A CZ  1 
ATOM 309  N NH1 . ARG A 1 42  ? 14.728  6.432   -2.408  1.00 5.91  ? 43  ARG A NH1 1 
ATOM 310  N NH2 . ARG A 1 42  ? 16.763  7.119   -3.188  1.00 12.54 ? 43  ARG A NH2 1 
ATOM 311  N N   . VAL A 1 43  ? 10.684  4.446   -6.091  1.00 4.78  ? 44  VAL A N   1 
ATOM 312  C CA  . VAL A 1 43  ? 10.299  3.149   -5.529  1.00 3.42  ? 44  VAL A CA  1 
ATOM 313  C C   . VAL A 1 43  ? 11.611  2.486   -5.078  1.00 2.00  ? 44  VAL A C   1 
ATOM 314  O O   . VAL A 1 43  ? 12.571  2.385   -5.842  1.00 3.50  ? 44  VAL A O   1 
ATOM 315  C CB  . VAL A 1 43  ? 9.438   2.236   -6.406  1.00 2.00  ? 44  VAL A CB  1 
ATOM 316  C CG1 . VAL A 1 43  ? 8.903   1.052   -5.589  1.00 2.00  ? 44  VAL A CG1 1 
ATOM 317  C CG2 . VAL A 1 43  ? 8.291   2.926   -7.115  1.00 2.00  ? 44  VAL A CG2 1 
ATOM 318  N N   . THR A 1 44  ? 11.595  2.071   -3.837  1.00 2.00  ? 45  THR A N   1 
ATOM 319  C CA  . THR A 1 44  ? 12.709  1.401   -3.156  1.00 2.00  ? 45  THR A CA  1 
ATOM 320  C C   . THR A 1 44  ? 12.090  0.184   -2.465  1.00 9.38  ? 45  THR A C   1 
ATOM 321  O O   . THR A 1 44  ? 10.966  0.283   -1.939  1.00 26.34 ? 45  THR A O   1 
ATOM 322  C CB  . THR A 1 44  ? 13.484  2.390   -2.210  1.00 2.00  ? 45  THR A CB  1 
ATOM 323  O OG1 . THR A 1 44  ? 14.441  3.108   -3.062  1.00 2.00  ? 45  THR A OG1 1 
ATOM 324  C CG2 . THR A 1 44  ? 14.196  1.785   -1.000  1.00 12.00 ? 45  THR A CG2 1 
ATOM 325  N N   . ALA A 1 45  ? 12.807  -0.917  -2.495  1.00 2.00  ? 46  ALA A N   1 
ATOM 326  C CA  . ALA A 1 45  ? 12.345  -2.173  -1.907  1.00 2.00  ? 46  ALA A CA  1 
ATOM 327  C C   . ALA A 1 45  ? 13.481  -3.111  -1.516  1.00 3.05  ? 46  ALA A C   1 
ATOM 328  O O   . ALA A 1 45  ? 14.465  -3.301  -2.240  1.00 2.00  ? 46  ALA A O   1 
ATOM 329  C CB  . ALA A 1 45  ? 11.419  -2.841  -2.922  1.00 2.00  ? 46  ALA A CB  1 
ATOM 330  N N   . SER A 1 46  ? 13.291  -3.685  -0.341  1.00 2.00  ? 47  SER A N   1 
ATOM 331  C CA  . SER A 1 46  ? 14.211  -4.644  0.281   1.00 2.00  ? 47  SER A CA  1 
ATOM 332  C C   . SER A 1 46  ? 13.360  -5.847  0.702   1.00 2.00  ? 47  SER A C   1 
ATOM 333  O O   . SER A 1 46  ? 12.123  -5.760  0.720   1.00 6.69  ? 47  SER A O   1 
ATOM 334  C CB  . SER A 1 46  ? 15.005  -4.064  1.426   1.00 2.00  ? 47  SER A CB  1 
ATOM 335  O OG  . SER A 1 46  ? 14.208  -3.432  2.408   1.00 12.77 ? 47  SER A OG  1 
ATOM 336  N N   . TYR A 1 47  ? 14.043  -6.930  1.002   1.00 12.00 ? 48  TYR A N   1 
ATOM 337  C CA  . TYR A 1 47  ? 13.423  -8.196  1.415   1.00 2.00  ? 48  TYR A CA  1 
ATOM 338  C C   . TYR A 1 47  ? 14.370  -8.933  2.356   1.00 2.00  ? 48  TYR A C   1 
ATOM 339  O O   . TYR A 1 47  ? 15.476  -9.279  1.906   1.00 18.67 ? 48  TYR A O   1 
ATOM 340  C CB  . TYR A 1 47  ? 13.099  -9.069  0.201   1.00 2.00  ? 48  TYR A CB  1 
ATOM 341  C CG  . TYR A 1 47  ? 12.391  -10.382 0.410   1.00 7.84  ? 48  TYR A CG  1 
ATOM 342  C CD1 . TYR A 1 47  ? 11.240  -10.469 1.191   1.00 4.96  ? 48  TYR A CD1 1 
ATOM 343  C CD2 . TYR A 1 47  ? 12.863  -11.565 -0.178  1.00 5.14  ? 48  TYR A CD2 1 
ATOM 344  C CE1 . TYR A 1 47  ? 10.568  -11.672 1.369   1.00 10.10 ? 48  TYR A CE1 1 
ATOM 345  C CE2 . TYR A 1 47  ? 12.212  -12.782 -0.003  1.00 2.00  ? 48  TYR A CE2 1 
ATOM 346  C CZ  . TYR A 1 47  ? 11.059  -12.825 0.772   1.00 5.99  ? 48  TYR A CZ  1 
ATOM 347  O OH  . TYR A 1 47  ? 10.370  -13.989 0.987   1.00 18.84 ? 48  TYR A OH  1 
ATOM 348  N N   . ARG A 1 48  ? 13.912  -9.136  3.578   1.00 2.00  ? 49  ARG A N   1 
ATOM 349  C CA  . ARG A 1 48  ? 14.738  -9.846  4.573   1.00 2.43  ? 49  ARG A CA  1 
ATOM 350  C C   . ARG A 1 48  ? 13.893  -10.761 5.451   1.00 2.00  ? 49  ARG A C   1 
ATOM 351  O O   . ARG A 1 48  ? 12.670  -10.844 5.268   1.00 21.72 ? 49  ARG A O   1 
ATOM 352  C CB  . ARG A 1 48  ? 15.589  -8.909  5.397   1.00 3.14  ? 49  ARG A CB  1 
ATOM 353  C CG  . ARG A 1 48  ? 14.959  -7.910  6.345   1.00 14.72 ? 49  ARG A CG  1 
ATOM 354  C CD  . ARG A 1 48  ? 15.979  -7.247  7.210   1.00 14.28 ? 49  ARG A CD  1 
ATOM 355  N NE  . ARG A 1 48  ? 17.332  -7.382  6.696   1.00 23.39 ? 49  ARG A NE  1 
ATOM 356  C CZ  . ARG A 1 48  ? 18.301  -8.162  7.165   1.00 11.97 ? 49  ARG A CZ  1 
ATOM 357  N NH1 . ARG A 1 48  ? 18.148  -8.785  8.330   1.00 32.00 ? 49  ARG A NH1 1 
ATOM 358  N NH2 . ARG A 1 48  ? 19.431  -8.303  6.479   1.00 12.00 ? 49  ARG A NH2 1 
ATOM 359  N N   . ALA A 1 49  ? 14.575  -11.422 6.369   1.00 2.15  ? 50  ALA A N   1 
ATOM 360  C CA  . ALA A 1 49  ? 13.935  -12.360 7.303   1.00 3.38  ? 50  ALA A CA  1 
ATOM 361  C C   . ALA A 1 49  ? 13.743  -11.740 8.682   1.00 2.00  ? 50  ALA A C   1 
ATOM 362  O O   . ALA A 1 49  ? 14.662  -11.127 9.241   1.00 16.90 ? 50  ALA A O   1 
ATOM 363  C CB  . ALA A 1 49  ? 14.767  -13.633 7.387   1.00 4.49  ? 50  ALA A CB  1 
ATOM 364  N N   . SER A 1 50  ? 12.545  -11.922 9.195   1.00 2.00  ? 51  SER A N   1 
ATOM 365  C CA  . SER A 1 50  ? 12.145  -11.423 10.522  1.00 2.96  ? 51  SER A CA  1 
ATOM 366  C C   . SER A 1 50  ? 12.111  -12.626 11.473  1.00 2.00  ? 51  SER A C   1 
ATOM 367  O O   . SER A 1 50  ? 11.180  -13.449 11.435  1.00 2.00  ? 51  SER A O   1 
ATOM 368  C CB  . SER A 1 50  ? 10.811  -10.706 10.495  1.00 14.37 ? 51  SER A CB  1 
ATOM 369  O OG  . SER A 1 50  ? 10.903  -9.360  10.075  1.00 7.59  ? 51  SER A OG  1 
ATOM 370  N N   . GLY A 1 51  ? 13.137  -12.697 12.296  1.00 2.00  ? 52  GLY A N   1 
ATOM 371  C CA  . GLY A 1 51  ? 13.246  -13.815 13.258  1.00 14.83 ? 52  GLY A CA  1 
ATOM 372  C C   . GLY A 1 51  ? 13.330  -15.102 12.429  1.00 2.00  ? 52  GLY A C   1 
ATOM 373  O O   . GLY A 1 51  ? 13.855  -15.151 11.309  1.00 8.72  ? 52  GLY A O   1 
ATOM 374  N N   . ALA A 1 52  ? 12.784  -16.149 13.000  1.00 8.67  ? 53  ALA A N   1 
ATOM 375  C CA  . ALA A 1 52  ? 12.752  -17.503 12.491  1.00 4.15  ? 53  ALA A CA  1 
ATOM 376  C C   . ALA A 1 52  ? 11.734  -18.013 11.491  1.00 11.46 ? 53  ALA A C   1 
ATOM 377  O O   . ALA A 1 52  ? 12.101  -18.812 10.600  1.00 3.41  ? 53  ALA A O   1 
ATOM 378  C CB  . ALA A 1 52  ? 12.536  -18.396 13.746  1.00 2.00  ? 53  ALA A CB  1 
ATOM 379  N N   . ASP A 1 53  ? 10.497  -17.604 11.684  1.00 9.83  ? 54  ASP A N   1 
ATOM 380  C CA  . ASP A 1 53  ? 9.374   -18.074 10.863  1.00 8.28  ? 54  ASP A CA  1 
ATOM 381  C C   . ASP A 1 53  ? 8.779   -17.116 9.847   1.00 15.87 ? 54  ASP A C   1 
ATOM 382  O O   . ASP A 1 53  ? 7.750   -17.525 9.256   1.00 16.49 ? 54  ASP A O   1 
ATOM 383  C CB  . ASP A 1 53  ? 8.311   -18.549 11.883  1.00 2.00  ? 54  ASP A CB  1 
ATOM 384  C CG  . ASP A 1 53  ? 7.778   -17.390 12.712  1.00 8.43  ? 54  ASP A CG  1 
ATOM 385  O OD1 . ASP A 1 53  ? 8.527   -16.498 13.142  1.00 2.00  ? 54  ASP A OD1 1 
ATOM 386  O OD2 . ASP A 1 53  ? 6.545   -17.362 12.938  1.00 20.81 ? 54  ASP A OD2 1 
ATOM 387  N N   . LYS A 1 54  ? 9.374   -15.948 9.668   1.00 2.00  ? 55  LYS A N   1 
ATOM 388  C CA  . LYS A 1 54  ? 8.814   -14.976 8.722   1.00 2.00  ? 55  LYS A CA  1 
ATOM 389  C C   . LYS A 1 54  ? 9.800   -14.135 7.924   1.00 2.00  ? 55  LYS A C   1 
ATOM 390  O O   . LYS A 1 54  ? 10.977  -13.983 8.268   1.00 2.00  ? 55  LYS A O   1 
ATOM 391  C CB  . LYS A 1 54  ? 7.947   -13.980 9.500   1.00 7.65  ? 55  LYS A CB  1 
ATOM 392  C CG  . LYS A 1 54  ? 6.799   -14.561 10.311  1.00 2.00  ? 55  LYS A CG  1 
ATOM 393  C CD  . LYS A 1 54  ? 6.332   -13.553 11.349  1.00 2.00  ? 55  LYS A CD  1 
ATOM 394  C CE  . LYS A 1 54  ? 5.730   -14.251 12.548  1.00 2.00  ? 55  LYS A CE  1 
ATOM 395  N NZ  . LYS A 1 54  ? 5.850   -13.395 13.757  1.00 2.00  ? 55  LYS A NZ  1 
ATOM 396  N N   . ARG A 1 55  ? 9.253   -13.573 6.857   1.00 2.00  ? 56  ARG A N   1 
ATOM 397  C CA  . ARG A 1 55  ? 9.971   -12.700 5.923   1.00 5.88  ? 56  ARG A CA  1 
ATOM 398  C C   . ARG A 1 55  ? 9.371   -11.289 5.971   1.00 4.00  ? 56  ARG A C   1 
ATOM 399  O O   . ARG A 1 55  ? 8.148   -11.114 6.091   1.00 8.84  ? 56  ARG A O   1 
ATOM 400  C CB  . ARG A 1 55  ? 9.954   -13.213 4.488   1.00 15.16 ? 56  ARG A CB  1 
ATOM 401  C CG  . ARG A 1 55  ? 10.348  -14.659 4.247   1.00 15.07 ? 56  ARG A CG  1 
ATOM 402  C CD  . ARG A 1 55  ? 11.819  -14.878 4.310   1.00 2.00  ? 56  ARG A CD  1 
ATOM 403  N NE  . ARG A 1 55  ? 12.507  -14.141 3.266   1.00 10.87 ? 56  ARG A NE  1 
ATOM 404  C CZ  . ARG A 1 55  ? 13.819  -13.938 3.196   1.00 11.59 ? 56  ARG A CZ  1 
ATOM 405  N NH1 . ARG A 1 55  ? 14.660  -14.498 4.063   1.00 10.45 ? 56  ARG A NH1 1 
ATOM 406  N NH2 . ARG A 1 55  ? 14.313  -13.162 2.235   1.00 28.32 ? 56  ARG A NH2 1 
ATOM 407  N N   . LYS A 1 56  ? 10.260  -10.320 5.871   1.00 2.00  ? 57  LYS A N   1 
ATOM 408  C CA  . LYS A 1 56  ? 9.894   -8.898  5.905   1.00 8.05  ? 57  LYS A CA  1 
ATOM 409  C C   . LYS A 1 56  ? 10.207  -8.178  4.598   1.00 6.12  ? 57  LYS A C   1 
ATOM 410  O O   . LYS A 1 56  ? 11.168  -8.491  3.878   1.00 16.55 ? 57  LYS A O   1 
ATOM 411  C CB  . LYS A 1 56  ? 10.609  -8.237  7.075   1.00 6.05  ? 57  LYS A CB  1 
ATOM 412  C CG  . LYS A 1 56  ? 9.726   -7.382  7.970   1.00 6.29  ? 57  LYS A CG  1 
ATOM 413  C CD  . LYS A 1 56  ? 9.238   -6.109  7.290   1.00 2.00  ? 57  LYS A CD  1 
ATOM 414  C CE  . LYS A 1 56  ? 9.169   -4.998  8.327   1.00 15.77 ? 57  LYS A CE  1 
ATOM 415  N NZ  . LYS A 1 56  ? 10.532  -4.758  8.879   1.00 2.00  ? 57  LYS A NZ  1 
ATOM 416  N N   . TYR A 1 57  ? 9.371   -7.202  4.300   1.00 12.77 ? 58  TYR A N   1 
ATOM 417  C CA  . TYR A 1 57  ? 9.452   -6.364  3.097   1.00 6.65  ? 58  TYR A CA  1 
ATOM 418  C C   . TYR A 1 57  ? 9.326   -4.884  3.482   1.00 2.78  ? 58  TYR A C   1 
ATOM 419  O O   . TYR A 1 57  ? 8.418   -4.495  4.229   1.00 2.00  ? 58  TYR A O   1 
ATOM 420  C CB  . TYR A 1 57  ? 8.358   -6.680  2.091   1.00 2.00  ? 58  TYR A CB  1 
ATOM 421  C CG  . TYR A 1 57  ? 8.408   -7.817  1.117   1.00 2.47  ? 58  TYR A CG  1 
ATOM 422  C CD1 . TYR A 1 57  ? 9.244   -7.771  0.000   1.00 2.00  ? 58  TYR A CD1 1 
ATOM 423  C CD2 . TYR A 1 57  ? 7.596   -8.950  1.276   1.00 2.00  ? 58  TYR A CD2 1 
ATOM 424  C CE1 . TYR A 1 57  ? 9.283   -8.805  -0.926  1.00 2.00  ? 58  TYR A CE1 1 
ATOM 425  C CE2 . TYR A 1 57  ? 7.626   -10.001 0.362   1.00 2.00  ? 58  TYR A CE2 1 
ATOM 426  C CZ  . TYR A 1 57  ? 8.473   -9.918  -0.741  1.00 2.00  ? 58  TYR A CZ  1 
ATOM 427  O OH  . TYR A 1 57  ? 8.545   -10.922 -1.670  1.00 11.70 ? 58  TYR A OH  1 
ATOM 428  N N   . THR A 1 58  ? 10.246  -4.108  2.953   1.00 13.21 ? 59  THR A N   1 
ATOM 429  C CA  . THR A 1 58  ? 10.300  -2.659  3.206   1.00 5.50  ? 59  THR A CA  1 
ATOM 430  C C   . THR A 1 58  ? 10.277  -1.942  1.866   1.00 2.00  ? 59  THR A C   1 
ATOM 431  O O   . THR A 1 58  ? 11.260  -1.976  1.118   1.00 5.09  ? 59  THR A O   1 
ATOM 432  C CB  . THR A 1 58  ? 11.562  -2.294  4.076   1.00 21.54 ? 59  THR A CB  1 
ATOM 433  O OG1 . THR A 1 58  ? 11.854  -3.491  4.872   1.00 2.00  ? 59  THR A OG1 1 
ATOM 434  C CG2 . THR A 1 58  ? 11.372  -1.038  4.932   1.00 22.65 ? 59  THR A CG2 1 
ATOM 435  N N   . ILE A 1 59  ? 9.148   -1.333  1.590   1.00 2.10  ? 60  ILE A N   1 
ATOM 436  C CA  . ILE A 1 59  ? 8.874   -0.581  0.366   1.00 2.00  ? 60  ILE A CA  1 
ATOM 437  C C   . ILE A 1 59  ? 8.704   0.901   0.709   1.00 2.00  ? 60  ILE A C   1 
ATOM 438  O O   . ILE A 1 59  ? 8.147   1.220   1.768   1.00 2.00  ? 60  ILE A O   1 
ATOM 439  C CB  . ILE A 1 59  ? 7.558   -1.080  -0.337  1.00 2.92  ? 60  ILE A CB  1 
ATOM 440  C CG1 . ILE A 1 59  ? 7.548   -2.620  -0.482  1.00 5.90  ? 60  ILE A CG1 1 
ATOM 441  C CG2 . ILE A 1 59  ? 7.294   -0.354  -1.684  1.00 6.38  ? 60  ILE A CG2 1 
ATOM 442  C CD1 . ILE A 1 59  ? 6.174   -3.195  -0.938  1.00 11.34 ? 60  ILE A CD1 1 
ATOM 443  N N   . LYS A 1 60  ? 9.166   1.728   -0.200  1.00 2.00  ? 61  LYS A N   1 
ATOM 444  C CA  . LYS A 1 60  ? 9.065   3.192   -0.042  1.00 4.62  ? 61  LYS A CA  1 
ATOM 445  C C   . LYS A 1 60  ? 8.760   3.792   -1.410  1.00 2.00  ? 61  LYS A C   1 
ATOM 446  O O   . LYS A 1 60  ? 9.393   3.396   -2.404  1.00 19.39 ? 61  LYS A O   1 
ATOM 447  C CB  . LYS A 1 60  ? 10.316  3.784   0.595   1.00 2.00  ? 61  LYS A CB  1 
ATOM 448  C CG  . LYS A 1 60  ? 10.379  3.514   2.098   1.00 2.00  ? 61  LYS A CG  1 
ATOM 449  C CD  . LYS A 1 60  ? 11.783  3.590   2.668   1.00 4.96  ? 61  LYS A CD  1 
ATOM 450  C CE  . LYS A 1 60  ? 11.801  3.190   4.132   1.00 17.28 ? 61  LYS A CE  1 
ATOM 451  N NZ  . LYS A 1 60  ? 13.174  2.814   4.556   1.00 9.35  ? 61  LYS A NZ  1 
ATOM 452  N N   . LEU A 1 61  ? 7.808   4.700   -1.434  1.00 2.00  ? 62  LEU A N   1 
ATOM 453  C CA  . LEU A 1 61  ? 7.391   5.377   -2.670  1.00 5.18  ? 62  LEU A CA  1 
ATOM 454  C C   . LEU A 1 61  ? 7.321   6.892   -2.478  1.00 2.00  ? 62  LEU A C   1 
ATOM 455  O O   . LEU A 1 61  ? 6.827   7.395   -1.461  1.00 3.42  ? 62  LEU A O   1 
ATOM 456  C CB  . LEU A 1 61  ? 6.067   4.753   -3.126  1.00 7.73  ? 62  LEU A CB  1 
ATOM 457  C CG  . LEU A 1 61  ? 4.903   5.673   -3.466  1.00 2.00  ? 62  LEU A CG  1 
ATOM 458  C CD1 . LEU A 1 61  ? 5.006   6.211   -4.885  1.00 2.00  ? 62  LEU A CD1 1 
ATOM 459  C CD2 . LEU A 1 61  ? 3.606   4.892   -3.289  1.00 2.74  ? 62  LEU A CD2 1 
ATOM 460  N N   . GLU A 1 62  ? 7.801   7.580   -3.494  1.00 4.95  ? 63  GLU A N   1 
ATOM 461  C CA  . GLU A 1 62  ? 7.813   9.047   -3.549  1.00 11.61 ? 63  GLU A CA  1 
ATOM 462  C C   . GLU A 1 62  ? 7.191   9.452   -4.886  1.00 2.00  ? 63  GLU A C   1 
ATOM 463  O O   . GLU A 1 62  ? 7.665   9.084   -5.961  1.00 2.00  ? 63  GLU A O   1 
ATOM 464  C CB  . GLU A 1 62  ? 9.186   9.688   -3.434  1.00 6.51  ? 63  GLU A CB  1 
ATOM 465  C CG  . GLU A 1 62  ? 10.087  9.219   -2.298  1.00 7.14  ? 63  GLU A CG  1 
ATOM 466  C CD  . GLU A 1 62  ? 11.530  9.627   -2.327  1.00 10.47 ? 63  GLU A CD  1 
ATOM 467  O OE1 . GLU A 1 62  ? 11.850  10.296  -3.335  1.00 10.81 ? 63  GLU A OE1 1 
ATOM 468  O OE2 . GLU A 1 62  ? 12.313  9.330   -1.436  1.00 2.55  ? 63  GLU A OE2 1 
ATOM 469  N N   . VAL A 1 63  ? 6.117   10.195  -4.771  1.00 2.00  ? 64  VAL A N   1 
ATOM 470  C CA  . VAL A 1 63  ? 5.339   10.705  -5.906  1.00 8.52  ? 64  VAL A CA  1 
ATOM 471  C C   . VAL A 1 63  ? 5.278   12.231  -5.784  1.00 2.00  ? 64  VAL A C   1 
ATOM 472  O O   . VAL A 1 63  ? 4.932   12.755  -4.716  1.00 2.00  ? 64  VAL A O   1 
ATOM 473  C CB  . VAL A 1 63  ? 3.980   9.982   -5.996  1.00 16.63 ? 64  VAL A CB  1 
ATOM 474  C CG1 . VAL A 1 63  ? 3.455   9.454   -4.661  1.00 18.68 ? 64  VAL A CG1 1 
ATOM 475  C CG2 . VAL A 1 63  ? 2.881   10.811  -6.652  1.00 2.00  ? 64  VAL A CG2 1 
ATOM 476  N N   . PRO A 1 64  ? 5.610   12.880  -6.883  1.00 2.00  ? 65  PRO A N   1 
ATOM 477  C CA  . PRO A 1 64  ? 5.593   14.343  -6.977  1.00 8.19  ? 65  PRO A CA  1 
ATOM 478  C C   . PRO A 1 64  ? 4.237   14.852  -7.455  1.00 5.53  ? 65  PRO A C   1 
ATOM 479  O O   . PRO A 1 64  ? 3.461   14.064  -8.030  1.00 13.09 ? 65  PRO A O   1 
ATOM 480  C CB  . PRO A 1 64  ? 6.692   14.633  -8.004  1.00 2.00  ? 65  PRO A CB  1 
ATOM 481  C CG  . PRO A 1 64  ? 6.678   13.435  -8.909  1.00 9.14  ? 65  PRO A CG  1 
ATOM 482  C CD  . PRO A 1 64  ? 6.021   12.285  -8.165  1.00 2.20  ? 65  PRO A CD  1 
ATOM 483  N N   . LYS A 1 65  ? 4.004   16.133  -7.230  1.00 14.44 ? 66  LYS A N   1 
ATOM 484  C CA  . LYS A 1 65  ? 2.749   16.773  -7.664  1.00 8.89  ? 66  LYS A CA  1 
ATOM 485  C C   . LYS A 1 65  ? 3.033   17.667  -8.868  1.00 10.35 ? 66  LYS A C   1 
ATOM 486  O O   . LYS A 1 65  ? 4.067   18.350  -8.918  1.00 10.30 ? 66  LYS A O   1 
ATOM 487  C CB  . LYS A 1 65  ? 2.048   17.533  -6.551  1.00 2.00  ? 66  LYS A CB  1 
ATOM 488  C CG  . LYS A 1 65  ? 0.525   17.351  -6.567  1.00 11.82 ? 66  LYS A CG  1 
ATOM 489  C CD  . LYS A 1 65  ? 0.092   15.891  -6.531  1.00 22.57 ? 66  LYS A CD  1 
ATOM 490  C CE  . LYS A 1 65  ? 0.513   15.183  -5.259  1.00 45.73 ? 66  LYS A CE  1 
ATOM 491  N NZ  . LYS A 1 65  ? 1.066   13.837  -5.543  1.00 40.94 ? 66  LYS A NZ  1 
ATOM 492  N N   . ILE A 1 66  ? 2.116   17.644  -9.817  1.00 19.58 ? 67  ILE A N   1 
ATOM 493  C CA  . ILE A 1 66  ? 2.193   18.409  -11.063 1.00 33.17 ? 67  ILE A CA  1 
ATOM 494  C C   . ILE A 1 66  ? 2.720   19.830  -10.898 1.00 35.04 ? 67  ILE A C   1 
ATOM 495  O O   . ILE A 1 66  ? 3.914   20.126  -11.039 1.00 27.58 ? 67  ILE A O   1 
ATOM 496  C CB  . ILE A 1 66  ? 0.814   18.391  -11.825 1.00 31.48 ? 67  ILE A CB  1 
ATOM 497  C CG1 . ILE A 1 66  ? 0.332   16.939  -12.049 1.00 40.64 ? 67  ILE A CG1 1 
ATOM 498  C CG2 . ILE A 1 66  ? 0.882   19.178  -13.163 1.00 42.40 ? 67  ILE A CG2 1 
ATOM 499  C CD1 . ILE A 1 66  ? -1.087  16.810  -12.673 1.00 36.08 ? 67  ILE A CD1 1 
ATOM 500  N N   . VAL A 1 67  ? 1.797   20.723  -10.620 1.00 48.12 ? 68  VAL A N   1 
ATOM 501  C CA  . VAL A 1 67  ? 1.984   22.157  -10.418 1.00 55.62 ? 68  VAL A CA  1 
ATOM 502  C C   . VAL A 1 67  ? 3.436   22.615  -10.367 1.00 56.51 ? 68  VAL A C   1 
ATOM 503  O O   . VAL A 1 67  ? 3.978   23.284  -11.259 1.00 60.04 ? 68  VAL A O   1 
ATOM 504  C CB  . VAL A 1 67  ? 1.147   22.564  -9.181  1.00 60.36 ? 68  VAL A CB  1 
ATOM 505  C CG1 . VAL A 1 67  ? 1.407   21.698  -7.952  1.00 60.20 ? 68  VAL A CG1 1 
ATOM 506  C CG2 . VAL A 1 67  ? 1.294   24.039  -8.845  1.00 68.96 ? 68  VAL A CG2 1 
ATOM 507  N N   . GLU A 1 75  ? 11.295  28.027  -2.966  1.00 59.94 ? 76  GLU A N   1 
ATOM 508  C CA  . GLU A 1 75  ? 10.519  27.024  -2.226  1.00 47.39 ? 76  GLU A CA  1 
ATOM 509  C C   . GLU A 1 75  ? 10.730  25.587  -2.642  1.00 51.40 ? 76  GLU A C   1 
ATOM 510  O O   . GLU A 1 75  ? 10.921  24.788  -1.693  1.00 52.33 ? 76  GLU A O   1 
ATOM 511  C CB  . GLU A 1 75  ? 9.046   27.414  -2.120  1.00 39.74 ? 76  GLU A CB  1 
ATOM 512  C CG  . GLU A 1 75  ? 8.756   28.513  -1.088  1.00 44.07 ? 76  GLU A CG  1 
ATOM 513  C CD  . GLU A 1 75  ? 9.626   28.530  0.138   1.00 47.32 ? 76  GLU A CD  1 
ATOM 514  O OE1 . GLU A 1 75  ? 9.223   27.764  1.038   1.00 56.48 ? 76  GLU A OE1 1 
ATOM 515  O OE2 . GLU A 1 75  ? 10.640  29.198  0.249   1.00 48.52 ? 76  GLU A OE2 1 
ATOM 516  N N   . LEU A 1 76  ? 10.721  25.276  -3.926  1.00 59.35 ? 77  LEU A N   1 
ATOM 517  C CA  . LEU A 1 76  ? 10.933  23.880  -4.346  1.00 58.19 ? 77  LEU A CA  1 
ATOM 518  C C   . LEU A 1 76  ? 11.850  23.684  -5.548  1.00 53.18 ? 77  LEU A C   1 
ATOM 519  O O   . LEU A 1 76  ? 11.425  23.107  -6.565  1.00 57.49 ? 77  LEU A O   1 
ATOM 520  C CB  . LEU A 1 76  ? 9.566   23.210  -4.487  1.00 64.33 ? 77  LEU A CB  1 
ATOM 521  C CG  . LEU A 1 76  ? 8.328   23.855  -5.061  1.00 64.03 ? 77  LEU A CG  1 
ATOM 522  C CD1 . LEU A 1 76  ? 7.676   24.817  -4.069  1.00 64.45 ? 77  LEU A CD1 1 
ATOM 523  C CD2 . LEU A 1 76  ? 8.641   24.596  -6.359  1.00 58.43 ? 77  LEU A CD2 1 
ATOM 524  N N   . PRO A 1 77  ? 13.085  24.132  -5.397  1.00 56.37 ? 78  PRO A N   1 
ATOM 525  C CA  . PRO A 1 77  ? 14.106  24.000  -6.448  1.00 59.37 ? 78  PRO A CA  1 
ATOM 526  C C   . PRO A 1 77  ? 14.435  22.518  -6.624  1.00 52.61 ? 78  PRO A C   1 
ATOM 527  O O   . PRO A 1 77  ? 14.424  21.929  -7.711  1.00 26.26 ? 78  PRO A O   1 
ATOM 528  C CB  . PRO A 1 77  ? 15.296  24.821  -5.973  1.00 59.91 ? 78  PRO A CB  1 
ATOM 529  C CG  . PRO A 1 77  ? 14.845  25.557  -4.745  1.00 56.29 ? 78  PRO A CG  1 
ATOM 530  C CD  . PRO A 1 77  ? 13.640  24.800  -4.211  1.00 56.68 ? 78  PRO A CD  1 
ATOM 531  N N   . VAL A 1 78  ? 14.731  21.930  -5.482  1.00 63.79 ? 79  VAL A N   1 
ATOM 532  C CA  . VAL A 1 78  ? 15.072  20.509  -5.325  1.00 77.45 ? 79  VAL A CA  1 
ATOM 533  C C   . VAL A 1 78  ? 14.392  20.014  -4.044  1.00 80.38 ? 79  VAL A C   1 
ATOM 534  O O   . VAL A 1 78  ? 14.544  18.861  -3.621  1.00 81.56 ? 79  VAL A O   1 
ATOM 535  C CB  . VAL A 1 78  ? 16.593  20.305  -5.386  1.00 83.11 ? 79  VAL A CB  1 
ATOM 536  C CG1 . VAL A 1 78  ? 17.325  20.857  -4.168  1.00 87.77 ? 79  VAL A CG1 1 
ATOM 537  C CG2 . VAL A 1 78  ? 16.965  18.849  -5.629  1.00 82.46 ? 79  VAL A CG2 1 
ATOM 538  N N   . SER A 1 79  ? 13.642  20.931  -3.456  1.00 84.15 ? 80  SER A N   1 
ATOM 539  C CA  . SER A 1 79  ? 12.879  20.706  -2.222  1.00 83.11 ? 80  SER A CA  1 
ATOM 540  C C   . SER A 1 79  ? 11.755  19.709  -2.522  1.00 79.43 ? 80  SER A C   1 
ATOM 541  O O   . SER A 1 79  ? 11.261  19.634  -3.658  1.00 78.79 ? 80  SER A O   1 
ATOM 542  C CB  . SER A 1 79  ? 12.335  21.996  -1.642  1.00 90.09 ? 80  SER A CB  1 
ATOM 543  O OG  . SER A 1 79  ? 11.616  21.762  -0.443  1.00 97.44 ? 80  SER A OG  1 
ATOM 544  N N   . ALA A 1 80  ? 11.378  18.982  -1.487  1.00 71.39 ? 81  ALA A N   1 
ATOM 545  C CA  . ALA A 1 80  ? 10.364  17.939  -1.561  1.00 58.25 ? 81  ALA A CA  1 
ATOM 546  C C   . ALA A 1 80  ? 8.889   18.189  -1.315  1.00 54.72 ? 81  ALA A C   1 
ATOM 547  O O   . ALA A 1 80  ? 8.361   18.063  -0.199  1.00 51.09 ? 81  ALA A O   1 
ATOM 548  C CB  . ALA A 1 80  ? 10.833  16.825  -0.602  1.00 61.53 ? 81  ALA A CB  1 
ATOM 549  N N   . TRP A 1 81  ? 8.209   18.499  -2.405  1.00 55.51 ? 82  TRP A N   1 
ATOM 550  C CA  . TRP A 1 81  ? 6.749   18.712  -2.458  1.00 36.79 ? 82  TRP A CA  1 
ATOM 551  C C   . TRP A 1 81  ? 6.376   17.364  -3.119  1.00 14.51 ? 82  TRP A C   1 
ATOM 552  O O   . TRP A 1 81  ? 5.953   17.293  -4.274  1.00 8.31  ? 82  TRP A O   1 
ATOM 553  C CB  . TRP A 1 81  ? 6.236   19.870  -3.272  1.00 48.07 ? 82  TRP A CB  1 
ATOM 554  C CG  . TRP A 1 81  ? 4.856   20.357  -3.015  1.00 55.43 ? 82  TRP A CG  1 
ATOM 555  C CD1 . TRP A 1 81  ? 4.478   21.663  -2.846  1.00 63.69 ? 82  TRP A CD1 1 
ATOM 556  C CD2 . TRP A 1 81  ? 3.657   19.579  -2.885  1.00 53.78 ? 82  TRP A CD2 1 
ATOM 557  N NE1 . TRP A 1 81  ? 3.122   21.743  -2.624  1.00 74.29 ? 82  TRP A NE1 1 
ATOM 558  C CE2 . TRP A 1 81  ? 2.597   20.480  -2.643  1.00 59.15 ? 82  TRP A CE2 1 
ATOM 559  C CE3 . TRP A 1 81  ? 3.386   18.221  -2.952  1.00 58.80 ? 82  TRP A CE3 1 
ATOM 560  C CZ2 . TRP A 1 81  ? 1.287   20.060  -2.469  1.00 61.24 ? 82  TRP A CZ2 1 
ATOM 561  C CZ3 . TRP A 1 81  ? 2.086   17.792  -2.779  1.00 60.39 ? 82  TRP A CZ3 1 
ATOM 562  C CH2 . TRP A 1 81  ? 1.052   18.694  -2.543  1.00 61.37 ? 82  TRP A CH2 1 
ATOM 563  N N   . LYS A 1 82  ? 6.640   16.349  -2.319  1.00 5.06  ? 83  LYS A N   1 
ATOM 564  C CA  . LYS A 1 82  ? 6.408   14.956  -2.705  1.00 2.00  ? 83  LYS A CA  1 
ATOM 565  C C   . LYS A 1 82  ? 5.574   14.328  -1.583  1.00 2.00  ? 83  LYS A C   1 
ATOM 566  O O   . LYS A 1 82  ? 5.602   14.853  -0.462  1.00 2.69  ? 83  LYS A O   1 
ATOM 567  C CB  . LYS A 1 82  ? 7.685   14.138  -2.804  1.00 2.00  ? 83  LYS A CB  1 
ATOM 568  C CG  . LYS A 1 82  ? 8.919   14.732  -3.451  1.00 2.00  ? 83  LYS A CG  1 
ATOM 569  C CD  . LYS A 1 82  ? 9.210   14.114  -4.810  1.00 5.06  ? 83  LYS A CD  1 
ATOM 570  C CE  . LYS A 1 82  ? 10.692  14.145  -5.140  1.00 2.00  ? 83  LYS A CE  1 
ATOM 571  N NZ  . LYS A 1 82  ? 11.118  12.838  -5.703  1.00 2.00  ? 83  LYS A NZ  1 
ATOM 572  N N   . ALA A 1 83  ? 4.901   13.257  -1.947  1.00 2.00  ? 84  ALA A N   1 
ATOM 573  C CA  . ALA A 1 83  ? 4.094   12.495  -0.978  1.00 2.00  ? 84  ALA A CA  1 
ATOM 574  C C   . ALA A 1 83  ? 5.037   11.314  -0.686  1.00 2.00  ? 84  ALA A C   1 
ATOM 575  O O   . ALA A 1 83  ? 5.725   10.841  -1.605  1.00 2.00  ? 84  ALA A O   1 
ATOM 576  C CB  . ALA A 1 83  ? 2.727   12.097  -1.459  1.00 2.00  ? 84  ALA A CB  1 
ATOM 577  N N   . TYR A 1 84  ? 5.054   10.924  0.565   1.00 2.00  ? 85  TYR A N   1 
ATOM 578  C CA  . TYR A 1 84  ? 5.907   9.826   1.030   1.00 2.00  ? 85  TYR A CA  1 
ATOM 579  C C   . TYR A 1 84  ? 5.070   8.705   1.631   1.00 2.00  ? 85  TYR A C   1 
ATOM 580  O O   . TYR A 1 84  ? 4.179   8.948   2.453   1.00 2.00  ? 85  TYR A O   1 
ATOM 581  C CB  . TYR A 1 84  ? 6.939   10.354  2.035   1.00 2.00  ? 85  TYR A CB  1 
ATOM 582  C CG  . TYR A 1 84  ? 7.986   11.239  1.397   1.00 9.03  ? 85  TYR A CG  1 
ATOM 583  C CD1 . TYR A 1 84  ? 9.154   10.708  0.851   1.00 2.00  ? 85  TYR A CD1 1 
ATOM 584  C CD2 . TYR A 1 84  ? 7.804   12.621  1.355   1.00 18.70 ? 85  TYR A CD2 1 
ATOM 585  C CE1 . TYR A 1 84  ? 10.115  11.537  0.277   1.00 16.15 ? 85  TYR A CE1 1 
ATOM 586  C CE2 . TYR A 1 84  ? 8.753   13.457  0.775   1.00 13.70 ? 85  TYR A CE2 1 
ATOM 587  C CZ  . TYR A 1 84  ? 9.908   12.914  0.238   1.00 11.56 ? 85  TYR A CZ  1 
ATOM 588  O OH  . TYR A 1 84  ? 10.824  13.761  -0.318  1.00 14.79 ? 85  TYR A OH  1 
ATOM 589  N N   . ALA A 1 85  ? 5.406   7.509   1.187   1.00 4.43  ? 86  ALA A N   1 
ATOM 590  C CA  . ALA A 1 85  ? 4.750   6.266   1.617   1.00 2.00  ? 86  ALA A CA  1 
ATOM 591  C C   . ALA A 1 85  ? 5.839   5.302   2.088   1.00 14.81 ? 86  ALA A C   1 
ATOM 592  O O   . ALA A 1 85  ? 6.982   5.322   1.603   1.00 21.34 ? 86  ALA A O   1 
ATOM 593  C CB  . ALA A 1 85  ? 3.916   5.717   0.470   1.00 2.00  ? 86  ALA A CB  1 
ATOM 594  N N   . SER A 1 86  ? 5.462   4.475   3.038   1.00 12.84 ? 87  SER A N   1 
ATOM 595  C CA  . SER A 1 86  ? 6.341   3.474   3.659   1.00 2.00  ? 87  SER A CA  1 
ATOM 596  C C   . SER A 1 86  ? 5.490   2.255   4.007   1.00 5.71  ? 87  SER A C   1 
ATOM 597  O O   . SER A 1 86  ? 4.503   2.407   4.748   1.00 16.49 ? 87  SER A O   1 
ATOM 598  C CB  . SER A 1 86  ? 6.984   4.060   4.903   1.00 2.00  ? 87  SER A CB  1 
ATOM 599  O OG  . SER A 1 86  ? 8.304   3.594   5.086   1.00 6.03  ? 87  SER A OG  1 
ATOM 600  N N   . ILE A 1 87  ? 5.879   1.114   3.470   1.00 12.36 ? 88  ILE A N   1 
ATOM 601  C CA  . ILE A 1 87  ? 5.164   -0.145  3.692   1.00 4.44  ? 88  ILE A CA  1 
ATOM 602  C C   . ILE A 1 87  ? 6.089   -1.224  4.242   1.00 2.00  ? 88  ILE A C   1 
ATOM 603  O O   . ILE A 1 87  ? 7.171   -1.431  3.688   1.00 2.00  ? 88  ILE A O   1 
ATOM 604  C CB  . ILE A 1 87  ? 4.483   -0.664  2.371   1.00 12.53 ? 88  ILE A CB  1 
ATOM 605  C CG1 . ILE A 1 87  ? 3.590   0.424   1.727   1.00 2.51  ? 88  ILE A CG1 1 
ATOM 606  C CG2 . ILE A 1 87  ? 3.701   -1.993  2.575   1.00 4.23  ? 88  ILE A CG2 1 
ATOM 607  C CD1 . ILE A 1 87  ? 4.314   1.322   0.687   1.00 2.00  ? 88  ILE A CD1 1 
ATOM 608  N N   . ASP A 1 88  ? 5.616   -1.887  5.277   1.00 10.88 ? 89  ASP A N   1 
ATOM 609  C CA  . ASP A 1 88  ? 6.361   -2.983  5.922   1.00 2.00  ? 89  ASP A CA  1 
ATOM 610  C C   . ASP A 1 88  ? 5.441   -4.203  5.984   1.00 2.00  ? 89  ASP A C   1 
ATOM 611  O O   . ASP A 1 88  ? 4.641   -4.203  6.930   1.00 2.00  ? 89  ASP A O   1 
ATOM 612  C CB  . ASP A 1 88  ? 6.894   -2.585  7.290   1.00 2.00  ? 89  ASP A CB  1 
ATOM 613  C CG  . ASP A 1 88  ? 7.861   -1.423  7.302   1.00 8.62  ? 89  ASP A CG  1 
ATOM 614  O OD1 . ASP A 1 88  ? 7.558   -0.328  6.800   1.00 24.95 ? 89  ASP A OD1 1 
ATOM 615  O OD2 . ASP A 1 88  ? 8.968   -1.636  7.843   1.00 18.32 ? 89  ASP A OD2 1 
ATOM 616  N N   . LEU A 1 89  ? 5.575   -5.126  5.049   1.00 2.00  ? 90  LEU A N   1 
ATOM 617  C CA  . LEU A 1 89  ? 4.713   -6.326  5.072   1.00 2.00  ? 90  LEU A CA  1 
ATOM 618  C C   . LEU A 1 89  ? 5.474   -7.534  5.608   1.00 2.00  ? 90  LEU A C   1 
ATOM 619  O O   . LEU A 1 89  ? 6.442   -8.005  4.989   1.00 3.89  ? 90  LEU A O   1 
ATOM 620  C CB  . LEU A 1 89  ? 4.009   -6.482  3.741   1.00 2.00  ? 90  LEU A CB  1 
ATOM 621  C CG  . LEU A 1 89  ? 4.385   -7.416  2.625   1.00 7.09  ? 90  LEU A CG  1 
ATOM 622  C CD1 . LEU A 1 89  ? 3.125   -8.016  1.998   1.00 5.62  ? 90  LEU A CD1 1 
ATOM 623  C CD2 . LEU A 1 89  ? 5.107   -6.661  1.509   1.00 13.00 ? 90  LEU A CD2 1 
ATOM 624  N N   . THR A 1 90  ? 5.020   -8.002  6.765   1.00 3.20  ? 91  THR A N   1 
ATOM 625  C CA  . THR A 1 90  ? 5.622   -9.167  7.437   1.00 4.27  ? 91  THR A CA  1 
ATOM 626  C C   . THR A 1 90  ? 4.726   -10.393 7.219   1.00 10.03 ? 91  THR A C   1 
ATOM 627  O O   . THR A 1 90  ? 3.613   -10.503 7.760   1.00 2.00  ? 91  THR A O   1 
ATOM 628  C CB  . THR A 1 90  ? 5.933   -8.983  8.968   1.00 9.01  ? 91  THR A CB  1 
ATOM 629  O OG1 . THR A 1 90  ? 6.495   -7.648  9.174   1.00 9.03  ? 91  THR A OG1 1 
ATOM 630  C CG2 . THR A 1 90  ? 6.859   -10.080 9.518   1.00 2.00  ? 91  THR A CG2 1 
ATOM 631  N N   . ILE A 1 91  ? 5.257   -11.299 6.415   1.00 12.51 ? 92  ILE A N   1 
ATOM 632  C CA  . ILE A 1 91  ? 4.595   -12.546 6.041   1.00 2.00  ? 92  ILE A CA  1 
ATOM 633  C C   . ILE A 1 91  ? 5.401   -13.785 6.427   1.00 2.00  ? 92  ILE A C   1 
ATOM 634  O O   . ILE A 1 91  ? 6.590   -13.863 6.090   1.00 7.52  ? 92  ILE A O   1 
ATOM 635  C CB  . ILE A 1 91  ? 4.343   -12.625 4.489   1.00 2.00  ? 92  ILE A CB  1 
ATOM 636  C CG1 . ILE A 1 91  ? 4.012   -11.253 3.857   1.00 2.00  ? 92  ILE A CG1 1 
ATOM 637  C CG2 . ILE A 1 91  ? 3.255   -13.685 4.164   1.00 6.68  ? 92  ILE A CG2 1 
ATOM 638  C CD1 . ILE A 1 91  ? 3.917   -11.304 2.303   1.00 2.00  ? 92  ILE A CD1 1 
ATOM 639  N N   . PRO A 1 92  ? 4.719   -14.714 7.071   1.00 3.86  ? 93  PRO A N   1 
ATOM 640  C CA  . PRO A 1 92  ? 5.328   -15.989 7.485   1.00 2.30  ? 93  PRO A CA  1 
ATOM 641  C C   . PRO A 1 92  ? 5.634   -16.841 6.253   1.00 2.00  ? 93  PRO A C   1 
ATOM 642  O O   . PRO A 1 92  ? 4.903   -16.793 5.247   1.00 2.00  ? 93  PRO A O   1 
ATOM 643  C CB  . PRO A 1 92  ? 4.276   -16.603 8.403   1.00 2.09  ? 93  PRO A CB  1 
ATOM 644  C CG  . PRO A 1 92  ? 2.969   -16.060 7.881   1.00 2.00  ? 93  PRO A CG  1 
ATOM 645  C CD  . PRO A 1 92  ? 3.297   -14.637 7.460   1.00 2.00  ? 93  PRO A CD  1 
ATOM 646  N N   . ILE A 1 93  ? 6.710   -17.596 6.344   1.00 2.00  ? 94  ILE A N   1 
ATOM 647  C CA  . ILE A 1 93  ? 7.185   -18.472 5.263   1.00 2.09  ? 94  ILE A CA  1 
ATOM 648  C C   . ILE A 1 93  ? 6.135   -19.546 4.977   1.00 8.31  ? 94  ILE A C   1 
ATOM 649  O O   . ILE A 1 93  ? 5.548   -20.121 5.909   1.00 2.81  ? 94  ILE A O   1 
ATOM 650  C CB  . ILE A 1 93  ? 8.628   -19.028 5.526   1.00 7.80  ? 94  ILE A CB  1 
ATOM 651  C CG1 . ILE A 1 93  ? 8.776   -19.540 6.981   1.00 16.21 ? 94  ILE A CG1 1 
ATOM 652  C CG2 . ILE A 1 93  ? 9.753   -18.010 5.187   1.00 2.00  ? 94  ILE A CG2 1 
ATOM 653  C CD1 . ILE A 1 93  ? 10.061  -20.377 7.243   1.00 25.03 ? 94  ILE A CD1 1 
ATOM 654  N N   . PHE A 1 94  ? 5.932   -19.766 3.686   1.00 5.63  ? 95  PHE A N   1 
ATOM 655  C CA  . PHE A 1 94  ? 4.943   -20.747 3.197   1.00 8.21  ? 95  PHE A CA  1 
ATOM 656  C C   . PHE A 1 94  ? 5.535   -21.657 2.117   1.00 2.00  ? 95  PHE A C   1 
ATOM 657  O O   . PHE A 1 94  ? 6.524   -21.355 1.442   1.00 2.00  ? 95  PHE A O   1 
ATOM 658  C CB  . PHE A 1 94  ? 3.660   -20.042 2.751   1.00 2.00  ? 95  PHE A CB  1 
ATOM 659  C CG  . PHE A 1 94  ? 3.810   -19.033 1.653   1.00 9.79  ? 95  PHE A CG  1 
ATOM 660  C CD1 . PHE A 1 94  ? 4.093   -17.699 1.938   1.00 9.54  ? 95  PHE A CD1 1 
ATOM 661  C CD2 . PHE A 1 94  ? 3.675   -19.429 0.317   1.00 13.19 ? 95  PHE A CD2 1 
ATOM 662  C CE1 . PHE A 1 94  ? 4.241   -16.757 0.915   1.00 2.15  ? 95  PHE A CE1 1 
ATOM 663  C CE2 . PHE A 1 94  ? 3.812   -18.519 -0.719  1.00 7.02  ? 95  PHE A CE2 1 
ATOM 664  C CZ  . PHE A 1 94  ? 4.092   -17.182 -0.420  1.00 10.41 ? 95  PHE A CZ  1 
ATOM 665  N N   . ALA A 1 95  ? 4.879   -22.795 1.969   1.00 9.08  ? 96  ALA A N   1 
ATOM 666  C CA  . ALA A 1 95  ? 5.225   -23.846 1.007   1.00 9.15  ? 96  ALA A CA  1 
ATOM 667  C C   . ALA A 1 95  ? 4.969   -23.335 -0.410  1.00 15.74 ? 96  ALA A C   1 
ATOM 668  O O   . ALA A 1 95  ? 3.999   -22.608 -0.667  1.00 24.49 ? 96  ALA A O   1 
ATOM 669  C CB  . ALA A 1 95  ? 4.448   -25.120 1.294   1.00 5.95  ? 96  ALA A CB  1 
ATOM 670  N N   . ALA A 1 96  ? 5.854   -23.733 -1.299  1.00 15.60 ? 97  ALA A N   1 
ATOM 671  C CA  . ALA A 1 96  ? 5.842   -23.359 -2.712  1.00 15.24 ? 97  ALA A CA  1 
ATOM 672  C C   . ALA A 1 96  ? 4.515   -23.558 -3.431  1.00 3.46  ? 97  ALA A C   1 
ATOM 673  O O   . ALA A 1 96  ? 4.263   -22.843 -4.418  1.00 15.28 ? 97  ALA A O   1 
ATOM 674  C CB  . ALA A 1 96  ? 6.972   -24.094 -3.438  1.00 23.11 ? 97  ALA A CB  1 
ATOM 675  N N   . THR A 1 97  ? 3.712   -24.483 -2.960  1.00 2.00  ? 98  THR A N   1 
ATOM 676  C CA  . THR A 1 97  ? 2.411   -24.789 -3.563  1.00 2.00  ? 98  THR A CA  1 
ATOM 677  C C   . THR A 1 97  ? 1.270   -23.884 -3.136  1.00 2.00  ? 98  THR A C   1 
ATOM 678  O O   . THR A 1 97  ? 0.241   -23.869 -3.842  1.00 12.32 ? 98  THR A O   1 
ATOM 679  C CB  . THR A 1 97  ? 2.073   -26.318 -3.330  1.00 13.48 ? 98  THR A CB  1 
ATOM 680  O OG1 . THR A 1 97  ? 2.099   -26.515 -1.881  1.00 26.63 ? 98  THR A OG1 1 
ATOM 681  C CG2 . THR A 1 97  ? 3.031   -27.263 -4.064  1.00 2.00  ? 98  THR A CG2 1 
ATOM 682  N N   . ASP A 1 98  ? 1.426   -23.148 -2.056  1.00 2.00  ? 99  ASP A N   1 
ATOM 683  C CA  . ASP A 1 98  ? 0.391   -22.243 -1.537  1.00 12.82 ? 99  ASP A CA  1 
ATOM 684  C C   . ASP A 1 98  ? 0.178   -20.987 -2.385  1.00 8.97  ? 99  ASP A C   1 
ATOM 685  O O   . ASP A 1 98  ? 1.089   -20.522 -3.080  1.00 16.47 ? 99  ASP A O   1 
ATOM 686  C CB  . ASP A 1 98  ? 0.661   -21.891 -0.073  1.00 10.85 ? 99  ASP A CB  1 
ATOM 687  C CG  . ASP A 1 98  ? 0.017   -22.863 0.896   1.00 41.52 ? 99  ASP A CG  1 
ATOM 688  O OD1 . ASP A 1 98  ? -1.120  -23.279 0.577   1.00 57.31 ? 99  ASP A OD1 1 
ATOM 689  O OD2 . ASP A 1 98  ? 0.594   -23.211 1.939   1.00 50.84 ? 99  ASP A OD2 1 
ATOM 690  N N   . ASP A 1 99  ? -1.037  -20.469 -2.285  1.00 2.00  ? 100 ASP A N   1 
ATOM 691  C CA  . ASP A 1 99  ? -1.467  -19.259 -3.003  1.00 4.64  ? 100 ASP A CA  1 
ATOM 692  C C   . ASP A 1 99  ? -1.634  -18.119 -1.995  1.00 10.89 ? 100 ASP A C   1 
ATOM 693  O O   . ASP A 1 99  ? -2.450  -18.224 -1.071  1.00 23.87 ? 100 ASP A O   1 
ATOM 694  C CB  . ASP A 1 99  ? -2.704  -19.532 -3.855  1.00 3.15  ? 100 ASP A CB  1 
ATOM 695  C CG  . ASP A 1 99  ? -3.030  -18.401 -4.815  1.00 21.71 ? 100 ASP A CG  1 
ATOM 696  O OD1 . ASP A 1 99  ? -2.220  -18.024 -5.679  1.00 21.18 ? 100 ASP A OD1 1 
ATOM 697  O OD2 . ASP A 1 99  ? -4.152  -17.860 -4.692  1.00 33.25 ? 100 ASP A OD2 1 
ATOM 698  N N   . VAL A 1 100 ? -0.863  -17.066 -2.204  1.00 21.39 ? 101 VAL A N   1 
ATOM 699  C CA  . VAL A 1 100 ? -0.854  -15.879 -1.325  1.00 9.59  ? 101 VAL A CA  1 
ATOM 700  C C   . VAL A 1 100 ? -1.225  -14.593 -2.043  1.00 5.44  ? 101 VAL A C   1 
ATOM 701  O O   . VAL A 1 100 ? -0.983  -13.469 -1.558  1.00 9.71  ? 101 VAL A O   1 
ATOM 702  C CB  . VAL A 1 100 ? 0.533   -15.910 -0.637  1.00 25.03 ? 101 VAL A CB  1 
ATOM 703  C CG1 . VAL A 1 100 ? 1.014   -14.659 0.081   1.00 19.89 ? 101 VAL A CG1 1 
ATOM 704  C CG2 . VAL A 1 100 ? 0.622   -17.088 0.337   1.00 17.64 ? 101 VAL A CG2 1 
ATOM 705  N N   . THR A 1 101 ? -1.840  -14.728 -3.206  1.00 2.00  ? 102 THR A N   1 
ATOM 706  C CA  . THR A 1 101 ? -2.291  -13.613 -4.047  1.00 2.00  ? 102 THR A CA  1 
ATOM 707  C C   . THR A 1 101 ? -3.215  -12.657 -3.303  1.00 2.00  ? 102 THR A C   1 
ATOM 708  O O   . THR A 1 101 ? -3.417  -11.480 -3.638  1.00 7.68  ? 102 THR A O   1 
ATOM 709  C CB  . THR A 1 101 ? -2.936  -14.124 -5.395  1.00 2.00  ? 102 THR A CB  1 
ATOM 710  O OG1 . THR A 1 101 ? -3.722  -15.307 -5.048  1.00 16.27 ? 102 THR A OG1 1 
ATOM 711  C CG2 . THR A 1 101 ? -1.896  -14.433 -6.478  1.00 2.00  ? 102 THR A CG2 1 
ATOM 712  N N   . VAL A 1 102 ? -3.798  -13.167 -2.251  1.00 2.03  ? 103 VAL A N   1 
ATOM 713  C CA  . VAL A 1 102 ? -4.721  -12.548 -1.310  1.00 7.67  ? 103 VAL A CA  1 
ATOM 714  C C   . VAL A 1 102 ? -4.251  -11.202 -0.758  1.00 10.17 ? 103 VAL A C   1 
ATOM 715  O O   . VAL A 1 102 ? -4.965  -10.186 -0.834  1.00 4.41  ? 103 VAL A O   1 
ATOM 716  C CB  . VAL A 1 102 ? -4.925  -13.574 -0.161  1.00 2.63  ? 103 VAL A CB  1 
ATOM 717  C CG1 . VAL A 1 102 ? -5.829  -13.103 0.961   1.00 2.00  ? 103 VAL A CG1 1 
ATOM 718  C CG2 . VAL A 1 102 ? -5.391  -14.921 -0.696  1.00 18.58 ? 103 VAL A CG2 1 
ATOM 719  N N   . ILE A 1 103 ? -3.061  -11.229 -0.183  1.00 9.80  ? 104 ILE A N   1 
ATOM 720  C CA  . ILE A 1 103 ? -2.445  -10.035 0.420   1.00 18.34 ? 104 ILE A CA  1 
ATOM 721  C C   . ILE A 1 103 ? -2.365  -8.902  -0.597  1.00 16.01 ? 104 ILE A C   1 
ATOM 722  O O   . ILE A 1 103 ? -2.663  -7.756  -0.217  1.00 21.63 ? 104 ILE A O   1 
ATOM 723  C CB  . ILE A 1 103 ? -1.153  -10.381 1.240   1.00 18.37 ? 104 ILE A CB  1 
ATOM 724  C CG1 . ILE A 1 103 ? 0.017   -9.387  0.984   1.00 2.00  ? 104 ILE A CG1 1 
ATOM 725  C CG2 . ILE A 1 103 ? -0.655  -11.844 1.110   1.00 10.04 ? 104 ILE A CG2 1 
ATOM 726  C CD1 . ILE A 1 103 ? -0.187  -8.038  1.726   1.00 8.39  ? 104 ILE A CD1 1 
ATOM 727  N N   . SER A 1 104 ? -1.993  -9.213  -1.820  1.00 8.63  ? 105 SER A N   1 
ATOM 728  C CA  . SER A 1 104 ? -1.870  -8.227  -2.898  1.00 2.00  ? 105 SER A CA  1 
ATOM 729  C C   . SER A 1 104 ? -3.222  -7.638  -3.293  1.00 12.38 ? 105 SER A C   1 
ATOM 730  O O   . SER A 1 104 ? -3.350  -6.416  -3.494  1.00 6.90  ? 105 SER A O   1 
ATOM 731  C CB  . SER A 1 104 ? -1.171  -8.807  -4.117  1.00 11.92 ? 105 SER A CB  1 
ATOM 732  O OG  . SER A 1 104 ? 0.236   -8.644  -4.031  1.00 28.66 ? 105 SER A OG  1 
ATOM 733  N N   . LYS A 1 105 ? -4.204  -8.512  -3.406  1.00 16.87 ? 106 LYS A N   1 
ATOM 734  C CA  . LYS A 1 105 ? -5.575  -8.135  -3.774  1.00 2.00  ? 106 LYS A CA  1 
ATOM 735  C C   . LYS A 1 105 ? -6.221  -7.273  -2.688  1.00 2.00  ? 106 LYS A C   1 
ATOM 736  O O   . LYS A 1 105 ? -7.149  -6.494  -2.952  1.00 2.00  ? 106 LYS A O   1 
ATOM 737  C CB  . LYS A 1 105 ? -6.444  -9.361  -4.014  1.00 10.19 ? 106 LYS A CB  1 
ATOM 738  C CG  . LYS A 1 105 ? -6.008  -10.277 -5.153  1.00 13.47 ? 106 LYS A CG  1 
ATOM 739  C CD  . LYS A 1 105 ? -6.967  -11.442 -5.363  1.00 6.42  ? 106 LYS A CD  1 
ATOM 740  C CE  . LYS A 1 105 ? -8.321  -11.012 -5.882  1.00 30.49 ? 106 LYS A CE  1 
ATOM 741  N NZ  . LYS A 1 105 ? -8.209  -10.018 -6.980  1.00 35.72 ? 106 LYS A NZ  1 
ATOM 742  N N   . SER A 1 106 ? -5.723  -7.444  -1.478  1.00 2.00  ? 107 SER A N   1 
ATOM 743  C CA  . SER A 1 106 ? -6.192  -6.726  -0.290  1.00 9.89  ? 107 SER A CA  1 
ATOM 744  C C   . SER A 1 106 ? -5.517  -5.355  -0.202  1.00 2.00  ? 107 SER A C   1 
ATOM 745  O O   . SER A 1 106 ? -6.105  -4.398  0.320   1.00 3.70  ? 107 SER A O   1 
ATOM 746  C CB  . SER A 1 106 ? -5.932  -7.496  0.996   1.00 17.77 ? 107 SER A CB  1 
ATOM 747  O OG  . SER A 1 106 ? -6.988  -8.365  1.348   1.00 25.24 ? 107 SER A OG  1 
ATOM 748  N N   . LEU A 1 107 ? -4.293  -5.323  -0.697  1.00 2.00  ? 108 LEU A N   1 
ATOM 749  C CA  . LEU A 1 107 ? -3.473  -4.106  -0.703  1.00 2.00  ? 108 LEU A CA  1 
ATOM 750  C C   . LEU A 1 107 ? -4.022  -3.159  -1.766  1.00 2.00  ? 108 LEU A C   1 
ATOM 751  O O   . LEU A 1 107 ? -4.146  -1.954  -1.537  1.00 23.43 ? 108 LEU A O   1 
ATOM 752  C CB  . LEU A 1 107 ? -2.012  -4.488  -0.899  1.00 2.00  ? 108 LEU A CB  1 
ATOM 753  C CG  . LEU A 1 107 ? -1.163  -4.771  0.329   1.00 5.59  ? 108 LEU A CG  1 
ATOM 754  C CD1 . LEU A 1 107 ? 0.267   -5.135  -0.071  1.00 2.00  ? 108 LEU A CD1 1 
ATOM 755  C CD2 . LEU A 1 107 ? -1.150  -3.538  1.233   1.00 2.00  ? 108 LEU A CD2 1 
ATOM 756  N N   . THR A 1 108 ? -4.345  -3.754  -2.894  1.00 17.56 ? 109 THR A N   1 
ATOM 757  C CA  . THR A 1 108 ? -4.885  -3.023  -4.056  1.00 19.77 ? 109 THR A CA  1 
ATOM 758  C C   . THR A 1 108 ? -6.336  -2.642  -3.799  1.00 18.96 ? 109 THR A C   1 
ATOM 759  O O   . THR A 1 108 ? -6.876  -1.685  -4.381  1.00 21.76 ? 109 THR A O   1 
ATOM 760  C CB  . THR A 1 108 ? -4.543  -3.838  -5.362  1.00 18.84 ? 109 THR A CB  1 
ATOM 761  O OG1 . THR A 1 108 ? -4.001  -2.854  -6.308  1.00 19.40 ? 109 THR A OG1 1 
ATOM 762  C CG2 . THR A 1 108 ? -5.681  -4.660  -5.961  1.00 2.00  ? 109 THR A CG2 1 
ATOM 763  N N   . GLY A 1 109 ? -6.948  -3.383  -2.893  1.00 17.06 ? 110 GLY A N   1 
ATOM 764  C CA  . GLY A 1 109 ? -8.349  -3.186  -2.484  1.00 18.52 ? 110 GLY A CA  1 
ATOM 765  C C   . GLY A 1 109 ? -8.477  -1.995  -1.533  1.00 3.66  ? 110 GLY A C   1 
ATOM 766  O O   . GLY A 1 109 ? -9.507  -1.324  -1.451  1.00 13.26 ? 110 GLY A O   1 
ATOM 767  N N   . LEU A 1 110 ? -7.406  -1.759  -0.807  1.00 6.99  ? 111 LEU A N   1 
ATOM 768  C CA  . LEU A 1 110 ? -7.264  -0.680  0.164   1.00 2.00  ? 111 LEU A CA  1 
ATOM 769  C C   . LEU A 1 110 ? -7.277  0.665   -0.564  1.00 2.00  ? 111 LEU A C   1 
ATOM 770  O O   . LEU A 1 110 ? -8.078  1.547   -0.228  1.00 2.00  ? 111 LEU A O   1 
ATOM 771  C CB  . LEU A 1 110 ? -5.960  -0.927  0.937   1.00 4.23  ? 111 LEU A CB  1 
ATOM 772  C CG  . LEU A 1 110 ? -5.843  -0.459  2.376   1.00 2.00  ? 111 LEU A CG  1 
ATOM 773  C CD1 . LEU A 1 110 ? -6.740  -1.277  3.300   1.00 2.00  ? 111 LEU A CD1 1 
ATOM 774  C CD2 . LEU A 1 110 ? -4.391  -0.607  2.824   1.00 2.00  ? 111 LEU A CD2 1 
ATOM 775  N N   . PHE A 1 111 ? -6.401  0.769   -1.546  1.00 2.00  ? 112 PHE A N   1 
ATOM 776  C CA  . PHE A 1 111 ? -6.239  2.000   -2.337  1.00 11.85 ? 112 PHE A CA  1 
ATOM 777  C C   . PHE A 1 111 ? -7.072  2.137   -3.603  1.00 19.67 ? 112 PHE A C   1 
ATOM 778  O O   . PHE A 1 111 ? -6.799  3.053   -4.408  1.00 3.45  ? 112 PHE A O   1 
ATOM 779  C CB  . PHE A 1 111 ? -4.735  2.211   -2.558  1.00 2.00  ? 112 PHE A CB  1 
ATOM 780  C CG  . PHE A 1 111 ? -3.930  2.040   -1.300  1.00 14.75 ? 112 PHE A CG  1 
ATOM 781  C CD1 . PHE A 1 111 ? -3.892  3.056   -0.342  1.00 10.34 ? 112 PHE A CD1 1 
ATOM 782  C CD2 . PHE A 1 111 ? -3.218  0.864   -1.074  1.00 19.84 ? 112 PHE A CD2 1 
ATOM 783  C CE1 . PHE A 1 111 ? -3.154  2.917   0.821   1.00 7.93  ? 112 PHE A CE1 1 
ATOM 784  C CE2 . PHE A 1 111 ? -2.468  0.689   0.094   1.00 8.02  ? 112 PHE A CE2 1 
ATOM 785  C CZ  . PHE A 1 111 ? -2.444  1.731   1.041   1.00 19.93 ? 112 PHE A CZ  1 
ATOM 786  N N   . LYS A 1 112 ? -8.066  1.286   -3.772  1.00 23.06 ? 113 LYS A N   1 
ATOM 787  C CA  . LYS A 1 112 ? -8.953  1.308   -4.941  1.00 11.87 ? 113 LYS A CA  1 
ATOM 788  C C   . LYS A 1 112 ? -9.770  2.600   -4.935  1.00 17.45 ? 113 LYS A C   1 
ATOM 789  O O   . LYS A 1 112 ? -10.251 2.999   -3.862  1.00 35.23 ? 113 LYS A O   1 
ATOM 790  C CB  . LYS A 1 112 ? -9.904  0.123   -4.989  1.00 13.62 ? 113 LYS A CB  1 
ATOM 791  C CG  . LYS A 1 112 ? -10.488 -0.110  -6.384  1.00 16.89 ? 113 LYS A CG  1 
ATOM 792  C CD  . LYS A 1 112 ? -11.713 -1.004  -6.360  1.00 19.72 ? 113 LYS A CD  1 
ATOM 793  C CE  . LYS A 1 112 ? -12.990 -0.254  -6.040  1.00 34.17 ? 113 LYS A CE  1 
ATOM 794  N NZ  . LYS A 1 112 ? -14.130 -1.205  -5.957  1.00 49.07 ? 113 LYS A NZ  1 
ATOM 795  N N   . VAL A 1 113 ? -9.903  3.203   -6.104  1.00 10.39 ? 114 VAL A N   1 
ATOM 796  C CA  . VAL A 1 113 ? -10.651 4.460   -6.255  1.00 2.00  ? 114 VAL A CA  1 
ATOM 797  C C   . VAL A 1 113 ? -12.142 4.164   -6.056  1.00 7.91  ? 114 VAL A C   1 
ATOM 798  O O   . VAL A 1 113 ? -12.737 3.281   -6.688  1.00 19.06 ? 114 VAL A O   1 
ATOM 799  C CB  . VAL A 1 113 ? -10.315 5.204   -7.555  1.00 7.53  ? 114 VAL A CB  1 
ATOM 800  C CG1 . VAL A 1 113 ? -11.321 6.295   -7.911  1.00 23.30 ? 114 VAL A CG1 1 
ATOM 801  C CG2 . VAL A 1 113 ? -8.921  5.818   -7.548  1.00 2.00  ? 114 VAL A CG2 1 
ATOM 802  N N   . GLY A 1 114 ? -12.691 4.950   -5.148  1.00 2.00  ? 115 GLY A N   1 
ATOM 803  C CA  . GLY A 1 114 ? -14.112 4.849   -4.771  1.00 8.89  ? 115 GLY A CA  1 
ATOM 804  C C   . GLY A 1 114 ? -14.194 4.104   -3.436  1.00 11.60 ? 115 GLY A C   1 
ATOM 805  O O   . GLY A 1 114 ? -15.311 3.783   -2.999  1.00 7.91  ? 115 GLY A O   1 
ATOM 806  N N   . ASN A 1 115 ? -13.018 3.866   -2.872  1.00 2.00  ? 116 ASN A N   1 
ATOM 807  C CA  . ASN A 1 115 ? -12.932 3.168   -1.572  1.00 4.84  ? 116 ASN A CA  1 
ATOM 808  C C   . ASN A 1 115 ? -12.647 4.260   -0.531  1.00 6.40  ? 116 ASN A C   1 
ATOM 809  O O   . ASN A 1 115 ? -12.044 5.295   -0.856  1.00 7.12  ? 116 ASN A O   1 
ATOM 810  C CB  . ASN A 1 115 ? -12.019 1.956   -1.617  1.00 13.03 ? 116 ASN A CB  1 
ATOM 811  C CG  . ASN A 1 115 ? -12.703 0.666   -2.035  1.00 9.24  ? 116 ASN A CG  1 
ATOM 812  O OD1 . ASN A 1 115 ? -13.872 0.626   -2.453  1.00 3.44  ? 116 ASN A OD1 1 
ATOM 813  N ND2 . ASN A 1 115 ? -11.976 -0.449  -1.931  1.00 2.00  ? 116 ASN A ND2 1 
ATOM 814  N N   . PRO A 1 116 ? -13.112 4.008   0.682   1.00 2.00  ? 117 PRO A N   1 
ATOM 815  C CA  . PRO A 1 116 ? -12.983 4.933   1.801   1.00 2.00  ? 117 PRO A CA  1 
ATOM 816  C C   . PRO A 1 116 ? -11.673 5.674   1.993   1.00 4.53  ? 117 PRO A C   1 
ATOM 817  O O   . PRO A 1 116 ? -11.630 6.917   2.069   1.00 2.00  ? 117 PRO A O   1 
ATOM 818  C CB  . PRO A 1 116 ? -13.322 4.048   3.013   1.00 4.56  ? 117 PRO A CB  1 
ATOM 819  C CG  . PRO A 1 116 ? -14.367 3.108   2.474   1.00 4.28  ? 117 PRO A CG  1 
ATOM 820  C CD  . PRO A 1 116 ? -13.857 2.790   1.074   1.00 3.82  ? 117 PRO A CD  1 
ATOM 821  N N   . ILE A 1 117 ? -10.605 4.920   2.103   1.00 2.00  ? 118 ILE A N   1 
ATOM 822  C CA  . ILE A 1 117 ? -9.237  5.399   2.314   1.00 8.77  ? 118 ILE A CA  1 
ATOM 823  C C   . ILE A 1 117 ? -8.694  6.167   1.117   1.00 12.84 ? 118 ILE A C   1 
ATOM 824  O O   . ILE A 1 117 ? -7.982  7.178   1.278   1.00 2.00  ? 118 ILE A O   1 
ATOM 825  C CB  . ILE A 1 117 ? -8.371  4.172   2.792   1.00 13.87 ? 118 ILE A CB  1 
ATOM 826  C CG1 . ILE A 1 117 ? -8.970  3.690   4.136   1.00 7.78  ? 118 ILE A CG1 1 
ATOM 827  C CG2 . ILE A 1 117 ? -6.861  4.499   2.858   1.00 8.85  ? 118 ILE A CG2 1 
ATOM 828  C CD1 . ILE A 1 117 ? -8.411  2.396   4.772   1.00 2.00  ? 118 ILE A CD1 1 
ATOM 829  N N   . ALA A 1 118 ? -9.046  5.682   -0.060  1.00 11.53 ? 119 ALA A N   1 
ATOM 830  C CA  . ALA A 1 118 ? -8.632  6.304   -1.328  1.00 10.25 ? 119 ALA A CA  1 
ATOM 831  C C   . ALA A 1 118 ? -9.292  7.682   -1.414  1.00 6.11  ? 119 ALA A C   1 
ATOM 832  O O   . ALA A 1 118 ? -8.710  8.689   -1.833  1.00 7.38  ? 119 ALA A O   1 
ATOM 833  C CB  . ALA A 1 118 ? -9.024  5.424   -2.504  1.00 2.00  ? 119 ALA A CB  1 
ATOM 834  N N   . GLU A 1 119 ? -10.544 7.684   -0.995  1.00 11.50 ? 120 GLU A N   1 
ATOM 835  C CA  . GLU A 1 119 ? -11.414 8.861   -0.972  1.00 7.82  ? 120 GLU A CA  1 
ATOM 836  C C   . GLU A 1 119 ? -10.984 9.894   0.061   1.00 2.00  ? 120 GLU A C   1 
ATOM 837  O O   . GLU A 1 119 ? -11.093 11.103  -0.207  1.00 2.00  ? 120 GLU A O   1 
ATOM 838  C CB  . GLU A 1 119 ? -12.853 8.441   -0.694  1.00 2.16  ? 120 GLU A CB  1 
ATOM 839  C CG  . GLU A 1 119 ? -13.902 9.528   -0.489  1.00 24.52 ? 120 GLU A CG  1 
ATOM 840  C CD  . GLU A 1 119 ? -15.301 9.003   -0.329  1.00 34.84 ? 120 GLU A CD  1 
ATOM 841  O OE1 . GLU A 1 119 ? -15.689 8.452   -1.386  1.00 38.58 ? 120 GLU A OE1 1 
ATOM 842  O OE2 . GLU A 1 119 ? -15.942 9.110   0.704   1.00 25.89 ? 120 GLU A OE2 1 
ATOM 843  N N   . ALA A 1 120 ? -10.504 9.407   1.192   1.00 2.00  ? 121 ALA A N   1 
ATOM 844  C CA  . ALA A 1 120 ? -10.046 10.253  2.298   1.00 5.57  ? 121 ALA A CA  1 
ATOM 845  C C   . ALA A 1 120 ? -8.751  11.011  2.008   1.00 5.22  ? 121 ALA A C   1 
ATOM 846  O O   . ALA A 1 120 ? -8.578  12.163  2.445   1.00 2.00  ? 121 ALA A O   1 
ATOM 847  C CB  . ALA A 1 120 ? -9.897  9.397   3.558   1.00 2.00  ? 121 ALA A CB  1 
ATOM 848  N N   . ILE A 1 121 ? -7.861  10.343  1.297   1.00 3.92  ? 122 ILE A N   1 
ATOM 849  C CA  . ILE A 1 121 ? -6.555  10.893  0.913   1.00 11.94 ? 122 ILE A CA  1 
ATOM 850  C C   . ILE A 1 121 ? -6.747  12.054  -0.060  1.00 19.30 ? 122 ILE A C   1 
ATOM 851  O O   . ILE A 1 121 ? -5.910  12.968  -0.109  1.00 18.78 ? 122 ILE A O   1 
ATOM 852  C CB  . ILE A 1 121 ? -5.601  9.772   0.374   1.00 13.60 ? 122 ILE A CB  1 
ATOM 853  C CG1 . ILE A 1 121 ? -5.258  8.784   1.521   1.00 19.66 ? 122 ILE A CG1 1 
ATOM 854  C CG2 . ILE A 1 121 ? -4.302  10.310  -0.275  1.00 5.52  ? 122 ILE A CG2 1 
ATOM 855  C CD1 . ILE A 1 121 ? -4.659  7.430   1.044   1.00 14.01 ? 122 ILE A CD1 1 
ATOM 856  N N   . SER A 1 122 ? -7.846  11.996  -0.791  1.00 21.88 ? 123 SER A N   1 
ATOM 857  C CA  . SER A 1 122 ? -8.216  13.003  -1.785  1.00 12.30 ? 123 SER A CA  1 
ATOM 858  C C   . SER A 1 122 ? -8.914  14.240  -1.230  1.00 4.61  ? 123 SER A C   1 
ATOM 859  O O   . SER A 1 122 ? -8.805  15.294  -1.885  1.00 19.89 ? 123 SER A O   1 
ATOM 860  C CB  . SER A 1 122 ? -9.104  12.406  -2.872  1.00 3.93  ? 123 SER A CB  1 
ATOM 861  O OG  . SER A 1 122 ? -8.348  11.918  -3.959  1.00 5.60  ? 123 SER A OG  1 
ATOM 862  N N   . SER A 1 123 ? -9.596  14.105  -0.114  1.00 9.68  ? 124 SER A N   1 
ATOM 863  C CA  . SER A 1 123 ? -10.319 15.221  0.504   1.00 9.98  ? 124 SER A CA  1 
ATOM 864  C C   . SER A 1 123 ? -9.530  15.943  1.594   1.00 4.92  ? 124 SER A C   1 
ATOM 865  O O   . SER A 1 123 ? -10.035 16.975  2.079   1.00 23.75 ? 124 SER A O   1 
ATOM 866  C CB  . SER A 1 123 ? -11.624 14.773  1.157   1.00 2.00  ? 124 SER A CB  1 
ATOM 867  O OG  . SER A 1 123 ? -12.115 13.600  0.558   1.00 2.00  ? 124 SER A OG  1 
ATOM 868  N N   . GLN A 1 124 ? -8.384  15.398  1.951   1.00 2.00  ? 125 GLN A N   1 
ATOM 869  C CA  . GLN A 1 124 ? -7.568  16.018  3.027   1.00 6.59  ? 125 GLN A CA  1 
ATOM 870  C C   . GLN A 1 124 ? -8.396  15.856  4.312   1.00 2.37  ? 125 GLN A C   1 
ATOM 871  O O   . GLN A 1 124 ? -8.352  16.578  5.318   1.00 2.00  ? 125 GLN A O   1 
ATOM 872  C CB  . GLN A 1 124 ? -7.128  17.425  2.664   1.00 2.00  ? 125 GLN A CB  1 
ATOM 873  C CG  . GLN A 1 124 ? -6.576  18.293  3.762   1.00 19.00 ? 125 GLN A CG  1 
ATOM 874  C CD  . GLN A 1 124 ? -5.381  19.143  3.437   1.00 22.28 ? 125 GLN A CD  1 
ATOM 875  O OE1 . GLN A 1 124 ? -4.556  18.837  2.583   1.00 42.18 ? 125 GLN A OE1 1 
ATOM 876  N NE2 . GLN A 1 124 ? -5.265  20.257  4.160   1.00 25.76 ? 125 GLN A NE2 1 
ATOM 877  N N   . SER A 1 125 ? -9.196  14.798  4.246   1.00 2.00  ? 126 SER A N   1 
ATOM 878  C CA  . SER A 1 125 ? -10.119 14.347  5.282   1.00 9.38  ? 126 SER A CA  1 
ATOM 879  C C   . SER A 1 125 ? -9.654  13.078  6.002   1.00 2.00  ? 126 SER A C   1 
ATOM 880  O O   . SER A 1 125 ? -8.788  12.302  5.586   1.00 9.16  ? 126 SER A O   1 
ATOM 881  C CB  . SER A 1 125 ? -11.525 14.122  4.726   1.00 2.00  ? 126 SER A CB  1 
ATOM 882  O OG  . SER A 1 125 ? -12.401 15.134  5.200   1.00 23.29 ? 126 SER A OG  1 
ATOM 883  N N   . GLY A 1 126 ? -10.295 12.900  7.138   1.00 2.00  ? 127 GLY A N   1 
ATOM 884  C CA  . GLY A 1 126 ? -10.096 11.765  8.048   1.00 4.26  ? 127 GLY A CA  1 
ATOM 885  C C   . GLY A 1 126 ? -11.289 10.826  7.805   1.00 8.27  ? 127 GLY A C   1 
ATOM 886  O O   . GLY A 1 126 ? -11.995 10.922  6.785   1.00 2.00  ? 127 GLY A O   1 
ATOM 887  N N   . PHE A 1 127 ? -11.458 9.960   8.784   1.00 12.12 ? 128 PHE A N   1 
ATOM 888  C CA  . PHE A 1 127 ? -12.541 8.953   8.736   1.00 12.63 ? 128 PHE A CA  1 
ATOM 889  C C   . PHE A 1 127 ? -13.609 9.386   9.730   1.00 2.00  ? 128 PHE A C   1 
ATOM 890  O O   . PHE A 1 127 ? -13.408 9.379   10.944  1.00 12.83 ? 128 PHE A O   1 
ATOM 891  C CB  . PHE A 1 127 ? -11.973 7.545   8.895   1.00 9.59  ? 128 PHE A CB  1 
ATOM 892  C CG  . PHE A 1 127 ? -10.943 7.262   7.834   1.00 2.00  ? 128 PHE A CG  1 
ATOM 893  C CD1 . PHE A 1 127 ? -9.610  7.613   8.047   1.00 3.24  ? 128 PHE A CD1 1 
ATOM 894  C CD2 . PHE A 1 127 ? -11.320 6.682   6.625   1.00 9.41  ? 128 PHE A CD2 1 
ATOM 895  C CE1 . PHE A 1 127 ? -8.647  7.369   7.079   1.00 5.22  ? 128 PHE A CE1 1 
ATOM 896  C CE2 . PHE A 1 127 ? -10.363 6.426   5.637   1.00 17.16 ? 128 PHE A CE2 1 
ATOM 897  C CZ  . PHE A 1 127 ? -9.020  6.777   5.874   1.00 4.13  ? 128 PHE A CZ  1 
ATOM 898  N N   . TYR A 1 128 ? -14.720 9.786   9.150   1.00 5.39  ? 129 TYR A N   1 
ATOM 899  C CA  . TYR A 1 128 ? -15.911 10.256  9.864   1.00 3.36  ? 129 TYR A CA  1 
ATOM 900  C C   . TYR A 1 128 ? -17.066 9.347   9.433   1.00 17.10 ? 129 TYR A C   1 
ATOM 901  O O   . TYR A 1 128 ? -16.978 8.734   8.353   1.00 11.59 ? 129 TYR A O   1 
ATOM 902  C CB  . TYR A 1 128 ? -16.179 11.736  9.541   1.00 11.36 ? 129 TYR A CB  1 
ATOM 903  C CG  . TYR A 1 128 ? -16.295 12.031  8.061   1.00 29.65 ? 129 TYR A CG  1 
ATOM 904  C CD1 . TYR A 1 128 ? -17.449 11.676  7.362   1.00 34.55 ? 129 TYR A CD1 1 
ATOM 905  C CD2 . TYR A 1 128 ? -15.267 12.655  7.348   1.00 40.65 ? 129 TYR A CD2 1 
ATOM 906  C CE1 . TYR A 1 128 ? -17.583 11.926  6.001   1.00 27.95 ? 129 TYR A CE1 1 
ATOM 907  C CE2 . TYR A 1 128 ? -15.387 12.915  5.984   1.00 38.66 ? 129 TYR A CE2 1 
ATOM 908  C CZ  . TYR A 1 128 ? -16.551 12.542  5.314   1.00 26.80 ? 129 TYR A CZ  1 
ATOM 909  O OH  . TYR A 1 128 ? -16.734 12.761  3.979   1.00 22.43 ? 129 TYR A OH  1 
ATOM 910  N N   . ALA A 1 129 ? -18.094 9.302   10.253  1.00 27.79 ? 130 ALA A N   1 
ATOM 911  C CA  . ALA A 1 129 ? -19.281 8.481   9.972   1.00 39.08 ? 130 ALA A CA  1 
ATOM 912  C C   . ALA A 1 129 ? -20.354 9.353   9.324   1.00 52.25 ? 130 ALA A C   1 
ATOM 913  O O   . ALA A 1 129 ? -20.456 10.513  9.784   1.00 63.83 ? 130 ALA A O   1 
ATOM 914  C CB  . ALA A 1 129 ? -19.777 7.799   11.235  1.00 41.46 ? 130 ALA A CB  1 
ATOM 915  O OXT . ALA A 1 129 ? -21.026 8.859   8.407   1.00 72.55 ? 130 ALA A OXT 1 
ATOM 916  N N   . ALA B 1 1   ? -19.544 9.648   3.686   1.00 29.06 ? 2   ALA B N   1 
ATOM 917  C CA  . ALA B 1 1   ? -18.958 9.051   4.895   1.00 31.18 ? 2   ALA B CA  1 
ATOM 918  C C   . ALA B 1 1   ? -17.701 8.279   4.498   1.00 23.20 ? 2   ALA B C   1 
ATOM 919  O O   . ALA B 1 1   ? -17.822 7.454   3.582   1.00 30.69 ? 2   ALA B O   1 
ATOM 920  C CB  . ALA B 1 1   ? -19.956 8.128   5.584   1.00 29.63 ? 2   ALA B CB  1 
ATOM 921  N N   . THR B 1 2   ? -16.599 8.564   5.159   1.00 14.80 ? 3   THR B N   1 
ATOM 922  C CA  . THR B 1 2   ? -15.340 7.862   4.859   1.00 15.16 ? 3   THR B CA  1 
ATOM 923  C C   . THR B 1 2   ? -15.384 6.515   5.586   1.00 12.91 ? 3   THR B C   1 
ATOM 924  O O   . THR B 1 2   ? -14.833 5.512   5.118   1.00 16.77 ? 3   THR B O   1 
ATOM 925  C CB  . THR B 1 2   ? -14.037 8.688   5.167   1.00 17.42 ? 3   THR B CB  1 
ATOM 926  O OG1 . THR B 1 2   ? -14.362 9.601   6.262   1.00 28.51 ? 3   THR B OG1 1 
ATOM 927  C CG2 . THR B 1 2   ? -13.470 9.428   3.950   1.00 2.00  ? 3   THR B CG2 1 
ATOM 928  N N   . LEU B 1 3   ? -16.054 6.549   6.722   1.00 6.41  ? 4   LEU B N   1 
ATOM 929  C CA  . LEU B 1 3   ? -16.243 5.365   7.583   1.00 2.00  ? 4   LEU B CA  1 
ATOM 930  C C   . LEU B 1 3   ? -17.487 4.668   7.025   1.00 3.23  ? 4   LEU B C   1 
ATOM 931  O O   . LEU B 1 3   ? -18.600 4.772   7.552   1.00 18.32 ? 4   LEU B O   1 
ATOM 932  C CB  . LEU B 1 3   ? -16.274 5.859   9.014   1.00 2.00  ? 4   LEU B CB  1 
ATOM 933  C CG  . LEU B 1 3   ? -15.789 5.116   10.231  1.00 5.69  ? 4   LEU B CG  1 
ATOM 934  C CD1 . LEU B 1 3   ? -16.963 4.497   10.993  1.00 14.14 ? 4   LEU B CD1 1 
ATOM 935  C CD2 . LEU B 1 3   ? -14.797 4.010   9.871   1.00 6.51  ? 4   LEU B CD2 1 
ATOM 936  N N   . HIS B 1 4   ? -17.252 3.974   5.927   1.00 10.13 ? 5   HIS B N   1 
ATOM 937  C CA  . HIS B 1 4   ? -18.282 3.231   5.186   1.00 10.57 ? 5   HIS B CA  1 
ATOM 938  C C   . HIS B 1 4   ? -17.699 1.897   4.724   1.00 16.59 ? 5   HIS B C   1 
ATOM 939  O O   . HIS B 1 4   ? -16.533 1.842   4.301   1.00 8.48  ? 5   HIS B O   1 
ATOM 940  C CB  . HIS B 1 4   ? -18.875 4.043   4.020   1.00 6.16  ? 5   HIS B CB  1 
ATOM 941  C CG  . HIS B 1 4   ? -18.284 4.134   2.663   1.00 2.00  ? 5   HIS B CG  1 
ATOM 942  N ND1 . HIS B 1 4   ? -18.543 3.247   1.645   1.00 24.56 ? 5   HIS B ND1 1 
ATOM 943  C CD2 . HIS B 1 4   ? -17.440 5.029   2.098   1.00 11.95 ? 5   HIS B CD2 1 
ATOM 944  C CE1 . HIS B 1 4   ? -17.876 3.591   0.552   1.00 18.25 ? 5   HIS B CE1 1 
ATOM 945  N NE2 . HIS B 1 4   ? -17.196 4.685   0.796   1.00 2.00  ? 5   HIS B NE2 1 
ATOM 946  N N   . SER B 1 5   ? -18.525 0.871   4.819   1.00 23.84 ? 6   SER B N   1 
ATOM 947  C CA  . SER B 1 5   ? -18.153 -0.500  4.424   1.00 24.45 ? 6   SER B CA  1 
ATOM 948  C C   . SER B 1 5   ? -17.682 -0.546  2.968   1.00 15.43 ? 6   SER B C   1 
ATOM 949  O O   . SER B 1 5   ? -18.250 0.093   2.069   1.00 6.09  ? 6   SER B O   1 
ATOM 950  C CB  . SER B 1 5   ? -19.276 -1.488  4.695   1.00 9.01  ? 6   SER B CB  1 
ATOM 951  O OG  . SER B 1 5   ? -20.506 -0.819  4.923   1.00 19.80 ? 6   SER B OG  1 
ATOM 952  N N   . PHE B 1 6   ? -16.627 -1.322  2.787   1.00 9.16  ? 7   PHE B N   1 
ATOM 953  C CA  . PHE B 1 6   ? -15.994 -1.504  1.468   1.00 3.97  ? 7   PHE B CA  1 
ATOM 954  C C   . PHE B 1 6   ? -15.566 -2.958  1.257   1.00 3.39  ? 7   PHE B C   1 
ATOM 955  O O   . PHE B 1 6   ? -15.515 -3.777  2.182   1.00 2.51  ? 7   PHE B O   1 
ATOM 956  C CB  . PHE B 1 6   ? -14.863 -0.500  1.307   1.00 5.85  ? 7   PHE B CB  1 
ATOM 957  C CG  . PHE B 1 6   ? -13.560 -0.659  2.019   1.00 7.70  ? 7   PHE B CG  1 
ATOM 958  C CD1 . PHE B 1 6   ? -13.410 -0.269  3.350   1.00 2.77  ? 7   PHE B CD1 1 
ATOM 959  C CD2 . PHE B 1 6   ? -12.455 -1.192  1.343   1.00 9.50  ? 7   PHE B CD2 1 
ATOM 960  C CE1 . PHE B 1 6   ? -12.187 -0.413  4.011   1.00 2.00  ? 7   PHE B CE1 1 
ATOM 961  C CE2 . PHE B 1 6   ? -11.231 -1.347  1.977   1.00 6.80  ? 7   PHE B CE2 1 
ATOM 962  C CZ  . PHE B 1 6   ? -11.095 -0.960  3.314   1.00 2.00  ? 7   PHE B CZ  1 
ATOM 963  N N   . VAL B 1 7   ? -15.264 -3.250  0.007   1.00 5.25  ? 8   VAL B N   1 
ATOM 964  C CA  . VAL B 1 7   ? -14.783 -4.562  -0.443  1.00 5.21  ? 8   VAL B CA  1 
ATOM 965  C C   . VAL B 1 7   ? -13.252 -4.403  -0.492  1.00 10.11 ? 8   VAL B C   1 
ATOM 966  O O   . VAL B 1 7   ? -12.762 -3.599  -1.304  1.00 15.54 ? 8   VAL B O   1 
ATOM 967  C CB  . VAL B 1 7   ? -15.395 -5.017  -1.771  1.00 2.62  ? 8   VAL B CB  1 
ATOM 968  C CG1 . VAL B 1 7   ? -14.610 -6.156  -2.424  1.00 8.47  ? 8   VAL B CG1 1 
ATOM 969  C CG2 . VAL B 1 7   ? -16.854 -5.428  -1.655  1.00 4.18  ? 8   VAL B CG2 1 
ATOM 970  N N   . LEU B 1 8   ? -12.585 -5.147  0.369   1.00 11.00 ? 9   LEU B N   1 
ATOM 971  C CA  . LEU B 1 8   ? -11.117 -5.098  0.442   1.00 7.01  ? 9   LEU B CA  1 
ATOM 972  C C   . LEU B 1 8   ? -10.526 -6.095  -0.554  1.00 13.25 ? 9   LEU B C   1 
ATOM 973  O O   . LEU B 1 8   ? -9.511  -5.790  -1.197  1.00 7.36  ? 9   LEU B O   1 
ATOM 974  C CB  . LEU B 1 8   ? -10.672 -5.286  1.890   1.00 2.00  ? 9   LEU B CB  1 
ATOM 975  C CG  . LEU B 1 8   ? -9.171  -5.343  2.115   1.00 2.00  ? 9   LEU B CG  1 
ATOM 976  C CD1 . LEU B 1 8   ? -8.601  -3.943  2.287   1.00 2.41  ? 9   LEU B CD1 1 
ATOM 977  C CD2 . LEU B 1 8   ? -8.900  -6.199  3.351   1.00 12.69 ? 9   LEU B CD2 1 
ATOM 978  N N   . VAL B 1 9   ? -11.187 -7.234  -0.643  1.00 15.59 ? 10  VAL B N   1 
ATOM 979  C CA  . VAL B 1 9   ? -10.807 -8.323  -1.546  1.00 9.30  ? 10  VAL B CA  1 
ATOM 980  C C   . VAL B 1 9   ? -11.946 -8.543  -2.556  1.00 21.19 ? 10  VAL B C   1 
ATOM 981  O O   . VAL B 1 9   ? -13.056 -8.939  -2.166  1.00 28.49 ? 10  VAL B O   1 
ATOM 982  C CB  . VAL B 1 9   ? -10.506 -9.652  -0.831  1.00 2.00  ? 10  VAL B CB  1 
ATOM 983  C CG1 . VAL B 1 9   ? -9.687  -10.579 -1.732  1.00 11.74 ? 10  VAL B CG1 1 
ATOM 984  C CG2 . VAL B 1 9   ? -9.863  -9.501  0.529   1.00 2.00  ? 10  VAL B CG2 1 
ATOM 985  N N   . ASP B 1 10  ? -11.619 -8.293  -3.805  1.00 16.02 ? 11  ASP B N   1 
ATOM 986  C CA  . ASP B 1 10  ? -12.569 -8.438  -4.923  1.00 2.00  ? 11  ASP B CA  1 
ATOM 987  C C   . ASP B 1 10  ? -12.153 -9.633  -5.782  1.00 12.39 ? 11  ASP B C   1 
ATOM 988  O O   . ASP B 1 10  ? -11.140 -9.588  -6.497  1.00 8.90  ? 11  ASP B O   1 
ATOM 989  C CB  . ASP B 1 10  ? -12.646 -7.116  -5.667  1.00 2.00  ? 11  ASP B CB  1 
ATOM 990  C CG  . ASP B 1 10  ? -13.734 -6.994  -6.707  1.00 19.96 ? 11  ASP B CG  1 
ATOM 991  O OD1 . ASP B 1 10  ? -14.926 -7.204  -6.433  1.00 33.66 ? 11  ASP B OD1 1 
ATOM 992  O OD2 . ASP B 1 10  ? -13.347 -6.662  -7.850  1.00 32.43 ? 11  ASP B OD2 1 
ATOM 993  N N   . ASN B 1 11  ? -12.965 -10.671 -5.683  1.00 18.57 ? 12  ASN B N   1 
ATOM 994  C CA  . ASN B 1 11  ? -12.755 -11.933 -6.407  1.00 7.36  ? 12  ASN B CA  1 
ATOM 995  C C   . ASN B 1 11  ? -13.731 -12.121 -7.567  1.00 13.87 ? 12  ASN B C   1 
ATOM 996  O O   . ASN B 1 11  ? -13.913 -13.262 -8.029  1.00 5.62  ? 12  ASN B O   1 
ATOM 997  C CB  . ASN B 1 11  ? -12.784 -13.094 -5.407  1.00 9.68  ? 12  ASN B CB  1 
ATOM 998  C CG  . ASN B 1 11  ? -11.566 -13.125 -4.503  1.00 9.15  ? 12  ASN B CG  1 
ATOM 999  O OD1 . ASN B 1 11  ? -10.424 -13.121 -4.989  1.00 2.00  ? 12  ASN B OD1 1 
ATOM 1000 N ND2 . ASN B 1 11  ? -11.782 -13.156 -3.189  1.00 13.66 ? 12  ASN B ND2 1 
ATOM 1001 N N   . GLY B 1 12  ? -14.326 -11.033 -8.014  1.00 15.12 ? 13  GLY B N   1 
ATOM 1002 C CA  . GLY B 1 12  ? -15.278 -11.023 -9.125  1.00 2.00  ? 13  GLY B CA  1 
ATOM 1003 C C   . GLY B 1 12  ? -16.615 -11.669 -8.790  1.00 7.28  ? 13  GLY B C   1 
ATOM 1004 O O   . GLY B 1 12  ? -17.041 -12.632 -9.455  1.00 23.89 ? 13  GLY B O   1 
ATOM 1005 N N   . GLY B 1 13  ? -17.257 -11.140 -7.763  1.00 2.64  ? 14  GLY B N   1 
ATOM 1006 C CA  . GLY B 1 13  ? -18.553 -11.620 -7.290  1.00 3.14  ? 14  GLY B CA  1 
ATOM 1007 C C   . GLY B 1 13  ? -18.515 -12.725 -6.248  1.00 18.61 ? 14  GLY B C   1 
ATOM 1008 O O   . GLY B 1 13  ? -18.963 -12.489 -5.109  1.00 29.76 ? 14  GLY B O   1 
ATOM 1009 N N   . THR B 1 14  ? -18.010 -13.888 -6.622  1.00 17.31 ? 15  THR B N   1 
ATOM 1010 C CA  . THR B 1 14  ? -17.944 -15.056 -5.742  1.00 19.55 ? 15  THR B CA  1 
ATOM 1011 C C   . THR B 1 14  ? -16.695 -15.184 -4.874  1.00 26.24 ? 15  THR B C   1 
ATOM 1012 O O   . THR B 1 14  ? -15.619 -15.614 -5.323  1.00 18.50 ? 15  THR B O   1 
ATOM 1013 C CB  . THR B 1 14  ? -18.195 -16.403 -6.544  1.00 21.11 ? 15  THR B CB  1 
ATOM 1014 O OG1 . THR B 1 14  ? -19.557 -16.347 -7.080  1.00 3.67  ? 15  THR B OG1 1 
ATOM 1015 C CG2 . THR B 1 14  ? -18.008 -17.685 -5.723  1.00 21.10 ? 15  THR B CG2 1 
ATOM 1016 N N   . GLY B 1 15  ? -16.892 -14.841 -3.606  1.00 19.02 ? 16  GLY B N   1 
ATOM 1017 C CA  . GLY B 1 15  ? -15.851 -14.901 -2.581  1.00 18.52 ? 16  GLY B CA  1 
ATOM 1018 C C   . GLY B 1 15  ? -15.210 -13.562 -2.241  1.00 13.75 ? 16  GLY B C   1 
ATOM 1019 O O   . GLY B 1 15  ? -14.033 -13.518 -1.839  1.00 21.83 ? 16  GLY B O   1 
ATOM 1020 N N   . ASN B 1 16  ? -15.980 -12.503 -2.399  1.00 9.71  ? 17  ASN B N   1 
ATOM 1021 C CA  . ASN B 1 16  ? -15.515 -11.138 -2.097  1.00 2.00  ? 17  ASN B CA  1 
ATOM 1022 C C   . ASN B 1 16  ? -15.465 -11.011 -0.568  1.00 6.91  ? 17  ASN B C   1 
ATOM 1023 O O   . ASN B 1 16  ? -16.163 -11.762 0.133   1.00 6.53  ? 17  ASN B O   1 
ATOM 1024 C CB  . ASN B 1 16  ? -16.362 -10.098 -2.803  1.00 2.00  ? 17  ASN B CB  1 
ATOM 1025 C CG  . ASN B 1 16  ? -16.194 -10.067 -4.308  1.00 2.00  ? 17  ASN B CG  1 
ATOM 1026 O OD1 . ASN B 1 16  ? -15.494 -10.896 -4.912  1.00 2.00  ? 17  ASN B OD1 1 
ATOM 1027 N ND2 . ASN B 1 16  ? -16.855 -9.092  -4.935  1.00 2.96  ? 17  ASN B ND2 1 
ATOM 1028 N N   . VAL B 1 17  ? -14.640 -10.080 -0.114  1.00 6.19  ? 18  VAL B N   1 
ATOM 1029 C CA  . VAL B 1 17  ? -14.490 -9.833  1.325   1.00 4.87  ? 18  VAL B CA  1 
ATOM 1030 C C   . VAL B 1 17  ? -14.812 -8.363  1.627   1.00 3.26  ? 18  VAL B C   1 
ATOM 1031 O O   . VAL B 1 17  ? -14.056 -7.454  1.261   1.00 2.00  ? 18  VAL B O   1 
ATOM 1032 C CB  . VAL B 1 17  ? -13.124 -10.257 1.886   1.00 7.49  ? 18  VAL B CB  1 
ATOM 1033 C CG1 . VAL B 1 17  ? -13.126 -10.272 3.412   1.00 2.00  ? 18  VAL B CG1 1 
ATOM 1034 C CG2 . VAL B 1 17  ? -12.641 -11.576 1.310   1.00 9.79  ? 18  VAL B CG2 1 
ATOM 1035 N N   . THR B 1 18  ? -15.940 -8.206  2.294   1.00 2.00  ? 19  THR B N   1 
ATOM 1036 C CA  . THR B 1 18  ? -16.455 -6.907  2.719   1.00 2.00  ? 19  THR B CA  1 
ATOM 1037 C C   . THR B 1 18  ? -15.961 -6.709  4.155   1.00 2.00  ? 19  THR B C   1 
ATOM 1038 O O   . THR B 1 18  ? -15.963 -7.647  4.956   1.00 5.21  ? 19  THR B O   1 
ATOM 1039 C CB  . THR B 1 18  ? -18.012 -6.719  2.663   1.00 2.00  ? 19  THR B CB  1 
ATOM 1040 O OG1 . THR B 1 18  ? -18.385 -6.503  1.262   1.00 12.34 ? 19  THR B OG1 1 
ATOM 1041 C CG2 . THR B 1 18  ? -18.539 -5.572  3.532   1.00 2.00  ? 19  THR B CG2 1 
ATOM 1042 N N   . VAL B 1 19  ? -15.565 -5.484  4.389   1.00 8.28  ? 20  VAL B N   1 
ATOM 1043 C CA  . VAL B 1 19  ? -15.046 -5.032  5.699   1.00 2.00  ? 20  VAL B CA  1 
ATOM 1044 C C   . VAL B 1 19  ? -15.997 -3.912  6.121   1.00 11.64 ? 20  VAL B C   1 
ATOM 1045 O O   . VAL B 1 19  ? -16.352 -3.019  5.322   1.00 3.26  ? 20  VAL B O   1 
ATOM 1046 C CB  . VAL B 1 19  ? -13.561 -4.754  5.472   1.00 2.00  ? 20  VAL B CB  1 
ATOM 1047 C CG1 . VAL B 1 19  ? -13.313 -3.436  4.752   1.00 2.00  ? 20  VAL B CG1 1 
ATOM 1048 C CG2 . VAL B 1 19  ? -12.755 -4.881  6.742   1.00 6.83  ? 20  VAL B CG2 1 
ATOM 1049 N N   . VAL B 1 20  ? -16.433 -4.010  7.363   1.00 2.00  ? 21  VAL B N   1 
ATOM 1050 C CA  . VAL B 1 20  ? -17.389 -3.080  7.973   1.00 2.00  ? 21  VAL B CA  1 
ATOM 1051 C C   . VAL B 1 20  ? -16.750 -2.316  9.125   1.00 2.00  ? 21  VAL B C   1 
ATOM 1052 O O   . VAL B 1 20  ? -16.006 -2.917  9.913   1.00 3.75  ? 21  VAL B O   1 
ATOM 1053 C CB  . VAL B 1 20  ? -18.626 -3.895  8.409   1.00 25.04 ? 21  VAL B CB  1 
ATOM 1054 C CG1 . VAL B 1 20  ? -18.257 -5.117  9.251   1.00 21.23 ? 21  VAL B CG1 1 
ATOM 1055 C CG2 . VAL B 1 20  ? -19.674 -3.065  9.138   1.00 27.98 ? 21  VAL B CG2 1 
ATOM 1056 N N   . PRO B 1 21  ? -17.079 -1.034  9.183   1.00 6.13  ? 22  PRO B N   1 
ATOM 1057 C CA  . PRO B 1 21  ? -16.557 -0.155  10.244  1.00 5.54  ? 22  PRO B CA  1 
ATOM 1058 C C   . PRO B 1 21  ? -17.144 -0.659  11.556  1.00 3.66  ? 22  PRO B C   1 
ATOM 1059 O O   . PRO B 1 21  ? -18.371 -0.837  11.646  1.00 7.05  ? 22  PRO B O   1 
ATOM 1060 C CB  . PRO B 1 21  ? -16.923 1.248   9.801   1.00 2.00  ? 22  PRO B CB  1 
ATOM 1061 C CG  . PRO B 1 21  ? -18.080 1.090   8.857   1.00 2.00  ? 22  PRO B CG  1 
ATOM 1062 C CD  . PRO B 1 21  ? -17.968 -0.307  8.271   1.00 3.07  ? 22  PRO B CD  1 
ATOM 1063 N N   . VAL B 1 22  ? -16.263 -0.903  12.505  1.00 2.25  ? 23  VAL B N   1 
ATOM 1064 C CA  . VAL B 1 22  ? -16.638 -1.430  13.824  1.00 13.24 ? 23  VAL B CA  1 
ATOM 1065 C C   . VAL B 1 22  ? -16.399 -0.432  14.949  1.00 26.17 ? 23  VAL B C   1 
ATOM 1066 O O   . VAL B 1 22  ? -17.033 -0.571  16.012  1.00 47.22 ? 23  VAL B O   1 
ATOM 1067 C CB  . VAL B 1 22  ? -15.916 -2.778  14.022  1.00 14.42 ? 23  VAL B CB  1 
ATOM 1068 C CG1 . VAL B 1 22  ? -16.097 -3.385  15.407  1.00 34.82 ? 23  VAL B CG1 1 
ATOM 1069 C CG2 . VAL B 1 22  ? -16.323 -3.800  12.967  1.00 16.75 ? 23  VAL B CG2 1 
ATOM 1070 N N   . SER B 1 23  ? -15.522 0.523   14.707  1.00 31.98 ? 24  SER B N   1 
ATOM 1071 C CA  . SER B 1 23  ? -15.198 1.550   15.710  1.00 23.58 ? 24  SER B CA  1 
ATOM 1072 C C   . SER B 1 23  ? -14.489 2.740   15.063  1.00 25.09 ? 24  SER B C   1 
ATOM 1073 O O   . SER B 1 23  ? -14.063 2.712   13.902  1.00 26.27 ? 24  SER B O   1 
ATOM 1074 C CB  . SER B 1 23  ? -14.370 0.978   16.849  1.00 29.42 ? 24  SER B CB  1 
ATOM 1075 O OG  . SER B 1 23  ? -14.071 1.946   17.838  1.00 27.88 ? 24  SER B OG  1 
ATOM 1076 N N   . ASN B 1 24  ? -14.383 3.778   15.870  1.00 34.31 ? 25  ASN B N   1 
ATOM 1077 C CA  . ASN B 1 24  ? -13.739 5.045   15.511  1.00 32.61 ? 25  ASN B CA  1 
ATOM 1078 C C   . ASN B 1 24  ? -13.266 5.728   16.799  1.00 45.48 ? 25  ASN B C   1 
ATOM 1079 O O   . ASN B 1 24  ? -13.234 6.959   16.906  1.00 55.73 ? 25  ASN B O   1 
ATOM 1080 C CB  . ASN B 1 24  ? -14.642 5.920   14.657  1.00 31.63 ? 25  ASN B CB  1 
ATOM 1081 C CG  . ASN B 1 24  ? -13.889 6.892   13.770  1.00 36.96 ? 25  ASN B CG  1 
ATOM 1082 O OD1 . ASN B 1 24  ? -14.461 7.436   12.811  1.00 49.65 ? 25  ASN B OD1 1 
ATOM 1083 N ND2 . ASN B 1 24  ? -12.609 7.129   14.056  1.00 47.15 ? 25  ASN B ND2 1 
ATOM 1084 N N   . ALA B 1 25  ? -12.903 4.890   17.748  1.00 50.59 ? 26  ALA B N   1 
ATOM 1085 C CA  . ALA B 1 25  ? -12.422 5.275   19.074  1.00 49.71 ? 26  ALA B CA  1 
ATOM 1086 C C   . ALA B 1 25  ? -11.600 6.558   19.097  1.00 55.07 ? 26  ALA B C   1 
ATOM 1087 O O   . ALA B 1 25  ? -10.364 6.604   19.132  1.00 44.08 ? 26  ALA B O   1 
ATOM 1088 C CB  . ALA B 1 25  ? -11.651 4.108   19.689  1.00 57.64 ? 26  ALA B CB  1 
ATOM 1089 N N   . ASN B 1 26  ? -12.338 7.648   19.081  1.00 68.31 ? 27  ASN B N   1 
ATOM 1090 C CA  . ASN B 1 26  ? -11.888 9.037   19.113  1.00 67.19 ? 27  ASN B CA  1 
ATOM 1091 C C   . ASN B 1 26  ? -10.670 9.351   18.249  1.00 61.30 ? 27  ASN B C   1 
ATOM 1092 O O   . ASN B 1 26  ? -9.998  10.360  18.544  1.00 68.40 ? 27  ASN B O   1 
ATOM 1093 C CB  . ASN B 1 26  ? -11.678 9.465   20.572  1.00 68.02 ? 27  ASN B CB  1 
ATOM 1094 C CG  . ASN B 1 26  ? -12.926 9.426   21.430  1.00 67.96 ? 27  ASN B CG  1 
ATOM 1095 O OD1 . ASN B 1 26  ? -13.904 8.720   21.142  1.00 68.69 ? 27  ASN B OD1 1 
ATOM 1096 N ND2 . ASN B 1 26  ? -12.898 10.197  22.518  1.00 67.03 ? 27  ASN B ND2 1 
ATOM 1097 N N   . GLY B 1 27  ? -10.426 8.540   17.237  1.00 57.59 ? 28  GLY B N   1 
ATOM 1098 C CA  . GLY B 1 27  ? -9.280  8.758   16.342  1.00 44.54 ? 28  GLY B CA  1 
ATOM 1099 C C   . GLY B 1 27  ? -9.229  7.721   15.226  1.00 31.69 ? 28  GLY B C   1 
ATOM 1100 O O   . GLY B 1 27  ? -9.690  7.968   14.103  1.00 33.27 ? 28  GLY B O   1 
ATOM 1101 N N   . VAL B 1 28  ? -8.659  6.581   15.567  1.00 24.06 ? 29  VAL B N   1 
ATOM 1102 C CA  . VAL B 1 28  ? -8.483  5.448   14.662  1.00 12.00 ? 29  VAL B CA  1 
ATOM 1103 C C   . VAL B 1 28  ? -9.799  4.851   14.157  1.00 13.80 ? 29  VAL B C   1 
ATOM 1104 O O   . VAL B 1 28  ? -10.781 4.697   14.891  1.00 14.71 ? 29  VAL B O   1 
ATOM 1105 C CB  . VAL B 1 28  ? -7.642  4.344   15.341  1.00 12.62 ? 29  VAL B CB  1 
ATOM 1106 C CG1 . VAL B 1 28  ? -6.207  4.758   15.626  1.00 25.89 ? 29  VAL B CG1 1 
ATOM 1107 C CG2 . VAL B 1 28  ? -8.316  3.832   16.604  1.00 26.74 ? 29  VAL B CG2 1 
ATOM 1108 N N   . ALA B 1 29  ? -9.754  4.507   12.883  1.00 2.00  ? 30  ALA B N   1 
ATOM 1109 C CA  . ALA B 1 29  ? -10.880 3.871   12.185  1.00 2.00  ? 30  ALA B CA  1 
ATOM 1110 C C   . ALA B 1 29  ? -10.566 2.372   12.240  1.00 12.54 ? 30  ALA B C   1 
ATOM 1111 O O   . ALA B 1 29  ? -9.370  2.054   12.403  1.00 27.76 ? 30  ALA B O   1 
ATOM 1112 C CB  . ALA B 1 29  ? -10.994 4.394   10.770  1.00 9.30  ? 30  ALA B CB  1 
ATOM 1113 N N   . GLU B 1 30  ? -11.586 1.545   12.126  1.00 14.11 ? 31  GLU B N   1 
ATOM 1114 C CA  . GLU B 1 30  ? -11.377 0.095   12.163  1.00 12.66 ? 31  GLU B CA  1 
ATOM 1115 C C   . GLU B 1 30  ? -12.487 -0.669  11.443  1.00 7.80  ? 31  GLU B C   1 
ATOM 1116 O O   . GLU B 1 30  ? -13.667 -0.608  11.810  1.00 9.78  ? 31  GLU B O   1 
ATOM 1117 C CB  . GLU B 1 30  ? -11.230 -0.480  13.569  1.00 3.00  ? 31  GLU B CB  1 
ATOM 1118 C CG  . GLU B 1 30  ? -10.754 -1.933  13.651  1.00 6.44  ? 31  GLU B CG  1 
ATOM 1119 C CD  . GLU B 1 30  ? -10.324 -2.413  15.007  1.00 17.32 ? 31  GLU B CD  1 
ATOM 1120 O OE1 . GLU B 1 30  ? -9.879  -1.701  15.896  1.00 10.06 ? 31  GLU B OE1 1 
ATOM 1121 O OE2 . GLU B 1 30  ? -10.482 -3.650  15.115  1.00 3.90  ? 31  GLU B OE2 1 
ATOM 1122 N N   . TRP B 1 31  ? -12.055 -1.380  10.419  1.00 2.00  ? 32  TRP B N   1 
ATOM 1123 C CA  . TRP B 1 31  ? -12.932 -2.209  9.584   1.00 2.00  ? 32  TRP B CA  1 
ATOM 1124 C C   . TRP B 1 31  ? -12.514 -3.661  9.848   1.00 2.00  ? 32  TRP B C   1 
ATOM 1125 O O   . TRP B 1 31  ? -11.315 -3.969  9.901   1.00 4.41  ? 32  TRP B O   1 
ATOM 1126 C CB  . TRP B 1 31  ? -12.859 -1.870  8.114   1.00 5.85  ? 32  TRP B CB  1 
ATOM 1127 C CG  . TRP B 1 31  ? -13.321 -0.538  7.644   1.00 2.00  ? 32  TRP B CG  1 
ATOM 1128 C CD1 . TRP B 1 31  ? -14.514 -0.225  7.056   1.00 2.00  ? 32  TRP B CD1 1 
ATOM 1129 C CD2 . TRP B 1 31  ? -12.568 0.686   7.702   1.00 2.00  ? 32  TRP B CD2 1 
ATOM 1130 N NE1 . TRP B 1 31  ? -14.553 1.113   6.750   1.00 5.13  ? 32  TRP B NE1 1 
ATOM 1131 C CE2 . TRP B 1 31  ? -13.378 1.697   7.139   1.00 2.00  ? 32  TRP B CE2 1 
ATOM 1132 C CE3 . TRP B 1 31  ? -11.303 1.011   8.183   1.00 2.00  ? 32  TRP B CE3 1 
ATOM 1133 C CZ2 . TRP B 1 31  ? -12.954 3.015   7.045   1.00 2.00  ? 32  TRP B CZ2 1 
ATOM 1134 C CZ3 . TRP B 1 31  ? -10.881 2.319   8.090   1.00 2.00  ? 32  TRP B CZ3 1 
ATOM 1135 C CH2 . TRP B 1 31  ? -11.690 3.304   7.538   1.00 2.00  ? 32  TRP B CH2 1 
ATOM 1136 N N   . LEU B 1 32  ? -13.517 -4.492  10.000  1.00 2.00  ? 33  LEU B N   1 
ATOM 1137 C CA  . LEU B 1 32  ? -13.347 -5.920  10.265  1.00 2.00  ? 33  LEU B CA  1 
ATOM 1138 C C   . LEU B 1 32  ? -14.301 -6.760  9.412   1.00 5.72  ? 33  LEU B C   1 
ATOM 1139 O O   . LEU B 1 32  ? -15.395 -6.315  9.033   1.00 2.00  ? 33  LEU B O   1 
ATOM 1140 C CB  . LEU B 1 32  ? -13.607 -6.117  11.759  1.00 2.00  ? 33  LEU B CB  1 
ATOM 1141 C CG  . LEU B 1 32  ? -12.489 -5.999  12.768  1.00 3.97  ? 33  LEU B CG  1 
ATOM 1142 C CD1 . LEU B 1 32  ? -13.068 -5.780  14.165  1.00 3.74  ? 33  LEU B CD1 1 
ATOM 1143 C CD2 . LEU B 1 32  ? -11.692 -7.304  12.746  1.00 9.64  ? 33  LEU B CD2 1 
ATOM 1144 N N   . SER B 1 33  ? -13.841 -7.970  9.147   1.00 15.20 ? 34  SER B N   1 
ATOM 1145 C CA  . SER B 1 33  ? -14.625 -8.955  8.376   1.00 7.45  ? 34  SER B CA  1 
ATOM 1146 C C   . SER B 1 33  ? -15.458 -9.696  9.432   1.00 2.00  ? 34  SER B C   1 
ATOM 1147 O O   . SER B 1 33  ? -15.020 -9.799  10.592  1.00 2.00  ? 34  SER B O   1 
ATOM 1148 C CB  . SER B 1 33  ? -13.766 -9.907  7.573   1.00 3.12  ? 34  SER B CB  1 
ATOM 1149 O OG  . SER B 1 33  ? -13.163 -10.894 8.392   1.00 2.00  ? 34  SER B OG  1 
ATOM 1150 N N   . ASN B 1 34  ? -16.607 -10.166 8.995   1.00 6.26  ? 35  ASN B N   1 
ATOM 1151 C CA  . ASN B 1 34  ? -17.523 -10.913 9.881   1.00 9.00  ? 35  ASN B CA  1 
ATOM 1152 C C   . ASN B 1 34  ? -16.936 -12.322 10.047  1.00 2.00  ? 35  ASN B C   1 
ATOM 1153 O O   . ASN B 1 34  ? -17.367 -13.298 9.421   1.00 22.11 ? 35  ASN B O   1 
ATOM 1154 C CB  . ASN B 1 34  ? -18.949 -10.888 9.361   1.00 2.00  ? 35  ASN B CB  1 
ATOM 1155 C CG  . ASN B 1 34  ? -19.942 -11.598 10.256  1.00 2.00  ? 35  ASN B CG  1 
ATOM 1156 O OD1 . ASN B 1 34  ? -19.537 -12.327 11.177  1.00 5.93  ? 35  ASN B OD1 1 
ATOM 1157 N ND2 . ASN B 1 34  ? -21.229 -11.381 9.987   1.00 2.00  ? 35  ASN B ND2 1 
ATOM 1158 N N   . ASN B 1 35  ? -15.938 -12.376 10.899  1.00 2.00  ? 36  ASN B N   1 
ATOM 1159 C CA  . ASN B 1 35  ? -15.204 -13.604 11.227  1.00 6.58  ? 36  ASN B CA  1 
ATOM 1160 C C   . ASN B 1 35  ? -14.747 -13.503 12.688  1.00 2.00  ? 36  ASN B C   1 
ATOM 1161 O O   . ASN B 1 35  ? -14.800 -12.404 13.256  1.00 2.00  ? 36  ASN B O   1 
ATOM 1162 C CB  . ASN B 1 35  ? -14.039 -13.827 10.268  1.00 8.00  ? 36  ASN B CB  1 
ATOM 1163 C CG  . ASN B 1 35  ? -14.440 -13.980 8.815   1.00 8.90  ? 36  ASN B CG  1 
ATOM 1164 O OD1 . ASN B 1 35  ? -14.276 -13.056 8.005   1.00 4.19  ? 36  ASN B OD1 1 
ATOM 1165 N ND2 . ASN B 1 35  ? -14.977 -15.155 8.487   1.00 23.53 ? 36  ASN B ND2 1 
ATOM 1166 N N   . SER B 1 36  ? -14.331 -14.647 13.197  1.00 2.00  ? 37  SER B N   1 
ATOM 1167 C CA  . SER B 1 36  ? -13.836 -14.708 14.589  1.00 2.38  ? 37  SER B CA  1 
ATOM 1168 C C   . SER B 1 36  ? -12.398 -14.177 14.514  1.00 9.48  ? 37  SER B C   1 
ATOM 1169 O O   . SER B 1 36  ? -11.674 -14.440 13.540  1.00 8.96  ? 37  SER B O   1 
ATOM 1170 C CB  . SER B 1 36  ? -13.963 -16.071 15.211  1.00 2.00  ? 37  SER B CB  1 
ATOM 1171 O OG  . SER B 1 36  ? -13.715 -17.095 14.271  1.00 9.40  ? 37  SER B OG  1 
ATOM 1172 N N   . ARG B 1 37  ? -12.044 -13.423 15.530  1.00 2.00  ? 38  ARG B N   1 
ATOM 1173 C CA  . ARG B 1 37  ? -10.738 -12.789 15.677  1.00 5.34  ? 38  ARG B CA  1 
ATOM 1174 C C   . ARG B 1 37  ? -9.671  -13.400 14.771  1.00 2.00  ? 38  ARG B C   1 
ATOM 1175 O O   . ARG B 1 37  ? -9.131  -12.803 13.827  1.00 5.84  ? 38  ARG B O   1 
ATOM 1176 C CB  . ARG B 1 37  ? -10.291 -12.866 17.139  1.00 16.55 ? 38  ARG B CB  1 
ATOM 1177 C CG  . ARG B 1 37  ? -9.193  -11.901 17.562  1.00 13.01 ? 38  ARG B CG  1 
ATOM 1178 C CD  . ARG B 1 37  ? -9.720  -10.869 18.501  1.00 5.43  ? 38  ARG B CD  1 
ATOM 1179 N NE  . ARG B 1 37  ? -10.790 -10.095 17.887  1.00 23.32 ? 38  ARG B NE  1 
ATOM 1180 C CZ  . ARG B 1 37  ? -11.686 -9.364  18.553  1.00 25.42 ? 38  ARG B CZ  1 
ATOM 1181 N NH1 . ARG B 1 37  ? -11.633 -9.313  19.885  1.00 5.36  ? 38  ARG B NH1 1 
ATOM 1182 N NH2 . ARG B 1 37  ? -12.632 -8.691  17.894  1.00 15.52 ? 38  ARG B NH2 1 
ATOM 1183 N N   . SER B 1 38  ? -9.376  -14.642 15.076  1.00 2.00  ? 39  SER B N   1 
ATOM 1184 C CA  . SER B 1 38  ? -8.392  -15.486 14.409  1.00 2.00  ? 39  SER B CA  1 
ATOM 1185 C C   . SER B 1 38  ? -8.391  -15.476 12.886  1.00 2.00  ? 39  SER B C   1 
ATOM 1186 O O   . SER B 1 38  ? -7.313  -15.458 12.262  1.00 2.00  ? 39  SER B O   1 
ATOM 1187 C CB  . SER B 1 38  ? -8.614  -16.910 14.917  1.00 2.00  ? 39  SER B CB  1 
ATOM 1188 O OG  . SER B 1 38  ? -8.122  -17.866 13.999  1.00 2.00  ? 39  SER B OG  1 
ATOM 1189 N N   . GLN B 1 39  ? -9.579  -15.500 12.318  1.00 2.00  ? 40  GLN B N   1 
ATOM 1190 C CA  . GLN B 1 39  ? -9.782  -15.561 10.866  1.00 8.79  ? 40  GLN B CA  1 
ATOM 1191 C C   . GLN B 1 39  ? -10.179 -14.308 10.106  1.00 2.00  ? 40  GLN B C   1 
ATOM 1192 O O   . GLN B 1 39  ? -10.225 -14.372 8.856   1.00 2.00  ? 40  GLN B O   1 
ATOM 1193 C CB  . GLN B 1 39  ? -10.845 -16.658 10.668  1.00 2.00  ? 40  GLN B CB  1 
ATOM 1194 C CG  . GLN B 1 39  ? -10.687 -17.584 9.488   1.00 2.00  ? 40  GLN B CG  1 
ATOM 1195 C CD  . GLN B 1 39  ? -11.853 -18.547 9.393   1.00 8.02  ? 40  GLN B CD  1 
ATOM 1196 O OE1 . GLN B 1 39  ? -12.145 -19.266 10.347  1.00 32.91 ? 40  GLN B OE1 1 
ATOM 1197 N NE2 . GLN B 1 39  ? -12.542 -18.576 8.254   1.00 10.00 ? 40  GLN B NE2 1 
ATOM 1198 N N   . ALA B 1 40  ? -10.444 -13.220 10.797  1.00 2.00  ? 41  ALA B N   1 
ATOM 1199 C CA  . ALA B 1 40  ? -10.866 -11.972 10.157  1.00 9.56  ? 41  ALA B CA  1 
ATOM 1200 C C   . ALA B 1 40  ? -9.784  -11.119 9.505   1.00 9.00  ? 41  ALA B C   1 
ATOM 1201 O O   . ALA B 1 40  ? -8.601  -11.080 9.868   1.00 7.56  ? 41  ALA B O   1 
ATOM 1202 C CB  . ALA B 1 40  ? -11.650 -11.134 11.174  1.00 14.45 ? 41  ALA B CB  1 
ATOM 1203 N N   . TYR B 1 41  ? -10.251 -10.414 8.484   1.00 7.50  ? 42  TYR B N   1 
ATOM 1204 C CA  . TYR B 1 41  ? -9.461  -9.452  7.698   1.00 2.00  ? 42  TYR B CA  1 
ATOM 1205 C C   . TYR B 1 41  ? -9.684  -8.176  8.539   1.00 8.91  ? 42  TYR B C   1 
ATOM 1206 O O   . TYR B 1 41  ? -10.844 -7.893  8.902   1.00 13.19 ? 42  TYR B O   1 
ATOM 1207 C CB  . TYR B 1 41  ? -9.882  -9.230  6.258   1.00 2.00  ? 42  TYR B CB  1 
ATOM 1208 C CG  . TYR B 1 41  ? -9.690  -10.327 5.244   1.00 4.40  ? 42  TYR B CG  1 
ATOM 1209 C CD1 . TYR B 1 41  ? -10.502 -11.469 5.249   1.00 2.00  ? 42  TYR B CD1 1 
ATOM 1210 C CD2 . TYR B 1 41  ? -8.713  -10.230 4.253   1.00 2.00  ? 42  TYR B CD2 1 
ATOM 1211 C CE1 . TYR B 1 41  ? -10.342 -12.481 4.307   1.00 2.00  ? 42  TYR B CE1 1 
ATOM 1212 C CE2 . TYR B 1 41  ? -8.532  -11.228 3.307   1.00 2.00  ? 42  TYR B CE2 1 
ATOM 1213 C CZ  . TYR B 1 41  ? -9.346  -12.354 3.338   1.00 14.70 ? 42  TYR B CZ  1 
ATOM 1214 O OH  . TYR B 1 41  ? -9.146  -13.330 2.394   1.00 16.66 ? 42  TYR B OH  1 
ATOM 1215 N N   . ARG B 1 42  ? -8.592  -7.499  8.806   1.00 3.56  ? 43  ARG B N   1 
ATOM 1216 C CA  . ARG B 1 42  ? -8.634  -6.284  9.640   1.00 8.51  ? 43  ARG B CA  1 
ATOM 1217 C C   . ARG B 1 42  ? -7.966  -5.081  9.008   1.00 3.69  ? 43  ARG B C   1 
ATOM 1218 O O   . ARG B 1 42  ? -6.940  -5.196  8.319   1.00 9.58  ? 43  ARG B O   1 
ATOM 1219 C CB  . ARG B 1 42  ? -7.970  -6.717  10.957  1.00 2.00  ? 43  ARG B CB  1 
ATOM 1220 C CG  . ARG B 1 42  ? -8.519  -6.117  12.236  1.00 2.00  ? 43  ARG B CG  1 
ATOM 1221 C CD  . ARG B 1 42  ? -7.510  -5.212  12.850  1.00 2.00  ? 43  ARG B CD  1 
ATOM 1222 N NE  . ARG B 1 42  ? -7.926  -4.820  14.184  1.00 2.72  ? 43  ARG B NE  1 
ATOM 1223 C CZ  . ARG B 1 42  ? -7.111  -4.402  15.154  1.00 2.00  ? 43  ARG B CZ  1 
ATOM 1224 N NH1 . ARG B 1 42  ? -5.796  -4.417  14.937  1.00 2.00  ? 43  ARG B NH1 1 
ATOM 1225 N NH2 . ARG B 1 42  ? -7.621  -3.989  16.315  1.00 2.00  ? 43  ARG B NH2 1 
ATOM 1226 N N   . VAL B 1 43  ? -8.559  -3.923  9.248   1.00 3.66  ? 44  VAL B N   1 
ATOM 1227 C CA  . VAL B 1 43  ? -8.084  -2.625  8.739   1.00 7.76  ? 44  VAL B CA  1 
ATOM 1228 C C   . VAL B 1 43  ? -8.230  -1.551  9.823   1.00 2.00  ? 44  VAL B C   1 
ATOM 1229 O O   . VAL B 1 43  ? -9.209  -1.509  10.577  1.00 3.65  ? 44  VAL B O   1 
ATOM 1230 C CB  . VAL B 1 43  ? -8.778  -2.225  7.420   1.00 2.00  ? 44  VAL B CB  1 
ATOM 1231 C CG1 . VAL B 1 43  ? -8.143  -0.992  6.784   1.00 2.00  ? 44  VAL B CG1 1 
ATOM 1232 C CG2 . VAL B 1 43  ? -8.848  -3.369  6.421   1.00 2.00  ? 44  VAL B CG2 1 
ATOM 1233 N N   . THR B 1 44  ? -7.237  -0.695  9.864   1.00 2.00  ? 45  THR B N   1 
ATOM 1234 C CA  . THR B 1 44  ? -7.140  0.415   10.826  1.00 2.00  ? 45  THR B CA  1 
ATOM 1235 C C   . THR B 1 44  ? -6.569  1.649   10.133  1.00 9.33  ? 45  THR B C   1 
ATOM 1236 O O   . THR B 1 44  ? -5.868  1.533   9.106   1.00 2.00  ? 45  THR B O   1 
ATOM 1237 C CB  . THR B 1 44  ? -6.360  -0.106  12.093  1.00 2.00  ? 45  THR B CB  1 
ATOM 1238 O OG1 . THR B 1 44  ? -7.373  -0.799  12.902  1.00 5.89  ? 45  THR B OG1 1 
ATOM 1239 C CG2 . THR B 1 44  ? -5.602  0.925   12.923  1.00 28.25 ? 45  THR B CG2 1 
ATOM 1240 N N   . ALA B 1 45  ? -6.887  2.810   10.699  1.00 2.00  ? 46  ALA B N   1 
ATOM 1241 C CA  . ALA B 1 45  ? -6.426  4.079   10.129  1.00 8.04  ? 46  ALA B CA  1 
ATOM 1242 C C   . ALA B 1 45  ? -6.529  5.317   11.007  1.00 4.79  ? 46  ALA B C   1 
ATOM 1243 O O   . ALA B 1 45  ? -7.615  5.687   11.471  1.00 7.93  ? 46  ALA B O   1 
ATOM 1244 C CB  . ALA B 1 45  ? -7.244  4.320   8.850   1.00 11.51 ? 46  ALA B CB  1 
ATOM 1245 N N   . SER B 1 46  ? -5.383  5.948   11.188  1.00 2.00  ? 47  SER B N   1 
ATOM 1246 C CA  . SER B 1 46  ? -5.252  7.186   11.959  1.00 2.00  ? 47  SER B CA  1 
ATOM 1247 C C   . SER B 1 46  ? -5.058  8.288   10.901  1.00 7.04  ? 47  SER B C   1 
ATOM 1248 O O   . SER B 1 46  ? -4.807  8.005   9.721   1.00 12.21 ? 47  SER B O   1 
ATOM 1249 C CB  . SER B 1 46  ? -4.096  7.247   12.924  1.00 2.00  ? 47  SER B CB  1 
ATOM 1250 O OG  . SER B 1 46  ? -4.085  6.187   13.849  1.00 2.00  ? 47  SER B OG  1 
ATOM 1251 N N   . TYR B 1 47  ? -5.185  9.501   11.382  1.00 4.33  ? 48  TYR B N   1 
ATOM 1252 C CA  . TYR B 1 47  ? -5.028  10.715  10.571  1.00 2.00  ? 48  TYR B CA  1 
ATOM 1253 C C   . TYR B 1 47  ? -4.663  11.809  11.579  1.00 9.57  ? 48  TYR B C   1 
ATOM 1254 O O   . TYR B 1 47  ? -5.480  12.197  12.428  1.00 19.88 ? 48  TYR B O   1 
ATOM 1255 C CB  . TYR B 1 47  ? -6.257  11.003  9.716   1.00 2.00  ? 48  TYR B CB  1 
ATOM 1256 C CG  . TYR B 1 47  ? -6.103  12.123  8.715   1.00 2.41  ? 48  TYR B CG  1 
ATOM 1257 C CD1 . TYR B 1 47  ? -4.996  12.190  7.860   1.00 12.39 ? 48  TYR B CD1 1 
ATOM 1258 C CD2 . TYR B 1 47  ? -7.058  13.127  8.612   1.00 2.09  ? 48  TYR B CD2 1 
ATOM 1259 C CE1 . TYR B 1 47  ? -4.850  13.221  6.940   1.00 2.36  ? 48  TYR B CE1 1 
ATOM 1260 C CE2 . TYR B 1 47  ? -6.936  14.163  7.692   1.00 12.88 ? 48  TYR B CE2 1 
ATOM 1261 C CZ  . TYR B 1 47  ? -5.829  14.206  6.857   1.00 6.84  ? 48  TYR B CZ  1 
ATOM 1262 O OH  . TYR B 1 47  ? -5.728  15.236  5.965   1.00 13.71 ? 48  TYR B OH  1 
ATOM 1263 N N   . ARG B 1 48  ? -3.422  12.242  11.456  1.00 2.00  ? 49  ARG B N   1 
ATOM 1264 C CA  . ARG B 1 48  ? -2.856  13.270  12.351  1.00 9.36  ? 49  ARG B CA  1 
ATOM 1265 C C   . ARG B 1 48  ? -2.000  14.253  11.566  1.00 4.61  ? 49  ARG B C   1 
ATOM 1266 O O   . ARG B 1 48  ? -1.699  14.032  10.383  1.00 4.73  ? 49  ARG B O   1 
ATOM 1267 C CB  . ARG B 1 48  ? -2.113  12.515  13.451  1.00 14.23 ? 49  ARG B CB  1 
ATOM 1268 C CG  . ARG B 1 48  ? -0.993  13.153  14.241  1.00 26.61 ? 49  ARG B CG  1 
ATOM 1269 C CD  . ARG B 1 48  ? -1.113  12.878  15.705  1.00 31.25 ? 49  ARG B CD  1 
ATOM 1270 N NE  . ARG B 1 48  ? -2.411  13.330  16.195  1.00 37.53 ? 49  ARG B NE  1 
ATOM 1271 C CZ  . ARG B 1 48  ? -2.667  14.568  16.614  1.00 43.15 ? 49  ARG B CZ  1 
ATOM 1272 N NH1 . ARG B 1 48  ? -1.712  15.484  16.732  1.00 60.47 ? 49  ARG B NH1 1 
ATOM 1273 N NH2 . ARG B 1 48  ? -3.928  14.900  16.888  1.00 46.18 ? 49  ARG B NH2 1 
ATOM 1274 N N   . ALA B 1 49  ? -1.637  15.338  12.227  1.00 2.00  ? 50  ALA B N   1 
ATOM 1275 C CA  . ALA B 1 49  ? -0.801  16.386  11.638  1.00 4.65  ? 50  ALA B CA  1 
ATOM 1276 C C   . ALA B 1 49  ? 0.653   16.111  12.040  1.00 9.74  ? 50  ALA B C   1 
ATOM 1277 O O   . ALA B 1 49  ? 0.969   15.844  13.209  1.00 5.26  ? 50  ALA B O   1 
ATOM 1278 C CB  . ALA B 1 49  ? -1.199  17.791  12.051  1.00 2.00  ? 50  ALA B CB  1 
ATOM 1279 N N   . SER B 1 50  ? 1.480   16.193  11.017  1.00 10.13 ? 51  SER B N   1 
ATOM 1280 C CA  . SER B 1 50  ? 2.932   15.990  11.165  1.00 7.16  ? 51  SER B CA  1 
ATOM 1281 C C   . SER B 1 50  ? 3.537   17.377  10.928  1.00 2.00  ? 51  SER B C   1 
ATOM 1282 O O   . SER B 1 50  ? 3.623   17.864  9.790   1.00 6.08  ? 51  SER B O   1 
ATOM 1283 C CB  . SER B 1 50  ? 3.448   14.914  10.238  1.00 26.91 ? 51  SER B CB  1 
ATOM 1284 O OG  . SER B 1 50  ? 4.712   14.401  10.619  1.00 32.04 ? 51  SER B OG  1 
ATOM 1285 N N   . GLY B 1 51  ? 3.913   18.001  12.022  1.00 2.00  ? 52  GLY B N   1 
ATOM 1286 C CA  . GLY B 1 51  ? 4.523   19.335  12.000  1.00 15.63 ? 52  GLY B CA  1 
ATOM 1287 C C   . GLY B 1 51  ? 3.609   20.416  11.439  1.00 2.20  ? 52  GLY B C   1 
ATOM 1288 O O   . GLY B 1 51  ? 2.372   20.359  11.449  1.00 13.25 ? 52  GLY B O   1 
ATOM 1289 N N   . ALA B 1 52  ? 4.261   21.444  10.934  1.00 3.51  ? 53  ALA B N   1 
ATOM 1290 C CA  . ALA B 1 52  ? 3.685   22.656  10.382  1.00 10.34 ? 53  ALA B CA  1 
ATOM 1291 C C   . ALA B 1 52  ? 2.917   22.662  9.073   1.00 15.28 ? 53  ALA B C   1 
ATOM 1292 O O   . ALA B 1 52  ? 1.904   23.400  9.040   1.00 14.08 ? 53  ALA B O   1 
ATOM 1293 C CB  . ALA B 1 52  ? 4.824   23.690  10.252  1.00 2.47  ? 53  ALA B CB  1 
ATOM 1294 N N   . ASP B 1 53  ? 3.386   21.924  8.083   1.00 17.78 ? 54  ASP B N   1 
ATOM 1295 C CA  . ASP B 1 53  ? 2.699   21.949  6.778   1.00 16.18 ? 54  ASP B CA  1 
ATOM 1296 C C   . ASP B 1 53  ? 2.346   20.603  6.166   1.00 16.54 ? 54  ASP B C   1 
ATOM 1297 O O   . ASP B 1 53  ? 2.120   20.607  4.934   1.00 26.43 ? 54  ASP B O   1 
ATOM 1298 C CB  . ASP B 1 53  ? 3.524   22.845  5.847   1.00 12.39 ? 54  ASP B CB  1 
ATOM 1299 C CG  . ASP B 1 53  ? 4.962   22.410  5.667   1.00 19.92 ? 54  ASP B CG  1 
ATOM 1300 O OD1 . ASP B 1 53  ? 5.635   21.930  6.591   1.00 10.66 ? 54  ASP B OD1 1 
ATOM 1301 O OD2 . ASP B 1 53  ? 5.425   22.569  4.512   1.00 43.88 ? 54  ASP B OD2 1 
ATOM 1302 N N   . LYS B 1 54  ? 2.286   19.558  6.973   1.00 4.71  ? 55  LYS B N   1 
ATOM 1303 C CA  . LYS B 1 54  ? 1.933   18.235  6.424   1.00 10.12 ? 55  LYS B CA  1 
ATOM 1304 C C   . LYS B 1 54  ? 1.100   17.404  7.392   1.00 2.00  ? 55  LYS B C   1 
ATOM 1305 O O   . LYS B 1 54  ? 1.028   17.652  8.602   1.00 2.00  ? 55  LYS B O   1 
ATOM 1306 C CB  . LYS B 1 54  ? 3.140   17.465  5.915   1.00 16.89 ? 55  LYS B CB  1 
ATOM 1307 C CG  . LYS B 1 54  ? 4.392   17.510  6.777   1.00 25.44 ? 55  LYS B CG  1 
ATOM 1308 C CD  . LYS B 1 54  ? 5.573   16.830  6.114   1.00 35.38 ? 55  LYS B CD  1 
ATOM 1309 C CE  . LYS B 1 54  ? 6.173   17.614  4.969   1.00 41.13 ? 55  LYS B CE  1 
ATOM 1310 N NZ  . LYS B 1 54  ? 7.313   16.852  4.390   1.00 59.15 ? 55  LYS B NZ  1 
ATOM 1311 N N   . ARG B 1 55  ? 0.460   16.410  6.801   1.00 2.00  ? 56  ARG B N   1 
ATOM 1312 C CA  . ARG B 1 55  ? -0.417  15.470  7.522   1.00 2.48  ? 56  ARG B CA  1 
ATOM 1313 C C   . ARG B 1 55  ? -0.021  14.028  7.243   1.00 2.00  ? 56  ARG B C   1 
ATOM 1314 O O   . ARG B 1 55  ? 0.427   13.697  6.130   1.00 3.03  ? 56  ARG B O   1 
ATOM 1315 C CB  . ARG B 1 55  ? -1.870  15.821  7.179   1.00 15.68 ? 56  ARG B CB  1 
ATOM 1316 C CG  . ARG B 1 55  ? -2.174  17.289  7.485   1.00 17.99 ? 56  ARG B CG  1 
ATOM 1317 C CD  . ARG B 1 55  ? -3.594  17.679  7.314   1.00 13.33 ? 56  ARG B CD  1 
ATOM 1318 N NE  . ARG B 1 55  ? -4.516  16.800  8.007   1.00 13.55 ? 56  ARG B NE  1 
ATOM 1319 C CZ  . ARG B 1 55  ? -4.622  16.624  9.320   1.00 3.57  ? 56  ARG B CZ  1 
ATOM 1320 N NH1 . ARG B 1 55  ? -3.899  17.353  10.166  1.00 5.03  ? 56  ARG B NH1 1 
ATOM 1321 N NH2 . ARG B 1 55  ? -5.462  15.712  9.791   1.00 11.97 ? 56  ARG B NH2 1 
ATOM 1322 N N   . LYS B 1 56  ? -0.161  13.200  8.267   1.00 2.00  ? 57  LYS B N   1 
ATOM 1323 C CA  . LYS B 1 56  ? 0.182   11.776  8.199   1.00 2.00  ? 57  LYS B CA  1 
ATOM 1324 C C   . LYS B 1 56  ? -0.977  10.812  8.438   1.00 2.00  ? 57  LYS B C   1 
ATOM 1325 O O   . LYS B 1 56  ? -1.881  10.959  9.265   1.00 2.00  ? 57  LYS B O   1 
ATOM 1326 C CB  . LYS B 1 56  ? 1.322   11.415  9.157   1.00 2.00  ? 57  LYS B CB  1 
ATOM 1327 C CG  . LYS B 1 56  ? 1.872   10.000  8.943   1.00 2.00  ? 57  LYS B CG  1 
ATOM 1328 C CD  . LYS B 1 56  ? 3.312   9.858   9.398   1.00 3.38  ? 57  LYS B CD  1 
ATOM 1329 C CE  . LYS B 1 56  ? 3.449   9.294   10.794  1.00 9.55  ? 57  LYS B CE  1 
ATOM 1330 N NZ  . LYS B 1 56  ? 3.531   7.809   10.739  1.00 17.26 ? 57  LYS B NZ  1 
ATOM 1331 N N   . TYR B 1 57  ? -0.913  9.751   7.656   1.00 2.00  ? 58  TYR B N   1 
ATOM 1332 C CA  . TYR B 1 57  ? -1.846  8.624   7.633   1.00 2.00  ? 58  TYR B CA  1 
ATOM 1333 C C   . TYR B 1 57  ? -1.096  7.389   8.143   1.00 2.00  ? 58  TYR B C   1 
ATOM 1334 O O   . TYR B 1 57  ? 0.053   7.156   7.753   1.00 2.00  ? 58  TYR B O   1 
ATOM 1335 C CB  . TYR B 1 57  ? -2.385  8.351   6.237   1.00 2.00  ? 58  TYR B CB  1 
ATOM 1336 C CG  . TYR B 1 57  ? -3.491  9.217   5.697   1.00 2.00  ? 58  TYR B CG  1 
ATOM 1337 C CD1 . TYR B 1 57  ? -4.818  8.964   6.050   1.00 2.00  ? 58  TYR B CD1 1 
ATOM 1338 C CD2 . TYR B 1 57  ? -3.231  10.274  4.816   1.00 2.00  ? 58  TYR B CD2 1 
ATOM 1339 C CE1 . TYR B 1 57  ? -5.860  9.739   5.554   1.00 2.00  ? 58  TYR B CE1 1 
ATOM 1340 C CE2 . TYR B 1 57  ? -4.265  11.054  4.310   1.00 2.41  ? 58  TYR B CE2 1 
ATOM 1341 C CZ  . TYR B 1 57  ? -5.581  10.780  4.681   1.00 2.77  ? 58  TYR B CZ  1 
ATOM 1342 O OH  . TYR B 1 57  ? -6.629  11.525  4.212   1.00 10.91 ? 58  TYR B OH  1 
ATOM 1343 N N   . THR B 1 58  ? -1.768  6.651   8.996   1.00 4.52  ? 59  THR B N   1 
ATOM 1344 C CA  . THR B 1 58  ? -1.212  5.432   9.604   1.00 8.57  ? 59  THR B CA  1 
ATOM 1345 C C   . THR B 1 58  ? -2.187  4.280   9.407   1.00 2.00  ? 59  THR B C   1 
ATOM 1346 O O   . THR B 1 58  ? -3.180  4.182   10.147  1.00 4.23  ? 59  THR B O   1 
ATOM 1347 C CB  . THR B 1 58  ? -0.862  5.716   11.117  1.00 18.89 ? 59  THR B CB  1 
ATOM 1348 O OG1 . THR B 1 58  ? -0.156  7.003   11.104  1.00 17.02 ? 59  THR B OG1 1 
ATOM 1349 C CG2 . THR B 1 58  ? -0.053  4.616   11.806  1.00 27.59 ? 59  THR B CG2 1 
ATOM 1350 N N   . ILE B 1 59  ? -1.892  3.457   8.418   1.00 2.00  ? 60  ILE B N   1 
ATOM 1351 C CA  . ILE B 1 59  ? -2.718  2.299   8.067   1.00 7.76  ? 60  ILE B CA  1 
ATOM 1352 C C   . ILE B 1 59  ? -1.976  0.985   8.324   1.00 2.00  ? 60  ILE B C   1 
ATOM 1353 O O   . ILE B 1 59  ? -0.799  0.832   7.993   1.00 2.00  ? 60  ILE B O   1 
ATOM 1354 C CB  . ILE B 1 59  ? -3.238  2.335   6.585   1.00 2.00  ? 60  ILE B CB  1 
ATOM 1355 C CG1 . ILE B 1 59  ? -4.029  3.629   6.303   1.00 2.00  ? 60  ILE B CG1 1 
ATOM 1356 C CG2 . ILE B 1 59  ? -4.063  1.072   6.218   1.00 2.00  ? 60  ILE B CG2 1 
ATOM 1357 C CD1 . ILE B 1 59  ? -3.245  4.718   5.524   1.00 2.00  ? 60  ILE B CD1 1 
ATOM 1358 N N   . LYS B 1 60  ? -2.727  0.067   8.897   1.00 2.00  ? 61  LYS B N   1 
ATOM 1359 C CA  . LYS B 1 60  ? -2.254  -1.286  9.222   1.00 2.00  ? 61  LYS B CA  1 
ATOM 1360 C C   . LYS B 1 60  ? -3.280  -2.266  8.643   1.00 2.00  ? 61  LYS B C   1 
ATOM 1361 O O   . LYS B 1 60  ? -4.476  -1.919  8.582   1.00 5.31  ? 61  LYS B O   1 
ATOM 1362 C CB  . LYS B 1 60  ? -2.057  -1.502  10.710  1.00 2.00  ? 61  LYS B CB  1 
ATOM 1363 C CG  . LYS B 1 60  ? -1.219  -0.419  11.380  1.00 2.00  ? 61  LYS B CG  1 
ATOM 1364 C CD  . LYS B 1 60  ? -0.691  -0.870  12.732  1.00 5.47  ? 61  LYS B CD  1 
ATOM 1365 C CE  . LYS B 1 60  ? 0.366   0.074   13.274  1.00 3.40  ? 61  LYS B CE  1 
ATOM 1366 N NZ  . LYS B 1 60  ? -0.271  1.373   13.613  1.00 10.98 ? 61  LYS B NZ  1 
ATOM 1367 N N   . LEU B 1 61  ? -2.801  -3.421  8.227   1.00 2.00  ? 62  LEU B N   1 
ATOM 1368 C CA  . LEU B 1 61  ? -3.685  -4.445  7.653   1.00 3.12  ? 62  LEU B CA  1 
ATOM 1369 C C   . LEU B 1 61  ? -3.253  -5.856  8.050   1.00 2.00  ? 62  LEU B C   1 
ATOM 1370 O O   . LEU B 1 61  ? -2.067  -6.196  8.143   1.00 2.32  ? 62  LEU B O   1 
ATOM 1371 C CB  . LEU B 1 61  ? -3.779  -4.199  6.141   1.00 2.00  ? 62  LEU B CB  1 
ATOM 1372 C CG  . LEU B 1 61  ? -4.366  -5.343  5.324   1.00 2.00  ? 62  LEU B CG  1 
ATOM 1373 C CD1 . LEU B 1 61  ? -5.892  -5.291  5.343   1.00 3.76  ? 62  LEU B CD1 1 
ATOM 1374 C CD2 . LEU B 1 61  ? -3.824  -5.254  3.904   1.00 2.00  ? 62  LEU B CD2 1 
ATOM 1375 N N   . GLU B 1 62  ? -4.277  -6.658  8.277   1.00 2.00  ? 63  GLU B N   1 
ATOM 1376 C CA  . GLU B 1 62  ? -4.122  -8.072  8.663   1.00 10.99 ? 63  GLU B CA  1 
ATOM 1377 C C   . GLU B 1 62  ? -4.903  -8.911  7.654   1.00 2.82  ? 63  GLU B C   1 
ATOM 1378 O O   . GLU B 1 62  ? -6.126  -8.801  7.493   1.00 8.05  ? 63  GLU B O   1 
ATOM 1379 C CB  . GLU B 1 62  ? -4.558  -8.346  10.091  1.00 2.21  ? 63  GLU B CB  1 
ATOM 1380 C CG  . GLU B 1 62  ? -3.925  -7.412  11.124  1.00 2.00  ? 63  GLU B CG  1 
ATOM 1381 C CD  . GLU B 1 62  ? -4.416  -7.497  12.532  1.00 2.00  ? 63  GLU B CD  1 
ATOM 1382 O OE1 . GLU B 1 62  ? -5.321  -8.340  12.702  1.00 6.02  ? 63  GLU B OE1 1 
ATOM 1383 O OE2 . GLU B 1 62  ? -3.969  -6.806  13.432  1.00 2.00  ? 63  GLU B OE2 1 
ATOM 1384 N N   . VAL B 1 63  ? -4.122  -9.715  6.957   1.00 2.00  ? 64  VAL B N   1 
ATOM 1385 C CA  . VAL B 1 63  ? -4.637  -10.599 5.910   1.00 7.15  ? 64  VAL B CA  1 
ATOM 1386 C C   . VAL B 1 63  ? -4.441  -12.048 6.362   1.00 6.83  ? 64  VAL B C   1 
ATOM 1387 O O   . VAL B 1 63  ? -3.347  -12.612 6.212   1.00 10.34 ? 64  VAL B O   1 
ATOM 1388 C CB  . VAL B 1 63  ? -4.004  -10.305 4.540   1.00 7.28  ? 64  VAL B CB  1 
ATOM 1389 C CG1 . VAL B 1 63  ? -4.720  -11.077 3.437   1.00 2.00  ? 64  VAL B CG1 1 
ATOM 1390 C CG2 . VAL B 1 63  ? -3.939  -8.824  4.220   1.00 7.67  ? 64  VAL B CG2 1 
ATOM 1391 N N   . PRO B 1 64  ? -5.526  -12.574 6.899   1.00 2.00  ? 65  PRO B N   1 
ATOM 1392 C CA  . PRO B 1 64  ? -5.537  -13.968 7.353   1.00 2.00  ? 65  PRO B CA  1 
ATOM 1393 C C   . PRO B 1 64  ? -5.432  -14.780 6.060   1.00 3.20  ? 65  PRO B C   1 
ATOM 1394 O O   . PRO B 1 64  ? -6.031  -14.382 5.042   1.00 12.64 ? 65  PRO B O   1 
ATOM 1395 C CB  . PRO B 1 64  ? -6.879  -14.141 8.052   1.00 2.00  ? 65  PRO B CB  1 
ATOM 1396 C CG  . PRO B 1 64  ? -7.757  -13.157 7.316   1.00 18.57 ? 65  PRO B CG  1 
ATOM 1397 C CD  . PRO B 1 64  ? -6.845  -11.952 7.073   1.00 8.88  ? 65  PRO B CD  1 
ATOM 1398 N N   . LYS B 1 65  ? -4.663  -15.839 6.141   1.00 2.00  ? 66  LYS B N   1 
ATOM 1399 C CA  . LYS B 1 65  ? -4.503  -16.755 5.001   1.00 17.86 ? 66  LYS B CA  1 
ATOM 1400 C C   . LYS B 1 65  ? -4.939  -18.076 5.639   1.00 29.27 ? 66  LYS B C   1 
ATOM 1401 O O   . LYS B 1 65  ? -4.239  -18.568 6.539   1.00 30.05 ? 66  LYS B O   1 
ATOM 1402 C CB  . LYS B 1 65  ? -3.133  -16.862 4.395   1.00 32.16 ? 66  LYS B CB  1 
ATOM 1403 C CG  . LYS B 1 65  ? -3.112  -17.208 2.903   1.00 20.47 ? 66  LYS B CG  1 
ATOM 1404 C CD  . LYS B 1 65  ? -2.147  -16.306 2.152   1.00 29.96 ? 66  LYS B CD  1 
ATOM 1405 C CE  . LYS B 1 65  ? -2.621  -14.873 2.040   1.00 23.75 ? 66  LYS B CE  1 
ATOM 1406 N NZ  . LYS B 1 65  ? -2.349  -14.127 3.295   1.00 29.41 ? 66  LYS B NZ  1 
ATOM 1407 N N   . ILE B 1 66  ? -6.065  -18.575 5.186   1.00 33.12 ? 67  ILE B N   1 
ATOM 1408 C CA  . ILE B 1 66  ? -6.656  -19.820 5.677   1.00 56.00 ? 67  ILE B CA  1 
ATOM 1409 C C   . ILE B 1 66  ? -5.652  -20.922 5.982   1.00 68.05 ? 67  ILE B C   1 
ATOM 1410 O O   . ILE B 1 66  ? -6.007  -21.934 6.603   1.00 67.60 ? 67  ILE B O   1 
ATOM 1411 C CB  . ILE B 1 66  ? -7.745  -20.297 4.642   1.00 59.87 ? 67  ILE B CB  1 
ATOM 1412 C CG1 . ILE B 1 66  ? -7.095  -20.519 3.254   1.00 58.83 ? 67  ILE B CG1 1 
ATOM 1413 C CG2 . ILE B 1 66  ? -8.949  -19.323 4.557   1.00 61.01 ? 67  ILE B CG2 1 
ATOM 1414 C CD1 . ILE B 1 66  ? -6.565  -21.954 2.994   1.00 56.35 ? 67  ILE B CD1 1 
ATOM 1415 N N   . VAL B 1 67  ? -4.424  -20.742 5.561   1.00 71.88 ? 68  VAL B N   1 
ATOM 1416 C CA  . VAL B 1 67  ? -3.294  -21.642 5.712   1.00 62.07 ? 68  VAL B CA  1 
ATOM 1417 C C   . VAL B 1 67  ? -2.670  -21.704 7.100   1.00 56.61 ? 68  VAL B C   1 
ATOM 1418 O O   . VAL B 1 67  ? -1.531  -22.183 7.249   1.00 56.94 ? 68  VAL B O   1 
ATOM 1419 C CB  . VAL B 1 67  ? -2.279  -21.336 4.585   1.00 67.04 ? 68  VAL B CB  1 
ATOM 1420 C CG1 . VAL B 1 67  ? -2.871  -21.566 3.199   1.00 64.17 ? 68  VAL B CG1 1 
ATOM 1421 C CG2 . VAL B 1 67  ? -1.715  -19.935 4.706   1.00 64.99 ? 68  VAL B CG2 1 
ATOM 1422 N N   . GLU B 1 75  ? -0.511  -24.830 17.380  1.00 70.92 ? 76  GLU B N   1 
ATOM 1423 C CA  . GLU B 1 75  ? 0.198   -23.596 17.439  1.00 77.83 ? 76  GLU B CA  1 
ATOM 1424 C C   . GLU B 1 75  ? -0.485  -22.265 17.174  1.00 82.95 ? 76  GLU B C   1 
ATOM 1425 O O   . GLU B 1 75  ? -0.262  -21.360 18.006  1.00 91.50 ? 76  GLU B O   1 
ATOM 1426 C CB  . GLU B 1 75  ? 1.385   -23.547 16.446  1.00 70.40 ? 76  GLU B CB  1 
ATOM 1427 C CG  . GLU B 1 75  ? 2.702   -24.234 16.806  1.00 72.55 ? 76  GLU B CG  1 
ATOM 1428 C CD  . GLU B 1 75  ? 2.452   -25.654 17.238  1.00 69.14 ? 76  GLU B CD  1 
ATOM 1429 O OE1 . GLU B 1 75  ? 2.239   -26.564 16.462  1.00 66.65 ? 76  GLU B OE1 1 
ATOM 1430 O OE2 . GLU B 1 75  ? 2.437   -25.722 18.485  1.00 71.74 ? 76  GLU B OE2 1 
ATOM 1431 N N   . LEU B 1 76  ? -1.204  -22.201 16.065  1.00 82.47 ? 77  LEU B N   1 
ATOM 1432 C CA  . LEU B 1 76  ? -1.846  -20.922 15.726  1.00 80.83 ? 77  LEU B CA  1 
ATOM 1433 C C   . LEU B 1 76  ? -3.367  -20.948 15.659  1.00 82.55 ? 77  LEU B C   1 
ATOM 1434 O O   . LEU B 1 76  ? -4.000  -20.987 14.596  1.00 82.52 ? 77  LEU B O   1 
ATOM 1435 C CB  . LEU B 1 76  ? -1.074  -20.289 14.591  1.00 79.12 ? 77  LEU B CB  1 
ATOM 1436 C CG  . LEU B 1 76  ? -0.370  -20.767 13.367  1.00 81.36 ? 77  LEU B CG  1 
ATOM 1437 C CD1 . LEU B 1 76  ? 0.573   -19.663 12.859  1.00 76.93 ? 77  LEU B CD1 1 
ATOM 1438 C CD2 . LEU B 1 76  ? 0.481   -22.012 13.589  1.00 81.58 ? 77  LEU B CD2 1 
ATOM 1439 N N   . PRO B 1 77  ? -3.933  -20.858 16.854  1.00 82.22 ? 78  PRO B N   1 
ATOM 1440 C CA  . PRO B 1 77  ? -5.386  -20.820 17.070  1.00 83.67 ? 78  PRO B CA  1 
ATOM 1441 C C   . PRO B 1 77  ? -5.843  -19.363 17.019  1.00 80.61 ? 78  PRO B C   1 
ATOM 1442 O O   . PRO B 1 77  ? -6.679  -18.952 16.210  1.00 85.68 ? 78  PRO B O   1 
ATOM 1443 C CB  . PRO B 1 77  ? -5.570  -21.487 18.425  1.00 89.22 ? 78  PRO B CB  1 
ATOM 1444 C CG  . PRO B 1 77  ? -4.200  -21.642 19.024  1.00 84.38 ? 78  PRO B CG  1 
ATOM 1445 C CD  . PRO B 1 77  ? -3.261  -20.796 18.169  1.00 82.34 ? 78  PRO B CD  1 
ATOM 1446 N N   . VAL B 1 78  ? -5.256  -18.586 17.909  1.00 75.24 ? 79  VAL B N   1 
ATOM 1447 C CA  . VAL B 1 78  ? -5.480  -17.150 18.080  1.00 76.80 ? 79  VAL B CA  1 
ATOM 1448 C C   . VAL B 1 78  ? -4.264  -16.425 17.486  1.00 80.14 ? 79  VAL B C   1 
ATOM 1449 O O   . VAL B 1 78  ? -4.282  -15.236 17.154  1.00 83.99 ? 79  VAL B O   1 
ATOM 1450 C CB  . VAL B 1 78  ? -5.735  -16.792 19.552  1.00 79.16 ? 79  VAL B CB  1 
ATOM 1451 C CG1 . VAL B 1 78  ? -4.513  -17.023 20.436  1.00 81.42 ? 79  VAL B CG1 1 
ATOM 1452 C CG2 . VAL B 1 78  ? -6.254  -15.371 19.711  1.00 78.31 ? 79  VAL B CG2 1 
ATOM 1453 N N   . SER B 1 79  ? -3.209  -17.213 17.406  1.00 75.21 ? 80  SER B N   1 
ATOM 1454 C CA  . SER B 1 79  ? -1.917  -16.805 16.820  1.00 62.22 ? 80  SER B CA  1 
ATOM 1455 C C   . SER B 1 79  ? -2.184  -17.208 15.361  1.00 52.20 ? 80  SER B C   1 
ATOM 1456 O O   . SER B 1 79  ? -2.987  -18.169 15.259  1.00 33.69 ? 80  SER B O   1 
ATOM 1457 C CB  . SER B 1 79  ? -0.730  -17.508 17.421  1.00 72.76 ? 80  SER B CB  1 
ATOM 1458 O OG  . SER B 1 79  ? -0.617  -17.314 18.819  1.00 81.96 ? 80  SER B OG  1 
ATOM 1459 N N   . ALA B 1 80  ? -1.624  -16.526 14.375  1.00 43.82 ? 81  ALA B N   1 
ATOM 1460 C CA  . ALA B 1 80  ? -1.961  -16.953 13.010  1.00 43.01 ? 81  ALA B CA  1 
ATOM 1461 C C   . ALA B 1 80  ? -1.148  -16.470 11.824  1.00 39.38 ? 81  ALA B C   1 
ATOM 1462 O O   . ALA B 1 80  ? -0.385  -15.500 11.843  1.00 39.74 ? 81  ALA B O   1 
ATOM 1463 C CB  . ALA B 1 80  ? -3.435  -16.557 12.769  1.00 43.36 ? 81  ALA B CB  1 
ATOM 1464 N N   . TRP B 1 81  ? -1.394  -17.229 10.756  1.00 13.93 ? 82  TRP B N   1 
ATOM 1465 C CA  . TRP B 1 81  ? -0.782  -16.987 9.440   1.00 23.86 ? 82  TRP B CA  1 
ATOM 1466 C C   . TRP B 1 81  ? -1.578  -15.727 9.020   1.00 28.42 ? 82  TRP B C   1 
ATOM 1467 O O   . TRP B 1 81  ? -2.634  -15.776 8.386   1.00 29.50 ? 82  TRP B O   1 
ATOM 1468 C CB  . TRP B 1 81  ? -0.892  -18.085 8.437   1.00 21.59 ? 82  TRP B CB  1 
ATOM 1469 C CG  . TRP B 1 81  ? -0.001  -18.320 7.290   1.00 21.85 ? 82  TRP B CG  1 
ATOM 1470 C CD1 . TRP B 1 81  ? 0.767   -19.430 7.052   1.00 33.55 ? 82  TRP B CD1 1 
ATOM 1471 C CD2 . TRP B 1 81  ? 0.228   -17.442 6.175   1.00 31.66 ? 82  TRP B CD2 1 
ATOM 1472 N NE1 . TRP B 1 81  ? 1.458   -19.299 5.869   1.00 41.89 ? 82  TRP B NE1 1 
ATOM 1473 C CE2 . TRP B 1 81  ? 1.145   -18.089 5.313   1.00 39.85 ? 82  TRP B CE2 1 
ATOM 1474 C CE3 . TRP B 1 81  ? -0.249  -16.180 5.845   1.00 24.78 ? 82  TRP B CE3 1 
ATOM 1475 C CZ2 . TRP B 1 81  ? 1.583   -17.509 4.133   1.00 33.32 ? 82  TRP B CZ2 1 
ATOM 1476 C CZ3 . TRP B 1 81  ? 0.180   -15.605 4.666   1.00 34.37 ? 82  TRP B CZ3 1 
ATOM 1477 C CH2 . TRP B 1 81  ? 1.080   -16.256 3.825   1.00 41.09 ? 82  TRP B CH2 1 
ATOM 1478 N N   . LYS B 1 82  ? -0.987  -14.649 9.487   1.00 8.79  ? 83  LYS B N   1 
ATOM 1479 C CA  . LYS B 1 82  ? -1.489  -13.301 9.239   1.00 10.21 ? 83  LYS B CA  1 
ATOM 1480 C C   . LYS B 1 82  ? -0.340  -12.592 8.510   1.00 2.00  ? 83  LYS B C   1 
ATOM 1481 O O   . LYS B 1 82  ? 0.844   -12.775 8.845   1.00 2.00  ? 83  LYS B O   1 
ATOM 1482 C CB  . LYS B 1 82  ? -1.845  -12.557 10.512  1.00 11.77 ? 83  LYS B CB  1 
ATOM 1483 C CG  . LYS B 1 82  ? -2.983  -13.166 11.320  1.00 5.06  ? 83  LYS B CG  1 
ATOM 1484 C CD  . LYS B 1 82  ? -4.334  -12.572 10.962  1.00 2.00  ? 83  LYS B CD  1 
ATOM 1485 C CE  . LYS B 1 82  ? -5.333  -12.768 12.093  1.00 2.31  ? 83  LYS B CE  1 
ATOM 1486 N NZ  . LYS B 1 82  ? -6.462  -11.810 11.957  1.00 3.81  ? 83  LYS B NZ  1 
ATOM 1487 N N   . ALA B 1 83  ? -0.757  -11.841 7.517   1.00 2.00  ? 84  ALA B N   1 
ATOM 1488 C CA  . ALA B 1 83  ? 0.171   -11.025 6.714   1.00 2.00  ? 84  ALA B CA  1 
ATOM 1489 C C   . ALA B 1 83  ? -0.112  -9.659  7.368   1.00 2.00  ? 84  ALA B C   1 
ATOM 1490 O O   . ALA B 1 83  ? -1.295  -9.319  7.528   1.00 2.00  ? 84  ALA B O   1 
ATOM 1491 C CB  . ALA B 1 83  ? -0.079  -11.097 5.237   1.00 2.00  ? 84  ALA B CB  1 
ATOM 1492 N N   . TYR B 1 84  ? 0.949   -8.995  7.763   1.00 2.00  ? 85  TYR B N   1 
ATOM 1493 C CA  . TYR B 1 84  ? 0.837   -7.689  8.414   1.00 2.00  ? 85  TYR B CA  1 
ATOM 1494 C C   . TYR B 1 84  ? 1.503   -6.606  7.568   1.00 2.00  ? 85  TYR B C   1 
ATOM 1495 O O   . TYR B 1 84  ? 2.702   -6.700  7.266   1.00 2.00  ? 85  TYR B O   1 
ATOM 1496 C CB  . TYR B 1 84  ? 1.451   -7.707  9.816   1.00 2.00  ? 85  TYR B CB  1 
ATOM 1497 C CG  . TYR B 1 84  ? 0.746   -8.585  10.818  1.00 3.39  ? 85  TYR B CG  1 
ATOM 1498 C CD1 . TYR B 1 84  ? -0.530  -8.274  11.294  1.00 2.00  ? 85  TYR B CD1 1 
ATOM 1499 C CD2 . TYR B 1 84  ? 1.373   -9.733  11.308  1.00 4.33  ? 85  TYR B CD2 1 
ATOM 1500 C CE1 . TYR B 1 84  ? -1.167  -9.091  12.226  1.00 2.00  ? 85  TYR B CE1 1 
ATOM 1501 C CE2 . TYR B 1 84  ? 0.748   -10.553 12.242  1.00 4.87  ? 85  TYR B CE2 1 
ATOM 1502 C CZ  . TYR B 1 84  ? -0.522  -10.229 12.699  1.00 2.00  ? 85  TYR B CZ  1 
ATOM 1503 O OH  . TYR B 1 84  ? -1.101  -11.054 13.620  1.00 4.53  ? 85  TYR B OH  1 
ATOM 1504 N N   . ALA B 1 85  ? 0.685   -5.630  7.235   1.00 2.00  ? 86  ALA B N   1 
ATOM 1505 C CA  . ALA B 1 85  ? 1.127   -4.471  6.437   1.00 2.00  ? 86  ALA B CA  1 
ATOM 1506 C C   . ALA B 1 85  ? 0.985   -3.248  7.343   1.00 2.00  ? 86  ALA B C   1 
ATOM 1507 O O   . ALA B 1 85  ? 0.166   -3.257  8.275   1.00 11.33 ? 86  ALA B O   1 
ATOM 1508 C CB  . ALA B 1 85  ? 0.339   -4.401  5.145   1.00 2.00  ? 86  ALA B CB  1 
ATOM 1509 N N   . SER B 1 86  ? 1.791   -2.245  7.071   1.00 3.66  ? 87  SER B N   1 
ATOM 1510 C CA  . SER B 1 86  ? 1.792   -0.992  7.838   1.00 2.00  ? 87  SER B CA  1 
ATOM 1511 C C   . SER B 1 86  ? 2.309   0.141   6.949   1.00 15.76 ? 87  SER B C   1 
ATOM 1512 O O   . SER B 1 86  ? 3.468   0.159   6.516   1.00 12.96 ? 87  SER B O   1 
ATOM 1513 C CB  . SER B 1 86  ? 2.573   -1.104  9.129   1.00 3.62  ? 87  SER B CB  1 
ATOM 1514 O OG  . SER B 1 86  ? 2.184   -0.058  10.007  1.00 22.81 ? 87  SER B OG  1 
ATOM 1515 N N   . ILE B 1 87  ? 1.399   1.063   6.695   1.00 16.19 ? 88  ILE B N   1 
ATOM 1516 C CA  . ILE B 1 87  ? 1.621   2.237   5.858   1.00 2.00  ? 88  ILE B CA  1 
ATOM 1517 C C   . ILE B 1 87  ? 1.595   3.541   6.646   1.00 2.00  ? 88  ILE B C   1 
ATOM 1518 O O   . ILE B 1 87  ? 0.729   3.767   7.496   1.00 3.03  ? 88  ILE B O   1 
ATOM 1519 C CB  . ILE B 1 87  ? 0.525   2.293   4.725   1.00 2.00  ? 88  ILE B CB  1 
ATOM 1520 C CG1 . ILE B 1 87  ? 0.456   0.965   3.937   1.00 2.62  ? 88  ILE B CG1 1 
ATOM 1521 C CG2 . ILE B 1 87  ? 0.705   3.499   3.759   1.00 4.37  ? 88  ILE B CG2 1 
ATOM 1522 C CD1 . ILE B 1 87  ? -0.612  -0.051  4.421   1.00 5.93  ? 88  ILE B CD1 1 
ATOM 1523 N N   . ASP B 1 88  ? 2.552   4.385   6.320   1.00 16.25 ? 89  ASP B N   1 
ATOM 1524 C CA  . ASP B 1 88  ? 2.706   5.732   6.894   1.00 3.54  ? 89  ASP B CA  1 
ATOM 1525 C C   . ASP B 1 88  ? 2.787   6.596   5.618   1.00 2.00  ? 89  ASP B C   1 
ATOM 1526 O O   . ASP B 1 88  ? 3.714   6.383   4.832   1.00 2.00  ? 89  ASP B O   1 
ATOM 1527 C CB  . ASP B 1 88  ? 3.854   5.972   7.842   1.00 2.00  ? 89  ASP B CB  1 
ATOM 1528 C CG  . ASP B 1 88  ? 4.112   4.919   8.893   1.00 12.19 ? 89  ASP B CG  1 
ATOM 1529 O OD1 . ASP B 1 88  ? 3.139   4.240   9.279   1.00 10.49 ? 89  ASP B OD1 1 
ATOM 1530 O OD2 . ASP B 1 88  ? 5.268   4.767   9.331   1.00 31.73 ? 89  ASP B OD2 1 
ATOM 1531 N N   . LEU B 1 89  ? 1.824   7.473   5.478   1.00 2.00  ? 90  LEU B N   1 
ATOM 1532 C CA  . LEU B 1 89  ? 1.738   8.351   4.304   1.00 2.00  ? 90  LEU B CA  1 
ATOM 1533 C C   . LEU B 1 89  ? 1.749   9.832   4.664   1.00 9.65  ? 90  LEU B C   1 
ATOM 1534 O O   . LEU B 1 89  ? 0.740   10.424  5.086   1.00 2.00  ? 90  LEU B O   1 
ATOM 1535 C CB  . LEU B 1 89  ? 0.491   7.882   3.547   1.00 2.00  ? 90  LEU B CB  1 
ATOM 1536 C CG  . LEU B 1 89  ? -0.025  8.747   2.418   1.00 3.90  ? 90  LEU B CG  1 
ATOM 1537 C CD1 . LEU B 1 89  ? 0.828   8.594   1.168   1.00 8.59  ? 90  LEU B CD1 1 
ATOM 1538 C CD2 . LEU B 1 89  ? -1.472  8.345   2.134   1.00 13.73 ? 90  LEU B CD2 1 
ATOM 1539 N N   . THR B 1 90  ? 2.924   10.409  4.467   1.00 11.37 ? 91  THR B N   1 
ATOM 1540 C CA  . THR B 1 90  ? 3.147   11.839  4.739   1.00 2.00  ? 91  THR B CA  1 
ATOM 1541 C C   . THR B 1 90  ? 2.859   12.618  3.454   1.00 10.55 ? 91  THR B C   1 
ATOM 1542 O O   . THR B 1 90  ? 3.453   12.392  2.388   1.00 2.00  ? 91  THR B O   1 
ATOM 1543 C CB  . THR B 1 90  ? 4.567   12.126  5.344   1.00 2.00  ? 91  THR B CB  1 
ATOM 1544 O OG1 . THR B 1 90  ? 4.743   11.177  6.444   1.00 2.00  ? 91  THR B OG1 1 
ATOM 1545 C CG2 . THR B 1 90  ? 4.768   13.566  5.821   1.00 2.00  ? 91  THR B CG2 1 
ATOM 1546 N N   . ILE B 1 91  ? 1.916   13.532  3.597   1.00 3.74  ? 92  ILE B N   1 
ATOM 1547 C CA  . ILE B 1 91  ? 1.471   14.418  2.518   1.00 2.00  ? 92  ILE B CA  1 
ATOM 1548 C C   . ILE B 1 91  ? 1.307   15.817  3.122   1.00 2.00  ? 92  ILE B C   1 
ATOM 1549 O O   . ILE B 1 91  ? 0.707   15.936  4.201   1.00 15.46 ? 92  ILE B O   1 
ATOM 1550 C CB  . ILE B 1 91  ? 0.140   13.927  1.853   1.00 2.22  ? 92  ILE B CB  1 
ATOM 1551 C CG1 . ILE B 1 91  ? 0.049   12.381  1.812   1.00 2.00  ? 92  ILE B CG1 1 
ATOM 1552 C CG2 . ILE B 1 91  ? -0.079  14.538  0.442   1.00 2.00  ? 92  ILE B CG2 1 
ATOM 1553 C CD1 . ILE B 1 91  ? -1.351  11.839  1.419   1.00 2.00  ? 92  ILE B CD1 1 
ATOM 1554 N N   . PRO B 1 92  ? 1.833   16.801  2.417   1.00 8.61  ? 93  PRO B N   1 
ATOM 1555 C CA  . PRO B 1 92  ? 1.739   18.199  2.850   1.00 10.57 ? 93  PRO B CA  1 
ATOM 1556 C C   . PRO B 1 92  ? 0.330   18.731  2.598   1.00 23.98 ? 93  PRO B C   1 
ATOM 1557 O O   . PRO B 1 92  ? -0.522  18.050  1.999   1.00 15.26 ? 93  PRO B O   1 
ATOM 1558 C CB  . PRO B 1 92  ? 2.827   18.902  2.054   1.00 9.20  ? 93  PRO B CB  1 
ATOM 1559 C CG  . PRO B 1 92  ? 3.117   18.043  0.860   1.00 2.00  ? 93  PRO B CG  1 
ATOM 1560 C CD  . PRO B 1 92  ? 2.551   16.670  1.141   1.00 4.88  ? 93  PRO B CD  1 
ATOM 1561 N N   . ILE B 1 93  ? 0.104   19.944  3.071   1.00 29.80 ? 94  ILE B N   1 
ATOM 1562 C CA  . ILE B 1 93  ? -1.179  20.645  2.927   1.00 31.84 ? 94  ILE B CA  1 
ATOM 1563 C C   . ILE B 1 93  ? -1.309  21.070  1.461   1.00 19.42 ? 94  ILE B C   1 
ATOM 1564 O O   . ILE B 1 93  ? -0.359  21.648  0.906   1.00 22.42 ? 94  ILE B O   1 
ATOM 1565 C CB  . ILE B 1 93  ? -1.306  21.860  3.911   1.00 41.34 ? 94  ILE B CB  1 
ATOM 1566 C CG1 . ILE B 1 93  ? -1.378  21.372  5.381   1.00 40.09 ? 94  ILE B CG1 1 
ATOM 1567 C CG2 . ILE B 1 93  ? -2.499  22.800  3.579   1.00 33.91 ? 94  ILE B CG2 1 
ATOM 1568 C CD1 . ILE B 1 93  ? -1.142  22.494  6.433   1.00 32.89 ? 94  ILE B CD1 1 
ATOM 1569 N N   . PHE B 1 94  ? -2.464  20.766  0.902   1.00 8.40  ? 95  PHE B N   1 
ATOM 1570 C CA  . PHE B 1 94  ? -2.759  21.107  -0.504  1.00 8.96  ? 95  PHE B CA  1 
ATOM 1571 C C   . PHE B 1 94  ? -4.078  21.893  -0.510  1.00 12.19 ? 95  PHE B C   1 
ATOM 1572 O O   . PHE B 1 94  ? -4.904  21.769  0.406   1.00 13.05 ? 95  PHE B O   1 
ATOM 1573 C CB  . PHE B 1 94  ? -2.752  19.929  -1.465  1.00 6.61  ? 95  PHE B CB  1 
ATOM 1574 C CG  . PHE B 1 94  ? -3.622  18.755  -1.136  1.00 10.99 ? 95  PHE B CG  1 
ATOM 1575 C CD1 . PHE B 1 94  ? -4.957  18.725  -1.541  1.00 8.91  ? 95  PHE B CD1 1 
ATOM 1576 C CD2 . PHE B 1 94  ? -3.099  17.676  -0.414  1.00 2.00  ? 95  PHE B CD2 1 
ATOM 1577 C CE1 . PHE B 1 94  ? -5.771  17.626  -1.226  1.00 2.00  ? 95  PHE B CE1 1 
ATOM 1578 C CE2 . PHE B 1 94  ? -3.890  16.584  -0.091  1.00 2.00  ? 95  PHE B CE2 1 
ATOM 1579 C CZ  . PHE B 1 94  ? -5.226  16.556  -0.497  1.00 2.00  ? 95  PHE B CZ  1 
ATOM 1580 N N   . ALA B 1 95  ? -4.206  22.687  -1.559  1.00 10.79 ? 96  ALA B N   1 
ATOM 1581 C CA  . ALA B 1 95  ? -5.390  23.530  -1.772  1.00 2.00  ? 96  ALA B CA  1 
ATOM 1582 C C   . ALA B 1 95  ? -6.595  22.633  -2.048  1.00 7.46  ? 96  ALA B C   1 
ATOM 1583 O O   . ALA B 1 95  ? -6.459  21.488  -2.502  1.00 2.36  ? 96  ALA B O   1 
ATOM 1584 C CB  . ALA B 1 95  ? -5.142  24.521  -2.898  1.00 5.74  ? 96  ALA B CB  1 
ATOM 1585 N N   . ALA B 1 96  ? -7.755  23.184  -1.752  1.00 20.70 ? 97  ALA B N   1 
ATOM 1586 C CA  . ALA B 1 96  ? -9.049  22.518  -1.924  1.00 20.37 ? 97  ALA B CA  1 
ATOM 1587 C C   . ALA B 1 96  ? -9.270  22.073  -3.368  1.00 12.40 ? 97  ALA B C   1 
ATOM 1588 O O   . ALA B 1 96  ? -9.753  20.965  -3.643  1.00 13.04 ? 97  ALA B O   1 
ATOM 1589 C CB  . ALA B 1 96  ? -10.158 23.466  -1.469  1.00 10.30 ? 97  ALA B CB  1 
ATOM 1590 N N   . THR B 1 97  ? -8.908  22.953  -4.273  1.00 5.91  ? 98  THR B N   1 
ATOM 1591 C CA  . THR B 1 97  ? -9.037  22.768  -5.718  1.00 23.28 ? 98  THR B CA  1 
ATOM 1592 C C   . THR B 1 97  ? -8.125  21.722  -6.338  1.00 23.43 ? 98  THR B C   1 
ATOM 1593 O O   . THR B 1 97  ? -8.437  21.195  -7.422  1.00 26.55 ? 98  THR B O   1 
ATOM 1594 C CB  . THR B 1 97  ? -8.836  24.174  -6.430  1.00 31.36 ? 98  THR B CB  1 
ATOM 1595 O OG1 . THR B 1 97  ? -7.443  24.553  -6.187  1.00 21.29 ? 98  THR B OG1 1 
ATOM 1596 C CG2 . THR B 1 97  ? -9.817  25.249  -5.949  1.00 18.02 ? 98  THR B CG2 1 
ATOM 1597 N N   . ASP B 1 98  ? -7.024  21.427  -5.683  1.00 14.46 ? 99  ASP B N   1 
ATOM 1598 C CA  . ASP B 1 98  ? -6.020  20.462  -6.123  1.00 20.06 ? 99  ASP B CA  1 
ATOM 1599 C C   . ASP B 1 98  ? -6.463  19.007  -6.284  1.00 28.67 ? 99  ASP B C   1 
ATOM 1600 O O   . ASP B 1 98  ? -7.319  18.485  -5.560  1.00 21.46 ? 99  ASP B O   1 
ATOM 1601 C CB  . ASP B 1 98  ? -4.820  20.514  -5.168  1.00 16.14 ? 99  ASP B CB  1 
ATOM 1602 C CG  . ASP B 1 98  ? -3.647  21.280  -5.738  1.00 20.76 ? 99  ASP B CG  1 
ATOM 1603 O OD1 . ASP B 1 98  ? -3.807  21.803  -6.859  1.00 39.66 ? 99  ASP B OD1 1 
ATOM 1604 O OD2 . ASP B 1 98  ? -2.596  21.359  -5.084  1.00 34.04 ? 99  ASP B OD2 1 
ATOM 1605 N N   . ASP B 1 99  ? -5.808  18.377  -7.252  1.00 27.55 ? 100 ASP B N   1 
ATOM 1606 C CA  . ASP B 1 99  ? -6.030  16.959  -7.597  1.00 24.46 ? 100 ASP B CA  1 
ATOM 1607 C C   . ASP B 1 99  ? -4.794  16.193  -7.111  1.00 17.85 ? 100 ASP B C   1 
ATOM 1608 O O   . ASP B 1 99  ? -3.681  16.424  -7.605  1.00 33.10 ? 100 ASP B O   1 
ATOM 1609 C CB  . ASP B 1 99  ? -6.342  16.757  -9.070  1.00 18.42 ? 100 ASP B CB  1 
ATOM 1610 C CG  . ASP B 1 99  ? -6.998  15.421  -9.369  1.00 13.80 ? 100 ASP B CG  1 
ATOM 1611 O OD1 . ASP B 1 99  ? -7.031  14.512  -8.527  1.00 20.60 ? 100 ASP B OD1 1 
ATOM 1612 O OD2 . ASP B 1 99  ? -7.501  15.273  -10.503 1.00 10.45 ? 100 ASP B OD2 1 
ATOM 1613 N N   . VAL B 1 100 ? -5.039  15.319  -6.156  1.00 22.44 ? 101 VAL B N   1 
ATOM 1614 C CA  . VAL B 1 100 ? -3.965  14.510  -5.533  1.00 14.74 ? 101 VAL B CA  1 
ATOM 1615 C C   . VAL B 1 100 ? -4.242  13.024  -5.625  1.00 7.37  ? 101 VAL B C   1 
ATOM 1616 O O   . VAL B 1 100 ? -3.629  12.194  -4.936  1.00 11.46 ? 101 VAL B O   1 
ATOM 1617 C CB  . VAL B 1 100 ? -3.785  15.164  -4.145  1.00 27.92 ? 101 VAL B CB  1 
ATOM 1618 C CG1 . VAL B 1 100 ? -3.552  14.254  -2.951  1.00 37.14 ? 101 VAL B CG1 1 
ATOM 1619 C CG2 . VAL B 1 100 ? -2.687  16.230  -4.194  1.00 10.32 ? 101 VAL B CG2 1 
ATOM 1620 N N   . THR B 1 101 ? -5.161  12.666  -6.507  1.00 8.43  ? 102 THR B N   1 
ATOM 1621 C CA  . THR B 1 101 ? -5.591  11.293  -6.774  1.00 2.00  ? 102 THR B CA  1 
ATOM 1622 C C   . THR B 1 101 ? -4.470  10.405  -7.310  1.00 11.81 ? 102 THR B C   1 
ATOM 1623 O O   . THR B 1 101 ? -4.623  9.177   -7.444  1.00 18.66 ? 102 THR B O   1 
ATOM 1624 C CB  . THR B 1 101 ? -6.856  11.257  -7.719  1.00 6.95  ? 102 THR B CB  1 
ATOM 1625 O OG1 . THR B 1 101 ? -6.493  11.966  -8.945  1.00 6.76  ? 102 THR B OG1 1 
ATOM 1626 C CG2 . THR B 1 101 ? -8.114  11.855  -7.081  1.00 11.45 ? 102 THR B CG2 1 
ATOM 1627 N N   . VAL B 1 102 ? -3.345  11.019  -7.609  1.00 2.00  ? 103 VAL B N   1 
ATOM 1628 C CA  . VAL B 1 102 ? -2.131  10.391  -8.122  1.00 2.00  ? 103 VAL B CA  1 
ATOM 1629 C C   . VAL B 1 102 ? -1.473  9.520   -7.049  1.00 4.23  ? 103 VAL B C   1 
ATOM 1630 O O   . VAL B 1 102 ? -0.712  8.586   -7.356  1.00 7.17  ? 103 VAL B O   1 
ATOM 1631 C CB  . VAL B 1 102 ? -1.174  11.484  -8.640  1.00 2.00  ? 103 VAL B CB  1 
ATOM 1632 C CG1 . VAL B 1 102 ? -0.867  12.543  -7.585  1.00 3.29  ? 103 VAL B CG1 1 
ATOM 1633 C CG2 . VAL B 1 102 ? 0.118   10.921  -9.208  1.00 2.00  ? 103 VAL B CG2 1 
ATOM 1634 N N   . ILE B 1 103 ? -1.779  9.870   -5.810  1.00 7.00  ? 104 ILE B N   1 
ATOM 1635 C CA  . ILE B 1 103 ? -1.252  9.150   -4.640  1.00 9.88  ? 104 ILE B CA  1 
ATOM 1636 C C   . ILE B 1 103 ? -1.834  7.735   -4.661  1.00 8.41  ? 104 ILE B C   1 
ATOM 1637 O O   . ILE B 1 103 ? -1.077  6.756   -4.586  1.00 2.00  ? 104 ILE B O   1 
ATOM 1638 C CB  . ILE B 1 103 ? -1.485  9.960   -3.319  1.00 2.25  ? 104 ILE B CB  1 
ATOM 1639 C CG1 . ILE B 1 103 ? -0.628  11.255  -3.401  1.00 2.00  ? 104 ILE B CG1 1 
ATOM 1640 C CG2 . ILE B 1 103 ? -1.225  9.141   -2.028  1.00 2.00  ? 104 ILE B CG2 1 
ATOM 1641 C CD1 . ILE B 1 103 ? -0.872  12.274  -2.255  1.00 2.00  ? 104 ILE B CD1 1 
ATOM 1642 N N   . SER B 1 104 ? -3.147  7.679   -4.785  1.00 2.00  ? 105 SER B N   1 
ATOM 1643 C CA  . SER B 1 104 ? -3.889  6.414   -4.826  1.00 2.00  ? 105 SER B CA  1 
ATOM 1644 C C   . SER B 1 104 ? -3.475  5.585   -6.035  1.00 2.00  ? 105 SER B C   1 
ATOM 1645 O O   . SER B 1 104 ? -3.093  4.416   -5.891  1.00 6.68  ? 105 SER B O   1 
ATOM 1646 C CB  . SER B 1 104 ? -5.391  6.658   -4.794  1.00 15.06 ? 105 SER B CB  1 
ATOM 1647 O OG  . SER B 1 104 ? -5.791  7.023   -3.481  1.00 34.11 ? 105 SER B OG  1 
ATOM 1648 N N   . LYS B 1 105 ? -3.554  6.194   -7.198  1.00 2.00  ? 106 LYS B N   1 
ATOM 1649 C CA  . LYS B 1 105 ? -3.186  5.589   -8.480  1.00 2.00  ? 106 LYS B CA  1 
ATOM 1650 C C   . LYS B 1 105 ? -1.814  4.911   -8.408  1.00 2.00  ? 106 LYS B C   1 
ATOM 1651 O O   . LYS B 1 105 ? -1.544  3.891   -9.055  1.00 2.00  ? 106 LYS B O   1 
ATOM 1652 C CB  . LYS B 1 105 ? -3.132  6.661   -9.568  1.00 5.38  ? 106 LYS B CB  1 
ATOM 1653 C CG  . LYS B 1 105 ? -4.462  7.208   -10.062 1.00 5.76  ? 106 LYS B CG  1 
ATOM 1654 C CD  . LYS B 1 105 ? -4.829  6.705   -11.445 1.00 27.21 ? 106 LYS B CD  1 
ATOM 1655 C CE  . LYS B 1 105 ? -5.227  5.244   -11.499 1.00 32.22 ? 106 LYS B CE  1 
ATOM 1656 N NZ  . LYS B 1 105 ? -5.657  4.876   -12.874 1.00 16.93 ? 106 LYS B NZ  1 
ATOM 1657 N N   . SER B 1 106 ? -0.947  5.519   -7.619  1.00 2.00  ? 107 SER B N   1 
ATOM 1658 C CA  . SER B 1 106 ? 0.425   5.070   -7.383  1.00 9.90  ? 107 SER B CA  1 
ATOM 1659 C C   . SER B 1 106 ? 0.466   3.882   -6.417  1.00 2.00  ? 107 SER B C   1 
ATOM 1660 O O   . SER B 1 106 ? 1.218   2.918   -6.612  1.00 3.11  ? 107 SER B O   1 
ATOM 1661 C CB  . SER B 1 106 ? 1.298   6.197   -6.846  1.00 2.00  ? 107 SER B CB  1 
ATOM 1662 O OG  . SER B 1 106 ? 1.810   6.977   -7.907  1.00 4.28  ? 107 SER B OG  1 
ATOM 1663 N N   . LEU B 1 107 ? -0.339  4.003   -5.383  1.00 2.00  ? 108 LEU B N   1 
ATOM 1664 C CA  . LEU B 1 107 ? -0.455  2.988   -4.332  1.00 2.00  ? 108 LEU B CA  1 
ATOM 1665 C C   . LEU B 1 107 ? -0.926  1.680   -4.957  1.00 7.24  ? 108 LEU B C   1 
ATOM 1666 O O   . LEU B 1 107 ? -0.371  0.603   -4.683  1.00 20.81 ? 108 LEU B O   1 
ATOM 1667 C CB  . LEU B 1 107 ? -1.320  3.595   -3.232  1.00 2.00  ? 108 LEU B CB  1 
ATOM 1668 C CG  . LEU B 1 107 ? -0.621  4.571   -2.299  1.00 2.00  ? 108 LEU B CG  1 
ATOM 1669 C CD1 . LEU B 1 107 ? -1.637  5.333   -1.452  1.00 3.61  ? 108 LEU B CD1 1 
ATOM 1670 C CD2 . LEU B 1 107 ? 0.331   3.793   -1.389  1.00 9.67  ? 108 LEU B CD2 1 
ATOM 1671 N N   . THR B 1 108 ? -1.928  1.810   -5.800  1.00 10.84 ? 109 THR B N   1 
ATOM 1672 C CA  . THR B 1 108 ? -2.529  0.671   -6.509  1.00 13.44 ? 109 THR B CA  1 
ATOM 1673 C C   . THR B 1 108 ? -1.543  0.110   -7.528  1.00 2.00  ? 109 THR B C   1 
ATOM 1674 O O   . THR B 1 108 ? -1.425  -1.123  -7.665  1.00 2.00  ? 109 THR B O   1 
ATOM 1675 C CB  . THR B 1 108 ? -3.958  1.071   -7.045  1.00 21.87 ? 109 THR B CB  1 
ATOM 1676 O OG1 . THR B 1 108 ? -4.875  -0.001  -6.636  1.00 30.04 ? 109 THR B OG1 1 
ATOM 1677 C CG2 . THR B 1 108 ? -4.062  1.321   -8.551  1.00 36.36 ? 109 THR B CG2 1 
ATOM 1678 N N   . GLY B 1 109 ? -0.847  0.994   -8.212  1.00 2.00  ? 110 GLY B N   1 
ATOM 1679 C CA  . GLY B 1 109 ? 0.141   0.623   -9.241  1.00 2.00  ? 110 GLY B CA  1 
ATOM 1680 C C   . GLY B 1 109 ? 1.136   -0.387  -8.677  1.00 2.00  ? 110 GLY B C   1 
ATOM 1681 O O   . GLY B 1 109 ? 1.405   -1.472  -9.195  1.00 11.24 ? 110 GLY B O   1 
ATOM 1682 N N   . LEU B 1 110 ? 1.698   -0.002  -7.558  1.00 3.92  ? 111 LEU B N   1 
ATOM 1683 C CA  . LEU B 1 110 ? 2.672   -0.704  -6.744  1.00 2.00  ? 111 LEU B CA  1 
ATOM 1684 C C   . LEU B 1 110 ? 2.238   -2.124  -6.405  1.00 2.00  ? 111 LEU B C   1 
ATOM 1685 O O   . LEU B 1 110 ? 3.100   -3.019  -6.377  1.00 24.13 ? 111 LEU B O   1 
ATOM 1686 C CB  . LEU B 1 110 ? 2.862   0.150   -5.473  1.00 2.00  ? 111 LEU B CB  1 
ATOM 1687 C CG  . LEU B 1 110 ? 4.116   -0.024  -4.641  1.00 2.00  ? 111 LEU B CG  1 
ATOM 1688 C CD1 . LEU B 1 110 ? 5.364   0.400   -5.411  1.00 2.00  ? 111 LEU B CD1 1 
ATOM 1689 C CD2 . LEU B 1 110 ? 3.992   0.843   -3.384  1.00 2.00  ? 111 LEU B CD2 1 
ATOM 1690 N N   . PHE B 1 111 ? 0.950   -2.274  -6.149  1.00 3.62  ? 112 PHE B N   1 
ATOM 1691 C CA  . PHE B 1 111 ? 0.398   -3.589  -5.768  1.00 17.72 ? 112 PHE B CA  1 
ATOM 1692 C C   . PHE B 1 111 ? -0.527  -4.217  -6.802  1.00 27.82 ? 112 PHE B C   1 
ATOM 1693 O O   . PHE B 1 111 ? -1.203  -5.217  -6.486  1.00 14.27 ? 112 PHE B O   1 
ATOM 1694 C CB  . PHE B 1 111 ? -0.203  -3.479  -4.366  1.00 4.08  ? 112 PHE B CB  1 
ATOM 1695 C CG  . PHE B 1 111 ? 0.721   -2.949  -3.308  1.00 2.00  ? 112 PHE B CG  1 
ATOM 1696 C CD1 . PHE B 1 111 ? 1.748   -3.749  -2.807  1.00 2.00  ? 112 PHE B CD1 1 
ATOM 1697 C CD2 . PHE B 1 111 ? 0.562   -1.660  -2.806  1.00 3.31  ? 112 PHE B CD2 1 
ATOM 1698 C CE1 . PHE B 1 111 ? 2.610   -3.285  -1.825  1.00 2.00  ? 112 PHE B CE1 1 
ATOM 1699 C CE2 . PHE B 1 111 ? 1.420   -1.161  -1.819  1.00 7.86  ? 112 PHE B CE2 1 
ATOM 1700 C CZ  . PHE B 1 111 ? 2.450   -1.988  -1.331  1.00 3.36  ? 112 PHE B CZ  1 
ATOM 1701 N N   . LYS B 1 112 ? -0.534  -3.656  -7.998  1.00 31.44 ? 113 LYS B N   1 
ATOM 1702 C CA  . LYS B 1 112 ? -1.359  -4.161  -9.106  1.00 10.32 ? 113 LYS B CA  1 
ATOM 1703 C C   . LYS B 1 112 ? -0.791  -5.528  -9.502  1.00 19.06 ? 113 LYS B C   1 
ATOM 1704 O O   . LYS B 1 112 ? 0.433   -5.637  -9.678  1.00 28.71 ? 113 LYS B O   1 
ATOM 1705 C CB  . LYS B 1 112 ? -1.371  -3.245  -10.315 1.00 7.32  ? 113 LYS B CB  1 
ATOM 1706 C CG  . LYS B 1 112 ? -2.366  -3.680  -11.401 1.00 15.22 ? 113 LYS B CG  1 
ATOM 1707 C CD  . LYS B 1 112 ? -1.686  -3.810  -12.751 1.00 12.98 ? 113 LYS B CD  1 
ATOM 1708 C CE  . LYS B 1 112 ? -2.560  -4.434  -13.814 1.00 21.25 ? 113 LYS B CE  1 
ATOM 1709 N NZ  . LYS B 1 112 ? -3.088  -3.420  -14.760 1.00 13.83 ? 113 LYS B NZ  1 
ATOM 1710 N N   . VAL B 1 113 ? -1.673  -6.505  -9.615  1.00 12.59 ? 114 VAL B N   1 
ATOM 1711 C CA  . VAL B 1 113 ? -1.280  -7.878  -9.976  1.00 2.00  ? 114 VAL B CA  1 
ATOM 1712 C C   . VAL B 1 113 ? -0.717  -7.873  -11.397 1.00 2.00  ? 114 VAL B C   1 
ATOM 1713 O O   . VAL B 1 113 ? -1.279  -7.273  -12.319 1.00 2.00  ? 114 VAL B O   1 
ATOM 1714 C CB  . VAL B 1 113 ? -2.419  -8.879  -9.717  1.00 10.64 ? 114 VAL B CB  1 
ATOM 1715 C CG1 . VAL B 1 113 ? -2.284  -10.191 -10.482 1.00 2.00  ? 114 VAL B CG1 1 
ATOM 1716 C CG2 . VAL B 1 113 ? -2.596  -9.186  -8.233  1.00 2.00  ? 114 VAL B CG2 1 
ATOM 1717 N N   . GLY B 1 114 ? 0.404   -8.561  -11.515 1.00 7.96  ? 115 GLY B N   1 
ATOM 1718 C CA  . GLY B 1 114 ? 1.149   -8.696  -12.772 1.00 2.00  ? 115 GLY B CA  1 
ATOM 1719 C C   . GLY B 1 114 ? 2.356   -7.751  -12.741 1.00 12.26 ? 115 GLY B C   1 
ATOM 1720 O O   . GLY B 1 114 ? 3.091   -7.667  -13.742 1.00 12.80 ? 115 GLY B O   1 
ATOM 1721 N N   . ASN B 1 115 ? 2.516   -7.086  -11.607 1.00 2.00  ? 116 ASN B N   1 
ATOM 1722 C CA  . ASN B 1 115 ? 3.617   -6.123  -11.424 1.00 2.00  ? 116 ASN B CA  1 
ATOM 1723 C C   . ASN B 1 115 ? 4.704   -6.744  -10.546 1.00 9.66  ? 116 ASN B C   1 
ATOM 1724 O O   . ASN B 1 115 ? 4.431   -7.656  -9.752  1.00 11.31 ? 116 ASN B O   1 
ATOM 1725 C CB  . ASN B 1 115 ? 3.065   -4.770  -10.999 1.00 15.76 ? 116 ASN B CB  1 
ATOM 1726 C CG  . ASN B 1 115 ? 2.652   -3.890  -12.167 1.00 9.48  ? 116 ASN B CG  1 
ATOM 1727 O OD1 . ASN B 1 115 ? 2.280   -4.386  -13.241 1.00 3.48  ? 116 ASN B OD1 1 
ATOM 1728 N ND2 . ASN B 1 115 ? 2.707   -2.571  -11.976 1.00 2.00  ? 116 ASN B ND2 1 
ATOM 1729 N N   . PRO B 1 116 ? 5.918   -6.239  -10.729 1.00 4.92  ? 117 PRO B N   1 
ATOM 1730 C CA  . PRO B 1 116 ? 7.097   -6.717  -10.014 1.00 2.00  ? 117 PRO B CA  1 
ATOM 1731 C C   . PRO B 1 116 ? 6.924   -7.080  -8.552  1.00 4.75  ? 117 PRO B C   1 
ATOM 1732 O O   . PRO B 1 116 ? 7.466   -8.103  -8.102  1.00 16.81 ? 117 PRO B O   1 
ATOM 1733 C CB  . PRO B 1 116 ? 8.111   -5.583  -10.220 1.00 2.00  ? 117 PRO B CB  1 
ATOM 1734 C CG  . PRO B 1 116 ? 7.783   -5.052  -11.584 1.00 2.00  ? 117 PRO B CG  1 
ATOM 1735 C CD  . PRO B 1 116 ? 6.272   -5.165  -11.682 1.00 2.00  ? 117 PRO B CD  1 
ATOM 1736 N N   . ILE B 1 117 ? 6.205   -6.266  -7.817  1.00 7.60  ? 118 ILE B N   1 
ATOM 1737 C CA  . ILE B 1 117 ? 5.946   -6.427  -6.385  1.00 14.62 ? 118 ILE B CA  1 
ATOM 1738 C C   . ILE B 1 117 ? 4.919   -7.494  -6.032  1.00 15.26 ? 118 ILE B C   1 
ATOM 1739 O O   . ILE B 1 117 ? 5.151   -8.273  -5.084  1.00 2.78  ? 118 ILE B O   1 
ATOM 1740 C CB  . ILE B 1 117 ? 5.585   -5.009  -5.798  1.00 14.68 ? 118 ILE B CB  1 
ATOM 1741 C CG1 . ILE B 1 117 ? 6.882   -4.155  -5.843  1.00 8.15  ? 118 ILE B CG1 1 
ATOM 1742 C CG2 . ILE B 1 117 ? 4.936   -5.038  -4.397  1.00 2.00  ? 118 ILE B CG2 1 
ATOM 1743 C CD1 . ILE B 1 117 ? 6.637   -2.707  -6.351  1.00 13.87 ? 118 ILE B CD1 1 
ATOM 1744 N N   . ALA B 1 118 ? 3.824   -7.494  -6.777  1.00 8.60  ? 119 ALA B N   1 
ATOM 1745 C CA  . ALA B 1 118 ? 2.745   -8.475  -6.544  1.00 2.00  ? 119 ALA B CA  1 
ATOM 1746 C C   . ALA B 1 118 ? 3.340   -9.853  -6.841  1.00 4.23  ? 119 ALA B C   1 
ATOM 1747 O O   . ALA B 1 118 ? 3.031   -10.869 -6.208  1.00 10.10 ? 119 ALA B O   1 
ATOM 1748 C CB  . ALA B 1 118 ? 1.518   -8.172  -7.384  1.00 2.00  ? 119 ALA B CB  1 
ATOM 1749 N N   . GLU B 1 119 ? 4.214   -9.824  -7.834  1.00 13.57 ? 120 GLU B N   1 
ATOM 1750 C CA  . GLU B 1 119 ? 4.927   -11.000 -8.332  1.00 2.00  ? 120 GLU B CA  1 
ATOM 1751 C C   . GLU B 1 119 ? 5.971   -11.487 -7.339  1.00 2.00  ? 120 GLU B C   1 
ATOM 1752 O O   . GLU B 1 119 ? 6.194   -12.709 -7.296  1.00 11.20 ? 120 GLU B O   1 
ATOM 1753 C CB  . GLU B 1 119 ? 5.617   -10.728 -9.662  1.00 2.00  ? 120 GLU B CB  1 
ATOM 1754 C CG  . GLU B 1 119 ? 5.869   -11.913 -10.587 1.00 15.74 ? 120 GLU B CG  1 
ATOM 1755 C CD  . GLU B 1 119 ? 6.729   -11.614 -11.779 1.00 24.22 ? 120 GLU B CD  1 
ATOM 1756 O OE1 . GLU B 1 119 ? 6.279   -10.660 -12.450 1.00 39.82 ? 120 GLU B OE1 1 
ATOM 1757 O OE2 . GLU B 1 119 ? 7.743   -12.232 -12.048 1.00 35.27 ? 120 GLU B OE2 1 
ATOM 1758 N N   . ALA B 1 120 ? 6.547   -10.572 -6.585  1.00 2.00  ? 121 ALA B N   1 
ATOM 1759 C CA  . ALA B 1 120 ? 7.568   -10.897 -5.588  1.00 2.00  ? 121 ALA B CA  1 
ATOM 1760 C C   . ALA B 1 120 ? 7.036   -11.496 -4.286  1.00 2.00  ? 121 ALA B C   1 
ATOM 1761 O O   . ALA B 1 120 ? 7.739   -12.343 -3.704  1.00 2.00  ? 121 ALA B O   1 
ATOM 1762 C CB  . ALA B 1 120 ? 8.387   -9.657  -5.236  1.00 6.82  ? 121 ALA B CB  1 
ATOM 1763 N N   . ILE B 1 121 ? 5.871   -11.041 -3.857  1.00 5.18  ? 122 ILE B N   1 
ATOM 1764 C CA  . ILE B 1 121 ? 5.266   -11.538 -2.609  1.00 15.92 ? 122 ILE B CA  1 
ATOM 1765 C C   . ILE B 1 121 ? 4.592   -12.895 -2.817  1.00 17.30 ? 122 ILE B C   1 
ATOM 1766 O O   . ILE B 1 121 ? 4.156   -13.537 -1.845  1.00 23.17 ? 122 ILE B O   1 
ATOM 1767 C CB  . ILE B 1 121 ? 4.362   -10.465 -1.910  1.00 5.97  ? 122 ILE B CB  1 
ATOM 1768 C CG1 . ILE B 1 121 ? 2.913   -10.451 -2.438  1.00 2.00  ? 122 ILE B CG1 1 
ATOM 1769 C CG2 . ILE B 1 121 ? 4.957   -9.028  -1.991  1.00 23.31 ? 122 ILE B CG2 1 
ATOM 1770 C CD1 . ILE B 1 121 ? 1.896   -11.277 -1.604  1.00 8.20  ? 122 ILE B CD1 1 
ATOM 1771 N N   . SER B 1 122 ? 4.527   -13.310 -4.067  1.00 15.06 ? 123 SER B N   1 
ATOM 1772 C CA  . SER B 1 122 ? 3.916   -14.593 -4.447  1.00 14.88 ? 123 SER B CA  1 
ATOM 1773 C C   . SER B 1 122 ? 4.951   -15.708 -4.360  1.00 7.53  ? 123 SER B C   1 
ATOM 1774 O O   . SER B 1 122 ? 4.802   -16.638 -3.551  1.00 26.48 ? 123 SER B O   1 
ATOM 1775 C CB  . SER B 1 122 ? 3.238   -14.492 -5.799  1.00 7.49  ? 123 SER B CB  1 
ATOM 1776 O OG  . SER B 1 122 ? 2.149   -13.582 -5.694  1.00 29.24 ? 123 SER B OG  1 
ATOM 1777 N N   . SER B 1 123 ? 5.980   -15.588 -5.167  1.00 2.00  ? 124 SER B N   1 
ATOM 1778 C CA  . SER B 1 123 ? 7.083   -16.548 -5.231  1.00 2.00  ? 124 SER B CA  1 
ATOM 1779 C C   . SER B 1 123 ? 7.934   -16.599 -3.965  1.00 4.45  ? 124 SER B C   1 
ATOM 1780 O O   . SER B 1 123 ? 8.874   -17.417 -3.914  1.00 4.16  ? 124 SER B O   1 
ATOM 1781 C CB  . SER B 1 123 ? 7.960   -16.249 -6.441  1.00 2.00  ? 124 SER B CB  1 
ATOM 1782 O OG  . SER B 1 123 ? 7.764   -14.917 -6.870  1.00 5.55  ? 124 SER B OG  1 
ATOM 1783 N N   . GLN B 1 124 ? 7.599   -15.764 -2.995  1.00 6.85  ? 125 GLN B N   1 
ATOM 1784 C CA  . GLN B 1 124 ? 8.368   -15.739 -1.724  1.00 6.55  ? 125 GLN B CA  1 
ATOM 1785 C C   . GLN B 1 124 ? 9.804   -15.381 -2.127  1.00 7.56  ? 125 GLN B C   1 
ATOM 1786 O O   . GLN B 1 124 ? 10.799  -15.947 -1.655  1.00 8.96  ? 125 GLN B O   1 
ATOM 1787 C CB  . GLN B 1 124 ? 8.235   -17.070 -1.022  1.00 2.00  ? 125 GLN B CB  1 
ATOM 1788 C CG  . GLN B 1 124 ? 8.956   -17.338 0.277   1.00 6.37  ? 125 GLN B CG  1 
ATOM 1789 C CD  . GLN B 1 124 ? 8.284   -18.465 1.032   1.00 16.50 ? 125 GLN B CD  1 
ATOM 1790 O OE1 . GLN B 1 124 ? 7.820   -19.456 0.468   1.00 22.82 ? 125 GLN B OE1 1 
ATOM 1791 N NE2 . GLN B 1 124 ? 8.219   -18.297 2.349   1.00 18.43 ? 125 GLN B NE2 1 
ATOM 1792 N N   . SER B 1 125 ? 9.853   -14.417 -3.036  1.00 2.00  ? 126 SER B N   1 
ATOM 1793 C CA  . SER B 1 125 ? 11.096  -13.911 -3.610  1.00 2.00  ? 126 SER B CA  1 
ATOM 1794 C C   . SER B 1 125 ? 11.344  -12.419 -3.407  1.00 4.53  ? 126 SER B C   1 
ATOM 1795 O O   . SER B 1 125 ? 10.508  -11.617 -2.975  1.00 19.13 ? 126 SER B O   1 
ATOM 1796 C CB  . SER B 1 125 ? 11.139  -14.199 -5.116  1.00 2.00  ? 126 SER B CB  1 
ATOM 1797 O OG  . SER B 1 125 ? 12.478  -14.503 -5.471  1.00 12.94 ? 126 SER B OG  1 
ATOM 1798 N N   . GLY B 1 126 ? 12.572  -12.084 -3.764  1.00 2.00  ? 127 GLY B N   1 
ATOM 1799 C CA  . GLY B 1 126 ? 13.109  -10.723 -3.693  1.00 4.77  ? 127 GLY B CA  1 
ATOM 1800 C C   . GLY B 1 126 ? 13.222  -10.187 -5.124  1.00 2.00  ? 127 GLY B C   1 
ATOM 1801 O O   . GLY B 1 126 ? 12.667  -10.730 -6.085  1.00 2.00  ? 127 GLY B O   1 
ATOM 1802 N N   . PHE B 1 127 ? 13.975  -9.109  -5.193  1.00 8.18  ? 128 PHE B N   1 
ATOM 1803 C CA  . PHE B 1 127 ? 14.213  -8.382  -6.462  1.00 7.71  ? 128 PHE B CA  1 
ATOM 1804 C C   . PHE B 1 127 ? 15.574  -8.833  -6.963  1.00 2.00  ? 128 PHE B C   1 
ATOM 1805 O O   . PHE B 1 127 ? 16.627  -8.532  -6.403  1.00 2.00  ? 128 PHE B O   1 
ATOM 1806 C CB  . PHE B 1 127 ? 13.912  -6.894  -6.249  1.00 2.00  ? 128 PHE B CB  1 
ATOM 1807 C CG  . PHE B 1 127 ? 12.538  -6.768  -5.630  1.00 2.00  ? 128 PHE B CG  1 
ATOM 1808 C CD1 . PHE B 1 127 ? 11.407  -6.724  -6.438  1.00 2.00  ? 128 PHE B CD1 1 
ATOM 1809 C CD2 . PHE B 1 127 ? 12.392  -6.748  -4.243  1.00 2.00  ? 128 PHE B CD2 1 
ATOM 1810 C CE1 . PHE B 1 127 ? 10.132  -6.637  -5.871  1.00 5.95  ? 128 PHE B CE1 1 
ATOM 1811 C CE2 . PHE B 1 127 ? 11.140  -6.655  -3.663  1.00 2.00  ? 128 PHE B CE2 1 
ATOM 1812 C CZ  . PHE B 1 127 ? 10.006  -6.603  -4.468  1.00 2.00  ? 128 PHE B CZ  1 
ATOM 1813 N N   . TYR B 1 128 ? 15.492  -9.615  -8.023  1.00 11.33 ? 129 TYR B N   1 
ATOM 1814 C CA  . TYR B 1 128 ? 16.635  -10.206 -8.726  1.00 24.56 ? 129 TYR B CA  1 
ATOM 1815 C C   . TYR B 1 128 ? 16.367  -9.988  -10.218 1.00 34.23 ? 129 TYR B C   1 
ATOM 1816 O O   . TYR B 1 128 ? 15.231  -9.670  -10.610 1.00 15.04 ? 129 TYR B O   1 
ATOM 1817 C CB  . TYR B 1 128 ? 16.872  -11.671 -8.331  1.00 28.30 ? 129 TYR B CB  1 
ATOM 1818 C CG  . TYR B 1 128 ? 15.736  -12.593 -8.712  1.00 49.68 ? 129 TYR B CG  1 
ATOM 1819 C CD1 . TYR B 1 128 ? 14.605  -12.694 -7.903  1.00 53.59 ? 129 TYR B CD1 1 
ATOM 1820 C CD2 . TYR B 1 128 ? 15.780  -13.357 -9.882  1.00 48.23 ? 129 TYR B CD2 1 
ATOM 1821 C CE1 . TYR B 1 128 ? 13.547  -13.532 -8.244  1.00 53.36 ? 129 TYR B CE1 1 
ATOM 1822 C CE2 . TYR B 1 128 ? 14.727  -14.197 -10.237 1.00 48.51 ? 129 TYR B CE2 1 
ATOM 1823 C CZ  . TYR B 1 128 ? 13.610  -14.278 -9.411  1.00 49.18 ? 129 TYR B CZ  1 
ATOM 1824 O OH  . TYR B 1 128 ? 12.549  -15.087 -9.705  1.00 65.71 ? 129 TYR B OH  1 
ATOM 1825 N N   . ALA B 1 129 ? 17.414  -10.148 -11.001 1.00 47.25 ? 130 ALA B N   1 
ATOM 1826 C CA  . ALA B 1 129 ? 17.383  -9.973  -12.455 1.00 50.01 ? 130 ALA B CA  1 
ATOM 1827 C C   . ALA B 1 129 ? 16.915  -11.230 -13.181 1.00 68.46 ? 130 ALA B C   1 
ATOM 1828 O O   . ALA B 1 129 ? 16.729  -11.102 -14.415 1.00 81.06 ? 130 ALA B O   1 
ATOM 1829 C CB  . ALA B 1 129 ? 18.760  -9.540  -12.945 1.00 67.30 ? 130 ALA B CB  1 
ATOM 1830 O OXT . ALA B 1 129 ? 16.748  -12.270 -12.529 1.00 75.78 ? 130 ALA B OXT 1 
# 
